data_9ISM
#
_entry.id   9ISM
#
_cell.length_a   1.00
_cell.length_b   1.00
_cell.length_c   1.00
_cell.angle_alpha   90.00
_cell.angle_beta   90.00
_cell.angle_gamma   90.00
#
_symmetry.space_group_name_H-M   'P 1'
#
loop_
_entity.id
_entity.type
_entity.pdbx_description
1 polymer 'Methanol dehydrogenase, alpha subunit'
2 polymer 'Methanol oxidation protein MxaJ'
#
loop_
_entity_poly.entity_id
_entity_poly.type
_entity_poly.pdbx_seq_one_letter_code
_entity_poly.pdbx_strand_id
1 'polypeptide(L)'
;MSRFVTSVSALAMLALAPAALSSGAYANDKLVELSKSDDNWVMPGKNYDSNNFSDLKQINKGNVKQLRPAWTFSTGLLNG
HEGAPLVVDGKMYIHTSFPNNTFALGLDDPGTILWQDKPKQNPAARAVACCDLVNRGLAYWPGDGKTPALILKTQLDGNV
AALNAETGETVWKVENSDIKVGSTLTIAPYVVKDKVIIGSSGAELGVRGYLTAYDVKTGEQVWRAYATGPDKDLLLASDF
NIKNPHYGQKGLGTGTWEGDAWKIGGGTNWGWYAYDPGTNLIYFGTGNPAPWNETMRPGDNKWTMTIFGRDADTGEAKFG
YQKTPHDEWDYAGVNVMMLSEQKDKDGKARKLLTHPDRNGIVYTLDRTDGALVSANKLDDTVNVFKSVDLKTGQPVRDPE
YGTRMDHLAKDICPSAMGYHNQGHDSYDPKRELFFMGINHICMDWEPFMLPYRAGQFFVGATLNMYPGPKGDRQNYEGLG
QIKAYNAITGDYKWEKMERFAVWGGTMATAGDLVFYGTLDGYLKARDSDTGDLLWKFKIPSGAIGYPMTYTHKGTQYVAI
YYGVGGWPGVGLVFDLADPTAGLGAVGAFKKLANYTQMGGGVVVFSLDGKGPYDDPNVGEWKSAAKHHHHHH
;
A,C
2 'polypeptide(L)'
;MSLVNGRRRTAASVVALTAALTALAALCAPAQAQDTKATSKAAEAAKPDAGTLRVCAAEQPPLSMKDGSGLENRIATTVA
EAMGRKAQFVWLGKPAIYLVRDGLEKKTCDVVIGLDADDPRVLTSKPYYRSGYVFLTRADKDLDIKSWSDPRLKEVSHMV
VGFGTPGEAMLKDIGRYEEDMAYLYSLVNFRAPRNQYTQIDPARMVSEVATGKAEVGVAFGPDVARYVRDSSTKLRMTPV
PDDTQASDGRKMPQSFDQAMGVRKDDTALKAEIDAALEKAKPKIEAILKEEGVPVLPVSN
;
B,D
#
# COMPACT_ATOMS: atom_id res chain seq x y z
N ASN A 28 -38.58 10.14 6.42
CA ASN A 28 -39.64 11.14 6.43
C ASN A 28 -40.70 10.87 5.36
N ASP A 29 -41.44 11.92 4.98
CA ASP A 29 -42.53 11.76 4.03
C ASP A 29 -42.11 11.98 2.57
N LYS A 30 -41.12 12.84 2.33
CA LYS A 30 -40.65 13.03 0.96
C LYS A 30 -39.92 11.79 0.45
N LEU A 31 -39.24 11.07 1.35
CA LEU A 31 -38.47 9.90 0.94
C LEU A 31 -39.37 8.80 0.41
N VAL A 32 -40.58 8.66 0.94
CA VAL A 32 -41.50 7.64 0.44
C VAL A 32 -41.91 7.95 -1.00
N GLU A 33 -42.26 9.21 -1.27
CA GLU A 33 -42.63 9.60 -2.63
C GLU A 33 -41.45 9.44 -3.58
N LEU A 34 -40.24 9.78 -3.12
CA LEU A 34 -39.06 9.55 -3.96
C LEU A 34 -38.83 8.05 -4.20
N SER A 35 -39.18 7.21 -3.22
CA SER A 35 -39.01 5.78 -3.37
C SER A 35 -39.99 5.19 -4.37
N LYS A 36 -41.21 5.74 -4.45
CA LYS A 36 -42.16 5.23 -5.43
C LYS A 36 -41.66 5.42 -6.86
N SER A 37 -40.85 6.44 -7.12
CA SER A 37 -40.32 6.65 -8.46
C SER A 37 -39.27 5.61 -8.80
N ASP A 38 -39.19 5.25 -10.08
CA ASP A 38 -38.28 4.22 -10.54
C ASP A 38 -36.93 4.76 -10.98
N ASP A 39 -36.73 6.06 -10.91
CA ASP A 39 -35.47 6.69 -11.31
C ASP A 39 -34.51 6.89 -10.15
N ASN A 40 -34.86 6.41 -8.95
CA ASN A 40 -34.10 6.72 -7.75
C ASN A 40 -33.80 5.45 -6.97
N TRP A 41 -32.71 5.51 -6.20
CA TRP A 41 -32.34 4.50 -5.20
C TRP A 41 -31.80 5.30 -4.02
N VAL A 42 -32.68 5.62 -3.08
CA VAL A 42 -32.41 6.66 -2.08
C VAL A 42 -31.69 6.10 -0.87
N MET A 43 -32.04 4.91 -0.41
CA MET A 43 -31.56 4.37 0.86
C MET A 43 -31.24 2.90 0.72
N PRO A 44 -30.41 2.36 1.62
CA PRO A 44 -30.14 0.92 1.59
C PRO A 44 -31.42 0.10 1.73
N GLY A 45 -31.62 -0.82 0.80
CA GLY A 45 -32.86 -1.57 0.71
C GLY A 45 -33.93 -0.94 -0.14
N LYS A 46 -33.72 0.31 -0.58
CA LYS A 46 -34.56 1.02 -1.54
C LYS A 46 -35.89 1.47 -0.93
N ASN A 47 -36.21 0.94 0.26
CA ASN A 47 -37.49 1.18 0.91
C ASN A 47 -37.28 1.24 2.40
N TYR A 48 -38.32 1.69 3.11
CA TYR A 48 -38.42 1.48 4.55
C TYR A 48 -38.77 0.04 4.90
N ASP A 49 -39.19 -0.77 3.93
CA ASP A 49 -39.49 -2.16 4.17
C ASP A 49 -38.32 -3.09 3.89
N SER A 50 -37.26 -2.59 3.25
CA SER A 50 -36.06 -3.37 2.95
C SER A 50 -36.38 -4.63 2.14
N ASN A 51 -36.92 -4.41 0.94
CA ASN A 51 -37.31 -5.49 0.05
C ASN A 51 -36.28 -5.77 -1.04
N ASN A 52 -35.55 -4.74 -1.50
CA ASN A 52 -34.65 -4.85 -2.65
C ASN A 52 -35.40 -5.38 -3.87
N PHE A 53 -36.58 -4.82 -4.11
CA PHE A 53 -37.45 -5.24 -5.19
C PHE A 53 -37.74 -4.05 -6.11
N SER A 54 -37.70 -4.30 -7.41
CA SER A 54 -37.95 -3.29 -8.42
C SER A 54 -39.09 -3.70 -9.33
N ASP A 55 -39.90 -2.74 -9.73
CA ASP A 55 -41.06 -2.99 -10.57
C ASP A 55 -40.77 -2.85 -12.06
N LEU A 56 -39.52 -2.57 -12.44
CA LEU A 56 -39.18 -2.43 -13.84
C LEU A 56 -39.14 -3.79 -14.53
N LYS A 57 -39.72 -3.86 -15.72
CA LYS A 57 -39.75 -5.11 -16.49
C LYS A 57 -39.19 -4.95 -17.89
N GLN A 58 -38.35 -3.94 -18.11
CA GLN A 58 -37.70 -3.80 -19.41
C GLN A 58 -36.75 -4.96 -19.69
N ILE A 59 -36.03 -5.41 -18.67
CA ILE A 59 -35.13 -6.55 -18.77
C ILE A 59 -35.84 -7.74 -18.16
N ASN A 60 -35.99 -8.81 -18.94
CA ASN A 60 -36.73 -9.98 -18.49
C ASN A 60 -36.07 -11.23 -19.07
N LYS A 61 -36.77 -12.37 -18.95
CA LYS A 61 -36.25 -13.63 -19.46
C LYS A 61 -36.16 -13.65 -20.97
N GLY A 62 -36.94 -12.83 -21.66
CA GLY A 62 -36.89 -12.83 -23.11
C GLY A 62 -35.58 -12.29 -23.66
N ASN A 63 -35.03 -11.26 -23.04
CA ASN A 63 -33.85 -10.57 -23.54
C ASN A 63 -32.81 -10.40 -22.43
N VAL A 64 -32.55 -11.47 -21.69
CA VAL A 64 -31.54 -11.41 -20.64
C VAL A 64 -30.15 -11.77 -21.16
N LYS A 65 -30.06 -12.41 -22.32
CA LYS A 65 -28.79 -12.83 -22.88
C LYS A 65 -28.06 -11.72 -23.64
N GLN A 66 -28.66 -10.53 -23.72
CA GLN A 66 -28.07 -9.42 -24.46
C GLN A 66 -27.49 -8.34 -23.54
N LEU A 67 -27.38 -8.59 -22.24
CA LEU A 67 -26.80 -7.62 -21.33
C LEU A 67 -25.29 -7.57 -21.49
N ARG A 68 -24.77 -6.37 -21.78
CA ARG A 68 -23.35 -6.11 -21.92
C ARG A 68 -23.01 -4.85 -21.13
N PRO A 69 -21.76 -4.72 -20.67
CA PRO A 69 -21.40 -3.54 -19.87
C PRO A 69 -21.52 -2.25 -20.65
N ALA A 70 -21.85 -1.17 -19.93
CA ALA A 70 -21.95 0.16 -20.49
C ALA A 70 -20.78 1.06 -20.09
N TRP A 71 -20.46 1.13 -18.80
CA TRP A 71 -19.27 1.86 -18.39
C TRP A 71 -18.79 1.34 -17.04
N THR A 72 -17.52 1.59 -16.76
CA THR A 72 -16.83 1.13 -15.56
C THR A 72 -16.12 2.30 -14.89
N PHE A 73 -15.91 2.18 -13.59
CA PHE A 73 -15.21 3.19 -12.81
C PHE A 73 -14.33 2.51 -11.77
N SER A 74 -13.15 3.08 -11.55
CA SER A 74 -12.16 2.53 -10.64
C SER A 74 -11.94 3.49 -9.47
N THR A 75 -11.70 2.91 -8.28
CA THR A 75 -11.53 3.68 -7.06
C THR A 75 -10.07 4.05 -6.78
N GLY A 76 -9.21 3.05 -6.61
CA GLY A 76 -7.85 3.31 -6.22
C GLY A 76 -7.53 2.78 -4.83
N LEU A 77 -8.25 1.75 -4.40
CA LEU A 77 -8.01 1.10 -3.13
C LEU A 77 -8.08 -0.41 -3.31
N LEU A 78 -7.41 -1.13 -2.41
CA LEU A 78 -7.40 -2.60 -2.42
C LEU A 78 -7.96 -3.08 -1.09
N ASN A 79 -9.28 -3.18 -1.00
CA ASN A 79 -9.95 -3.65 0.21
C ASN A 79 -11.32 -4.18 -0.20
N GLY A 80 -12.19 -4.43 0.78
CA GLY A 80 -13.53 -4.89 0.51
C GLY A 80 -14.49 -3.72 0.34
N HIS A 81 -15.27 -3.75 -0.73
CA HIS A 81 -16.28 -2.75 -1.00
C HIS A 81 -17.66 -3.36 -0.74
N GLU A 82 -18.40 -2.79 0.19
CA GLU A 82 -19.69 -3.32 0.60
C GLU A 82 -20.80 -2.31 0.31
N GLY A 83 -22.02 -2.80 0.31
CA GLY A 83 -23.17 -1.98 0.01
C GLY A 83 -23.35 -1.74 -1.47
N ALA A 84 -24.20 -0.78 -1.79
CA ALA A 84 -24.50 -0.39 -3.15
C ALA A 84 -24.50 1.12 -3.26
N PRO A 85 -24.22 1.66 -4.45
CA PRO A 85 -24.27 3.12 -4.63
C PRO A 85 -25.70 3.64 -4.60
N LEU A 86 -25.80 4.96 -4.42
CA LEU A 86 -27.07 5.66 -4.38
C LEU A 86 -27.23 6.54 -5.62
N VAL A 87 -28.44 6.59 -6.15
CA VAL A 87 -28.74 7.39 -7.33
C VAL A 87 -29.94 8.26 -7.02
N VAL A 88 -29.75 9.58 -7.05
CA VAL A 88 -30.81 10.55 -6.76
C VAL A 88 -30.63 11.74 -7.68
N ASP A 89 -31.69 12.06 -8.44
CA ASP A 89 -31.74 13.29 -9.26
C ASP A 89 -30.58 13.35 -10.26
N GLY A 90 -30.36 12.25 -10.96
CA GLY A 90 -29.38 12.24 -12.02
C GLY A 90 -27.93 12.21 -11.58
N LYS A 91 -27.65 11.76 -10.37
CA LYS A 91 -26.29 11.67 -9.87
C LYS A 91 -26.08 10.33 -9.19
N MET A 92 -24.83 9.88 -9.16
CA MET A 92 -24.43 8.66 -8.48
C MET A 92 -23.40 8.99 -7.41
N TYR A 93 -23.60 8.48 -6.21
CA TYR A 93 -22.70 8.69 -5.08
C TYR A 93 -22.00 7.38 -4.74
N ILE A 94 -20.68 7.42 -4.67
CA ILE A 94 -19.86 6.23 -4.46
C ILE A 94 -19.06 6.41 -3.18
N HIS A 95 -19.12 5.41 -2.30
CA HIS A 95 -18.38 5.39 -1.04
C HIS A 95 -17.36 4.26 -1.06
N THR A 96 -16.34 4.39 -0.23
CA THR A 96 -15.18 3.51 -0.29
C THR A 96 -14.90 2.94 1.10
N SER A 97 -13.89 2.08 1.16
CA SER A 97 -13.38 1.57 2.42
C SER A 97 -12.39 2.59 2.99
N PHE A 98 -11.65 2.18 4.02
CA PHE A 98 -10.67 3.07 4.63
C PHE A 98 -9.67 3.54 3.59
N PRO A 99 -9.34 4.84 3.53
CA PRO A 99 -9.75 5.92 4.45
C PRO A 99 -11.05 6.66 4.09
N ASN A 100 -12.06 5.96 3.62
CA ASN A 100 -13.43 6.47 3.53
C ASN A 100 -13.52 7.73 2.65
N ASN A 101 -13.22 7.53 1.37
CA ASN A 101 -13.39 8.59 0.38
C ASN A 101 -14.82 8.57 -0.16
N THR A 102 -15.20 9.66 -0.82
CA THR A 102 -16.54 9.77 -1.42
C THR A 102 -16.44 10.48 -2.76
N PHE A 103 -17.17 9.99 -3.76
CA PHE A 103 -17.19 10.57 -5.08
C PHE A 103 -18.62 10.81 -5.55
N ALA A 104 -18.80 11.85 -6.36
CA ALA A 104 -20.07 12.14 -7.01
C ALA A 104 -19.89 12.19 -8.51
N LEU A 105 -20.78 11.53 -9.24
CA LEU A 105 -20.69 11.43 -10.70
C LEU A 105 -22.02 11.81 -11.33
N GLY A 106 -21.94 12.40 -12.53
CA GLY A 106 -23.11 12.77 -13.30
C GLY A 106 -23.43 11.70 -14.33
N LEU A 107 -24.71 11.37 -14.46
CA LEU A 107 -25.13 10.25 -15.29
C LEU A 107 -25.04 10.56 -16.78
N ASP A 108 -25.07 11.83 -17.17
CA ASP A 108 -24.92 12.16 -18.58
C ASP A 108 -23.47 12.06 -19.05
N ASP A 109 -22.52 12.42 -18.19
CA ASP A 109 -21.09 12.34 -18.48
C ASP A 109 -20.39 11.66 -17.32
N PRO A 110 -20.39 10.33 -17.27
CA PRO A 110 -19.78 9.63 -16.13
C PRO A 110 -18.28 9.83 -16.00
N GLY A 111 -17.60 10.30 -17.06
CA GLY A 111 -16.17 10.49 -16.96
C GLY A 111 -15.76 11.57 -15.97
N THR A 112 -16.50 12.67 -15.95
CA THR A 112 -16.18 13.79 -15.08
C THR A 112 -16.67 13.54 -13.67
N ILE A 113 -15.85 13.92 -12.69
CA ILE A 113 -16.20 13.80 -11.27
C ILE A 113 -16.59 15.18 -10.78
N LEU A 114 -17.84 15.30 -10.31
CA LEU A 114 -18.33 16.59 -9.85
C LEU A 114 -17.63 17.04 -8.57
N TRP A 115 -17.55 16.14 -7.58
CA TRP A 115 -16.81 16.46 -6.37
C TRP A 115 -16.35 15.17 -5.69
N GLN A 116 -15.31 15.32 -4.88
CA GLN A 116 -14.72 14.21 -4.13
C GLN A 116 -14.34 14.70 -2.74
N ASP A 117 -14.42 13.79 -1.77
CA ASP A 117 -14.07 14.06 -0.38
C ASP A 117 -13.08 13.01 0.09
N LYS A 118 -11.91 13.46 0.53
CA LYS A 118 -10.84 12.59 1.02
C LYS A 118 -10.38 13.09 2.39
N PRO A 119 -10.80 12.44 3.47
CA PRO A 119 -10.46 12.93 4.80
C PRO A 119 -9.01 12.64 5.18
N LYS A 120 -8.50 13.44 6.10
CA LYS A 120 -7.19 13.23 6.71
C LYS A 120 -7.43 12.74 8.14
N GLN A 121 -7.16 11.47 8.38
CA GLN A 121 -7.49 10.83 9.65
C GLN A 121 -6.26 10.68 10.53
N ASN A 122 -6.51 10.43 11.81
CA ASN A 122 -5.43 10.24 12.77
C ASN A 122 -4.66 8.97 12.41
N PRO A 123 -3.33 9.00 12.51
CA PRO A 123 -2.54 7.80 12.16
C PRO A 123 -2.82 6.60 13.05
N ALA A 124 -3.33 6.80 14.26
CA ALA A 124 -3.55 5.70 15.18
C ALA A 124 -4.73 4.82 14.79
N ALA A 125 -5.66 5.34 13.98
CA ALA A 125 -6.87 4.60 13.66
C ALA A 125 -6.55 3.28 12.97
N ARG A 126 -5.53 3.27 12.11
CA ARG A 126 -5.15 2.03 11.45
C ARG A 126 -4.54 1.04 12.43
N ALA A 127 -3.86 1.53 13.46
CA ALA A 127 -3.20 0.62 14.41
C ALA A 127 -4.22 -0.21 15.19
N VAL A 128 -5.32 0.41 15.62
CA VAL A 128 -6.29 -0.28 16.46
C VAL A 128 -7.00 -1.38 15.69
N ALA A 129 -7.49 -1.06 14.50
CA ALA A 129 -8.29 -2.00 13.70
C ALA A 129 -7.45 -2.44 12.51
N CYS A 130 -7.21 -3.75 12.42
CA CYS A 130 -6.45 -4.33 11.32
C CYS A 130 -7.28 -5.25 10.43
N CYS A 131 -8.13 -6.10 11.01
CA CYS A 131 -8.93 -7.02 10.21
C CYS A 131 -10.05 -6.28 9.48
N ASP A 132 -10.73 -5.37 10.17
CA ASP A 132 -11.89 -4.68 9.61
C ASP A 132 -11.49 -3.29 9.14
N LEU A 133 -11.58 -3.06 7.84
CA LEU A 133 -11.28 -1.76 7.23
C LEU A 133 -12.30 -1.43 6.16
N VAL A 134 -13.57 -1.69 6.42
CA VAL A 134 -14.62 -1.53 5.43
C VAL A 134 -15.66 -0.53 5.91
N ASN A 135 -16.65 -0.26 5.06
CA ASN A 135 -17.76 0.63 5.39
C ASN A 135 -19.00 0.14 4.65
N ARG A 136 -20.17 0.56 5.13
CA ARG A 136 -21.41 -0.08 4.71
C ARG A 136 -22.39 0.82 3.97
N GLY A 137 -22.20 2.12 3.96
CA GLY A 137 -23.03 2.95 3.10
C GLY A 137 -23.09 4.40 3.56
N LEU A 138 -23.89 5.17 2.82
CA LEU A 138 -24.15 6.58 3.07
C LEU A 138 -25.63 6.79 3.34
N ALA A 139 -25.98 7.99 3.77
CA ALA A 139 -27.38 8.34 4.00
C ALA A 139 -27.71 9.63 3.25
N TYR A 140 -28.98 9.77 2.86
CA TYR A 140 -29.44 10.91 2.09
C TYR A 140 -30.65 11.54 2.79
N TRP A 141 -30.61 12.86 2.96
CA TRP A 141 -31.73 13.61 3.53
C TRP A 141 -32.20 14.66 2.52
N PRO A 142 -33.46 14.62 2.08
CA PRO A 142 -33.91 15.56 1.04
C PRO A 142 -33.80 17.01 1.43
N GLY A 143 -34.04 17.34 2.69
CA GLY A 143 -33.97 18.72 3.14
C GLY A 143 -35.20 19.53 2.77
N ASP A 144 -35.55 20.49 3.64
CA ASP A 144 -36.68 21.36 3.39
C ASP A 144 -36.23 22.53 2.52
N GLY A 145 -37.06 23.56 2.41
CA GLY A 145 -36.71 24.71 1.59
C GLY A 145 -35.51 25.48 2.13
N LYS A 146 -35.45 25.67 3.45
CA LYS A 146 -34.38 26.48 4.04
C LYS A 146 -33.04 25.76 3.96
N THR A 147 -33.00 24.48 4.32
CA THR A 147 -31.76 23.73 4.40
C THR A 147 -31.62 22.80 3.21
N PRO A 148 -30.48 22.81 2.52
CA PRO A 148 -30.33 21.95 1.33
C PRO A 148 -30.21 20.49 1.69
N ALA A 149 -30.27 19.65 0.65
CA ALA A 149 -30.17 18.21 0.81
C ALA A 149 -28.78 17.84 1.33
N LEU A 150 -28.72 16.73 2.07
CA LEU A 150 -27.50 16.36 2.77
C LEU A 150 -27.14 14.90 2.52
N ILE A 151 -25.83 14.65 2.46
CA ILE A 151 -25.26 13.31 2.44
C ILE A 151 -24.55 13.10 3.77
N LEU A 152 -24.92 12.04 4.47
CA LEU A 152 -24.46 11.80 5.83
C LEU A 152 -23.54 10.58 5.84
N LYS A 153 -22.38 10.71 6.47
CA LYS A 153 -21.36 9.67 6.46
C LYS A 153 -20.65 9.60 7.81
N THR A 154 -19.97 8.47 8.02
CA THR A 154 -19.20 8.23 9.23
C THR A 154 -17.77 7.82 8.86
N GLN A 155 -16.84 8.09 9.76
CA GLN A 155 -15.43 7.81 9.54
C GLN A 155 -14.93 6.78 10.56
N LEU A 156 -13.77 6.20 10.25
CA LEU A 156 -13.23 5.13 11.08
C LEU A 156 -12.76 5.65 12.44
N ASP A 157 -12.21 6.86 12.48
CA ASP A 157 -11.72 7.41 13.74
C ASP A 157 -12.84 7.75 14.70
N GLY A 158 -14.10 7.75 14.26
CA GLY A 158 -15.21 7.98 15.16
C GLY A 158 -15.86 9.34 15.01
N ASN A 159 -15.96 9.83 13.78
CA ASN A 159 -16.57 11.11 13.49
C ASN A 159 -17.71 10.94 12.51
N VAL A 160 -18.78 11.70 12.72
CA VAL A 160 -19.94 11.71 11.83
C VAL A 160 -20.03 13.08 11.19
N ALA A 161 -20.19 13.11 9.87
CA ALA A 161 -20.15 14.34 9.10
C ALA A 161 -21.34 14.44 8.16
N ALA A 162 -21.77 15.68 7.92
CA ALA A 162 -22.81 15.98 6.95
C ALA A 162 -22.22 16.84 5.84
N LEU A 163 -22.54 16.49 4.59
CA LEU A 163 -22.00 17.20 3.43
C LEU A 163 -23.14 17.65 2.54
N ASN A 164 -22.91 18.72 1.78
CA ASN A 164 -23.88 19.20 0.82
C ASN A 164 -23.94 18.27 -0.38
N ALA A 165 -25.14 18.08 -0.91
CA ALA A 165 -25.35 17.13 -2.00
C ALA A 165 -24.86 17.65 -3.35
N GLU A 166 -24.81 18.97 -3.53
CA GLU A 166 -24.45 19.54 -4.82
C GLU A 166 -23.02 20.05 -4.89
N THR A 167 -22.45 20.51 -3.79
CA THR A 167 -21.12 21.10 -3.78
C THR A 167 -20.05 20.22 -3.13
N GLY A 168 -20.38 19.53 -2.05
CA GLY A 168 -19.41 18.73 -1.34
C GLY A 168 -18.81 19.36 -0.11
N GLU A 169 -19.30 20.52 0.32
CA GLU A 169 -18.80 21.20 1.50
C GLU A 169 -19.33 20.52 2.76
N THR A 170 -18.76 20.90 3.90
CA THR A 170 -19.11 20.31 5.18
C THR A 170 -19.97 21.29 5.97
N VAL A 171 -21.10 20.80 6.48
CA VAL A 171 -22.01 21.61 7.29
C VAL A 171 -21.78 21.41 8.77
N TRP A 172 -21.72 20.15 9.23
CA TRP A 172 -21.39 19.90 10.62
C TRP A 172 -20.68 18.56 10.76
N LYS A 173 -19.93 18.45 11.86
CA LYS A 173 -19.12 17.28 12.18
C LYS A 173 -19.09 17.09 13.69
N VAL A 174 -19.36 15.88 14.15
CA VAL A 174 -19.40 15.56 15.58
C VAL A 174 -18.56 14.31 15.82
N GLU A 175 -18.09 14.15 17.06
CA GLU A 175 -17.35 12.96 17.47
C GLU A 175 -18.25 12.03 18.27
N ASN A 176 -18.18 10.74 17.96
CA ASN A 176 -19.06 9.75 18.57
C ASN A 176 -18.30 8.73 19.41
N SER A 177 -17.31 8.06 18.86
CA SER A 177 -16.62 6.97 19.55
C SER A 177 -15.27 7.46 20.06
N ASP A 178 -14.56 6.55 20.75
CA ASP A 178 -13.25 6.84 21.32
C ASP A 178 -12.28 5.77 20.86
N ILE A 179 -11.17 6.21 20.24
CA ILE A 179 -10.14 5.27 19.80
C ILE A 179 -9.39 4.68 20.98
N LYS A 180 -9.21 5.47 22.05
CA LYS A 180 -8.46 4.99 23.20
C LYS A 180 -9.10 3.75 23.82
N VAL A 181 -10.42 3.76 23.96
CA VAL A 181 -11.11 2.56 24.44
C VAL A 181 -10.98 1.42 23.45
N GLY A 182 -11.07 1.72 22.16
CA GLY A 182 -10.90 0.71 21.13
C GLY A 182 -12.11 0.57 20.23
N SER A 183 -12.91 1.62 20.13
CA SER A 183 -14.13 1.60 19.34
C SER A 183 -13.90 2.31 18.01
N THR A 184 -14.16 1.60 16.91
CA THR A 184 -14.03 2.14 15.57
C THR A 184 -15.35 1.96 14.83
N LEU A 185 -15.59 2.81 13.85
CA LEU A 185 -16.88 2.87 13.17
C LEU A 185 -16.81 2.23 11.80
N THR A 186 -17.75 1.32 11.53
CA THR A 186 -17.91 0.68 10.23
C THR A 186 -19.35 0.79 9.72
N ILE A 187 -20.29 1.14 10.58
CA ILE A 187 -21.73 1.15 10.28
C ILE A 187 -22.08 2.26 9.31
N ALA A 188 -23.31 2.22 8.79
CA ALA A 188 -23.91 3.26 7.96
C ALA A 188 -25.02 3.97 8.72
N PRO A 189 -25.17 5.28 8.56
CA PRO A 189 -26.22 5.99 9.28
C PRO A 189 -27.61 5.67 8.74
N TYR A 190 -28.62 5.99 9.54
CA TYR A 190 -30.01 5.84 9.11
C TYR A 190 -30.72 7.18 9.26
N VAL A 191 -31.65 7.47 8.35
CA VAL A 191 -32.38 8.72 8.35
C VAL A 191 -33.86 8.44 8.54
N VAL A 192 -34.43 8.95 9.62
CA VAL A 192 -35.86 8.79 9.91
C VAL A 192 -36.40 10.14 10.35
N LYS A 193 -37.46 10.61 9.68
CA LYS A 193 -38.07 11.92 9.93
C LYS A 193 -36.98 12.97 9.80
N ASP A 194 -36.74 13.80 10.82
CA ASP A 194 -35.67 14.78 10.80
C ASP A 194 -34.48 14.39 11.66
N LYS A 195 -34.25 13.08 11.83
CA LYS A 195 -33.21 12.59 12.72
C LYS A 195 -32.33 11.57 12.01
N VAL A 196 -31.08 11.50 12.46
CA VAL A 196 -30.12 10.51 12.01
C VAL A 196 -29.78 9.59 13.18
N ILE A 197 -29.78 8.29 12.92
CA ILE A 197 -29.59 7.27 13.94
C ILE A 197 -28.27 6.55 13.66
N ILE A 198 -27.44 6.44 14.69
CA ILE A 198 -26.09 5.90 14.59
C ILE A 198 -25.88 4.90 15.73
N GLY A 199 -25.36 3.72 15.38
CA GLY A 199 -25.02 2.70 16.35
C GLY A 199 -23.57 2.76 16.77
N SER A 200 -23.07 1.62 17.23
CA SER A 200 -21.69 1.50 17.69
C SER A 200 -21.10 0.17 17.23
N SER A 201 -19.78 0.16 17.09
CA SER A 201 -19.06 -1.05 16.69
C SER A 201 -17.60 -0.90 17.12
N GLY A 202 -16.84 -1.97 16.93
CA GLY A 202 -15.43 -1.93 17.28
C GLY A 202 -14.90 -3.21 17.89
N ALA A 203 -13.86 -3.10 18.70
CA ALA A 203 -13.21 -4.26 19.30
C ALA A 203 -14.03 -4.87 20.43
N GLU A 204 -14.92 -4.10 21.06
CA GLU A 204 -15.84 -4.57 22.11
C GLU A 204 -15.13 -5.35 23.22
N LEU A 205 -13.84 -5.12 23.41
CA LEU A 205 -13.11 -5.82 24.46
C LEU A 205 -13.56 -5.37 25.85
N GLY A 206 -13.66 -4.06 26.06
CA GLY A 206 -14.03 -3.53 27.35
C GLY A 206 -15.05 -2.41 27.32
N VAL A 207 -15.98 -2.46 26.36
CA VAL A 207 -16.98 -1.42 26.20
C VAL A 207 -18.35 -2.06 26.00
N ARG A 208 -19.39 -1.31 26.35
CA ARG A 208 -20.77 -1.71 26.08
C ARG A 208 -21.15 -1.28 24.67
N GLY A 209 -22.44 -1.36 24.35
CA GLY A 209 -22.94 -0.87 23.08
C GLY A 209 -24.13 0.05 23.29
N TYR A 210 -24.20 1.09 22.46
CA TYR A 210 -25.24 2.10 22.63
C TYR A 210 -25.68 2.62 21.26
N LEU A 211 -26.88 3.18 21.25
CA LEU A 211 -27.52 3.75 20.06
C LEU A 211 -27.80 5.22 20.32
N THR A 212 -27.56 6.06 19.31
CA THR A 212 -27.68 7.51 19.47
C THR A 212 -28.50 8.10 18.34
N ALA A 213 -29.28 9.14 18.65
CA ALA A 213 -30.01 9.89 17.65
C ALA A 213 -29.59 11.35 17.67
N TYR A 214 -29.37 11.92 16.49
CA TYR A 214 -28.94 13.31 16.34
C TYR A 214 -29.91 14.05 15.44
N ASP A 215 -30.01 15.36 15.65
CA ASP A 215 -30.77 16.21 14.74
C ASP A 215 -29.99 16.37 13.43
N VAL A 216 -30.67 16.19 12.30
CA VAL A 216 -29.98 16.16 11.02
C VAL A 216 -29.60 17.57 10.55
N LYS A 217 -30.26 18.60 11.06
CA LYS A 217 -29.97 19.96 10.61
C LYS A 217 -28.72 20.53 11.26
N THR A 218 -28.59 20.36 12.57
CA THR A 218 -27.52 20.99 13.34
C THR A 218 -26.55 19.97 13.92
N GLY A 219 -27.02 19.01 14.70
CA GLY A 219 -26.15 17.96 15.19
C GLY A 219 -26.17 17.72 16.69
N GLU A 220 -27.16 18.27 17.39
CA GLU A 220 -27.27 18.01 18.81
C GLU A 220 -27.79 16.59 19.06
N GLN A 221 -27.64 16.15 20.30
CA GLN A 221 -28.03 14.79 20.69
C GLN A 221 -29.44 14.82 21.28
N VAL A 222 -30.29 13.93 20.80
CA VAL A 222 -31.68 13.87 21.24
C VAL A 222 -31.85 12.77 22.29
N TRP A 223 -31.55 11.53 21.92
CA TRP A 223 -31.65 10.44 22.87
C TRP A 223 -30.56 9.40 22.62
N ARG A 224 -30.21 8.71 23.70
CA ARG A 224 -29.23 7.64 23.70
C ARG A 224 -29.77 6.46 24.50
N ALA A 225 -29.58 5.26 23.98
CA ALA A 225 -30.10 4.05 24.61
C ALA A 225 -28.99 3.01 24.73
N TYR A 226 -29.02 2.24 25.81
CA TYR A 226 -28.03 1.21 26.08
C TYR A 226 -28.67 -0.17 25.95
N ALA A 227 -27.82 -1.19 25.84
CA ALA A 227 -28.28 -2.57 25.72
C ALA A 227 -28.25 -3.32 27.05
N THR A 228 -27.21 -3.14 27.85
CA THR A 228 -27.07 -3.80 29.14
C THR A 228 -26.91 -2.75 30.23
N GLY A 229 -27.63 -2.93 31.33
CA GLY A 229 -27.53 -2.02 32.45
C GLY A 229 -28.84 -1.85 33.19
N PRO A 230 -28.92 -0.84 34.04
CA PRO A 230 -30.16 -0.58 34.78
C PRO A 230 -31.27 -0.10 33.87
N ASP A 231 -32.48 -0.06 34.42
CA ASP A 231 -33.64 0.34 33.63
C ASP A 231 -33.57 1.79 33.18
N LYS A 232 -32.91 2.65 33.96
CA LYS A 232 -32.75 4.04 33.55
C LYS A 232 -31.91 4.15 32.27
N ASP A 233 -30.85 3.37 32.17
CA ASP A 233 -30.00 3.40 30.98
C ASP A 233 -30.65 2.71 29.79
N LEU A 234 -31.42 1.65 30.02
CA LEU A 234 -32.10 0.96 28.93
C LEU A 234 -33.16 1.85 28.29
N LEU A 235 -33.81 2.70 29.08
CA LEU A 235 -34.84 3.63 28.61
C LEU A 235 -36.00 2.85 27.97
N LEU A 236 -36.67 2.10 28.84
CA LEU A 236 -37.82 1.30 28.46
C LEU A 236 -39.12 2.07 28.69
N ALA A 237 -40.19 1.55 28.10
CA ALA A 237 -41.50 2.19 28.18
C ALA A 237 -42.32 1.60 29.31
N SER A 238 -43.54 2.10 29.47
CA SER A 238 -44.44 1.61 30.51
C SER A 238 -45.06 0.27 30.16
N ASP A 239 -45.34 0.03 28.88
CA ASP A 239 -45.98 -1.20 28.42
C ASP A 239 -44.98 -2.14 27.73
N PHE A 240 -43.76 -2.20 28.23
CA PHE A 240 -42.74 -3.05 27.64
C PHE A 240 -43.13 -4.53 27.78
N ASN A 241 -43.28 -5.21 26.65
CA ASN A 241 -43.62 -6.63 26.60
C ASN A 241 -44.92 -6.91 27.36
N ILE A 242 -45.93 -6.06 27.13
CA ILE A 242 -47.20 -6.22 27.80
C ILE A 242 -47.95 -7.45 27.32
N LYS A 243 -47.84 -7.77 26.03
CA LYS A 243 -48.60 -8.90 25.47
C LYS A 243 -47.89 -10.23 25.60
N ASN A 244 -46.58 -10.23 25.80
CA ASN A 244 -45.78 -11.46 25.95
C ASN A 244 -44.98 -11.32 27.24
N PRO A 245 -45.61 -11.51 28.40
CA PRO A 245 -44.92 -11.25 29.67
C PRO A 245 -43.85 -12.26 30.03
N HIS A 246 -43.81 -13.42 29.37
CA HIS A 246 -42.81 -14.44 29.70
C HIS A 246 -41.49 -14.22 28.98
N TYR A 247 -41.36 -13.18 28.16
CA TYR A 247 -40.09 -12.86 27.55
C TYR A 247 -39.17 -12.09 28.47
N GLY A 248 -39.69 -11.54 29.57
CA GLY A 248 -38.92 -10.72 30.47
C GLY A 248 -39.37 -9.28 30.43
N GLN A 249 -39.64 -8.67 31.59
CA GLN A 249 -40.22 -7.35 31.64
C GLN A 249 -39.29 -6.31 32.27
N LYS A 250 -38.85 -6.51 33.52
CA LYS A 250 -38.15 -5.46 34.23
C LYS A 250 -37.01 -6.03 35.06
N GLY A 251 -35.96 -5.22 35.22
CA GLY A 251 -34.88 -5.52 36.11
C GLY A 251 -33.91 -6.58 35.64
N LEU A 252 -34.03 -7.05 34.41
CA LEU A 252 -33.21 -8.14 33.93
C LEU A 252 -31.90 -7.67 33.30
N GLY A 253 -31.68 -6.36 33.19
CA GLY A 253 -30.41 -5.87 32.69
C GLY A 253 -29.26 -6.18 33.62
N THR A 254 -29.50 -6.19 34.93
CA THR A 254 -28.49 -6.53 35.91
C THR A 254 -28.74 -7.85 36.63
N GLY A 255 -29.99 -8.34 36.62
CA GLY A 255 -30.29 -9.57 37.33
C GLY A 255 -29.61 -10.79 36.71
N THR A 256 -29.65 -10.91 35.39
CA THR A 256 -29.05 -12.07 34.74
C THR A 256 -27.54 -12.09 34.91
N TRP A 257 -26.89 -10.94 34.80
CA TRP A 257 -25.45 -10.87 34.98
C TRP A 257 -25.09 -11.05 36.45
N GLU A 258 -23.95 -11.70 36.70
CA GLU A 258 -23.47 -11.95 38.05
C GLU A 258 -22.50 -10.84 38.43
N GLY A 259 -22.93 -9.96 39.33
CA GLY A 259 -22.10 -8.86 39.76
C GLY A 259 -22.15 -7.67 38.84
N ASP A 260 -21.00 -7.05 38.59
CA ASP A 260 -20.89 -5.85 37.75
C ASP A 260 -20.29 -6.17 36.39
N ALA A 261 -20.61 -7.35 35.83
CA ALA A 261 -20.05 -7.72 34.53
C ALA A 261 -20.68 -6.95 33.39
N TRP A 262 -21.87 -6.39 33.57
CA TRP A 262 -22.56 -5.72 32.47
C TRP A 262 -21.83 -4.47 31.99
N LYS A 263 -20.88 -3.95 32.78
CA LYS A 263 -20.08 -2.83 32.32
C LYS A 263 -19.11 -3.22 31.22
N ILE A 264 -18.84 -4.52 31.05
CA ILE A 264 -17.99 -5.00 29.98
C ILE A 264 -18.71 -6.09 29.21
N GLY A 265 -20.05 -6.09 29.30
CA GLY A 265 -20.83 -7.15 28.69
C GLY A 265 -20.76 -7.15 27.17
N GLY A 266 -20.85 -5.98 26.56
CA GLY A 266 -20.88 -5.89 25.12
C GLY A 266 -22.28 -5.67 24.57
N GLY A 267 -22.55 -6.22 23.40
CA GLY A 267 -23.84 -6.07 22.77
C GLY A 267 -23.93 -5.00 21.71
N THR A 268 -22.86 -4.76 20.97
CA THR A 268 -22.88 -3.73 19.94
C THR A 268 -23.73 -4.18 18.74
N ASN A 269 -24.40 -3.22 18.12
CA ASN A 269 -25.22 -3.48 16.94
C ASN A 269 -24.56 -2.85 15.73
N TRP A 270 -24.34 -3.66 14.69
CA TRP A 270 -23.74 -3.20 13.45
C TRP A 270 -24.44 -3.75 12.22
N GLY A 271 -25.70 -4.15 12.34
CA GLY A 271 -26.50 -4.60 11.21
C GLY A 271 -27.28 -3.49 10.57
N TRP A 272 -28.41 -3.86 9.97
CA TRP A 272 -29.27 -2.93 9.26
C TRP A 272 -30.45 -2.52 10.15
N TYR A 273 -31.33 -1.68 9.60
CA TYR A 273 -32.48 -1.16 10.32
C TYR A 273 -33.73 -1.34 9.47
N ALA A 274 -34.89 -1.24 10.12
CA ALA A 274 -36.15 -1.14 9.39
C ALA A 274 -37.03 -0.10 10.09
N TYR A 275 -37.94 0.51 9.34
CA TYR A 275 -38.82 1.54 9.88
C TYR A 275 -40.23 1.35 9.36
N ASP A 276 -41.22 1.57 10.22
CA ASP A 276 -42.62 1.49 9.83
C ASP A 276 -43.35 2.78 10.18
N PRO A 277 -43.80 3.55 9.19
CA PRO A 277 -44.52 4.79 9.52
C PRO A 277 -45.82 4.59 10.27
N GLY A 278 -46.52 3.48 10.02
CA GLY A 278 -47.82 3.29 10.65
C GLY A 278 -47.72 3.15 12.17
N THR A 279 -46.78 2.33 12.63
CA THR A 279 -46.57 2.14 14.06
C THR A 279 -45.51 3.05 14.64
N ASN A 280 -44.81 3.83 13.80
CA ASN A 280 -43.77 4.75 14.24
C ASN A 280 -42.70 4.03 15.06
N LEU A 281 -42.17 2.95 14.48
CA LEU A 281 -41.18 2.13 15.15
C LEU A 281 -40.01 1.84 14.22
N ILE A 282 -38.84 1.67 14.83
CA ILE A 282 -37.63 1.23 14.16
C ILE A 282 -37.21 -0.10 14.75
N TYR A 283 -36.91 -1.06 13.88
CA TYR A 283 -36.61 -2.43 14.26
C TYR A 283 -35.15 -2.74 13.97
N PHE A 284 -34.48 -3.35 14.96
CA PHE A 284 -33.08 -3.74 14.80
C PHE A 284 -32.75 -4.86 15.78
N GLY A 285 -31.48 -5.27 15.79
CA GLY A 285 -31.03 -6.34 16.64
C GLY A 285 -29.62 -6.09 17.15
N THR A 286 -29.30 -6.75 18.26
CA THR A 286 -28.04 -6.54 18.98
C THR A 286 -27.07 -7.69 18.77
N GLY A 287 -25.83 -7.47 19.19
CA GLY A 287 -24.75 -8.40 18.97
C GLY A 287 -24.49 -9.32 20.15
N ASN A 288 -23.40 -10.08 20.05
CA ASN A 288 -23.06 -11.12 21.01
C ASN A 288 -22.41 -10.55 22.26
N PRO A 289 -22.49 -11.26 23.38
CA PRO A 289 -21.87 -10.79 24.62
C PRO A 289 -20.38 -11.09 24.68
N ALA A 290 -19.72 -10.41 25.61
CA ALA A 290 -18.29 -10.53 25.84
C ALA A 290 -18.03 -10.70 27.32
N PRO A 291 -16.90 -11.34 27.71
CA PRO A 291 -15.84 -11.93 26.89
C PRO A 291 -16.22 -13.25 26.24
N TRP A 292 -15.37 -13.75 25.34
CA TRP A 292 -15.70 -14.95 24.58
C TRP A 292 -15.76 -16.20 25.44
N ASN A 293 -15.14 -16.19 26.62
CA ASN A 293 -15.16 -17.35 27.49
C ASN A 293 -16.49 -17.43 28.23
N GLU A 294 -17.15 -18.57 28.15
CA GLU A 294 -18.49 -18.73 28.69
C GLU A 294 -18.49 -18.84 30.20
N THR A 295 -17.40 -19.35 30.78
CA THR A 295 -17.33 -19.53 32.23
C THR A 295 -17.25 -18.19 32.95
N MET A 296 -16.73 -17.16 32.29
CA MET A 296 -16.54 -15.87 32.94
C MET A 296 -17.84 -15.08 33.10
N ARG A 297 -18.89 -15.44 32.35
CA ARG A 297 -20.15 -14.71 32.37
C ARG A 297 -21.31 -15.68 32.55
N PRO A 298 -21.63 -16.07 33.78
CA PRO A 298 -22.72 -17.01 34.01
C PRO A 298 -24.08 -16.31 34.08
N GLY A 299 -25.06 -16.85 33.36
CA GLY A 299 -26.40 -16.29 33.34
C GLY A 299 -26.97 -16.16 31.95
N ASP A 300 -28.18 -15.61 31.84
CA ASP A 300 -28.80 -15.45 30.52
C ASP A 300 -28.18 -14.28 29.75
N ASN A 301 -27.61 -13.30 30.46
CA ASN A 301 -27.04 -12.10 29.85
C ASN A 301 -28.10 -11.35 29.03
N LYS A 302 -29.10 -10.87 29.74
CA LYS A 302 -30.33 -10.41 29.11
C LYS A 302 -30.12 -9.13 28.31
N TRP A 303 -30.95 -8.97 27.27
CA TRP A 303 -30.89 -7.86 26.32
C TRP A 303 -29.55 -7.81 25.61
N THR A 304 -29.01 -8.99 25.31
CA THR A 304 -27.88 -9.16 24.41
C THR A 304 -28.26 -10.26 23.42
N MET A 305 -28.03 -9.99 22.14
CA MET A 305 -28.55 -10.83 21.04
C MET A 305 -30.08 -10.91 21.11
N THR A 306 -30.70 -9.74 20.96
CA THR A 306 -32.15 -9.63 21.03
C THR A 306 -32.67 -8.66 19.98
N ILE A 307 -33.91 -8.88 19.58
CA ILE A 307 -34.60 -8.03 18.60
C ILE A 307 -35.35 -6.95 19.36
N PHE A 308 -35.10 -5.68 19.00
CA PHE A 308 -35.79 -4.53 19.56
C PHE A 308 -36.67 -3.84 18.53
N GLY A 309 -37.83 -3.38 19.00
CA GLY A 309 -38.59 -2.36 18.31
C GLY A 309 -38.71 -1.11 19.15
N ARG A 310 -38.09 0.00 18.72
CA ARG A 310 -37.98 1.21 19.51
C ARG A 310 -38.70 2.37 18.83
N ASP A 311 -39.17 3.31 19.64
CA ASP A 311 -39.84 4.49 19.10
C ASP A 311 -38.84 5.40 18.41
N ALA A 312 -39.32 6.07 17.36
CA ALA A 312 -38.44 6.92 16.55
C ALA A 312 -38.14 8.26 17.20
N ASP A 313 -39.08 8.82 17.96
CA ASP A 313 -38.91 10.16 18.51
C ASP A 313 -38.31 10.13 19.92
N THR A 314 -38.97 9.46 20.86
CA THR A 314 -38.50 9.41 22.23
C THR A 314 -37.50 8.30 22.48
N GLY A 315 -37.43 7.31 21.60
CA GLY A 315 -36.48 6.22 21.76
C GLY A 315 -36.93 5.10 22.67
N GLU A 316 -38.13 5.18 23.24
CA GLU A 316 -38.59 4.16 24.16
C GLU A 316 -38.87 2.85 23.43
N ALA A 317 -38.57 1.74 24.10
CA ALA A 317 -38.72 0.42 23.52
C ALA A 317 -40.12 -0.13 23.77
N LYS A 318 -40.71 -0.73 22.74
CA LYS A 318 -42.02 -1.35 22.83
C LYS A 318 -41.95 -2.85 23.07
N PHE A 319 -41.02 -3.55 22.41
CA PHE A 319 -40.87 -4.97 22.64
C PHE A 319 -39.45 -5.40 22.31
N GLY A 320 -39.02 -6.45 23.00
CA GLY A 320 -37.75 -7.08 22.71
C GLY A 320 -37.85 -8.58 22.93
N TYR A 321 -37.15 -9.33 22.08
CA TYR A 321 -37.21 -10.78 22.14
C TYR A 321 -35.82 -11.36 22.00
N GLN A 322 -35.43 -12.24 22.92
CA GLN A 322 -34.10 -12.81 22.93
C GLN A 322 -34.05 -14.11 22.15
N LYS A 323 -32.97 -14.29 21.38
CA LYS A 323 -32.84 -15.42 20.47
C LYS A 323 -31.96 -16.54 21.04
N THR A 324 -30.72 -16.21 21.39
CA THR A 324 -29.75 -17.21 21.87
C THR A 324 -29.32 -16.85 23.29
N PRO A 325 -29.91 -17.47 24.30
CA PRO A 325 -29.49 -17.18 25.69
C PRO A 325 -28.16 -17.84 26.02
N HIS A 326 -27.24 -17.05 26.55
CA HIS A 326 -25.93 -17.51 27.02
C HIS A 326 -25.16 -18.22 25.90
N ASP A 327 -24.84 -17.43 24.89
CA ASP A 327 -24.19 -17.95 23.69
C ASP A 327 -22.84 -18.59 24.01
N GLU A 328 -22.54 -19.68 23.31
CA GLU A 328 -21.28 -20.39 23.47
C GLU A 328 -20.48 -20.56 22.18
N TRP A 329 -21.08 -20.29 21.02
CA TRP A 329 -20.41 -20.53 19.74
C TRP A 329 -19.86 -19.27 19.10
N ASP A 330 -19.93 -18.13 19.79
CA ASP A 330 -19.47 -16.85 19.27
C ASP A 330 -20.17 -16.49 17.95
N TYR A 331 -21.49 -16.49 18.00
CA TYR A 331 -22.32 -16.08 16.87
C TYR A 331 -22.48 -14.56 16.89
N ALA A 332 -23.39 -14.05 16.07
CA ALA A 332 -23.69 -12.62 16.06
C ALA A 332 -25.06 -12.43 15.40
N GLY A 333 -26.03 -11.94 16.17
CA GLY A 333 -27.36 -11.70 15.65
C GLY A 333 -27.56 -10.29 15.13
N VAL A 334 -26.88 -9.94 14.04
CA VAL A 334 -26.91 -8.59 13.51
C VAL A 334 -27.29 -8.62 12.03
N ASN A 335 -28.11 -9.60 11.65
CA ASN A 335 -28.46 -9.78 10.24
C ASN A 335 -29.54 -8.79 9.84
N VAL A 336 -30.09 -8.97 8.64
CA VAL A 336 -31.03 -8.03 8.05
C VAL A 336 -32.44 -8.37 8.55
N MET A 337 -33.32 -7.37 8.50
CA MET A 337 -34.71 -7.51 8.92
C MET A 337 -35.62 -6.98 7.82
N MET A 338 -36.69 -7.72 7.52
CA MET A 338 -37.59 -7.35 6.43
C MET A 338 -39.01 -7.28 6.94
N LEU A 339 -39.86 -6.57 6.20
CA LEU A 339 -41.26 -6.39 6.55
C LEU A 339 -42.15 -6.82 5.39
N SER A 340 -43.32 -7.36 5.74
CA SER A 340 -44.27 -7.81 4.73
C SER A 340 -45.67 -7.87 5.34
N GLU A 341 -46.66 -8.13 4.50
CA GLU A 341 -48.04 -8.33 4.91
C GLU A 341 -48.54 -9.62 4.30
N GLN A 342 -49.00 -10.55 5.14
CA GLN A 342 -49.36 -11.87 4.65
C GLN A 342 -50.48 -12.46 5.49
N LYS A 343 -51.13 -13.49 4.95
CA LYS A 343 -52.15 -14.22 5.68
C LYS A 343 -51.50 -15.37 6.45
N ASP A 344 -51.90 -15.53 7.70
CA ASP A 344 -51.38 -16.60 8.55
C ASP A 344 -52.07 -17.91 8.19
N LYS A 345 -51.80 -18.96 8.98
CA LYS A 345 -52.39 -20.26 8.71
C LYS A 345 -53.90 -20.25 8.91
N ASP A 346 -54.37 -19.54 9.93
CA ASP A 346 -55.81 -19.47 10.18
C ASP A 346 -56.55 -18.78 9.04
N GLY A 347 -56.00 -17.68 8.52
CA GLY A 347 -56.64 -16.97 7.44
C GLY A 347 -56.81 -15.49 7.70
N LYS A 348 -56.12 -14.97 8.70
CA LYS A 348 -56.21 -13.56 9.07
C LYS A 348 -54.98 -12.81 8.59
N ALA A 349 -55.19 -11.67 7.95
CA ALA A 349 -54.08 -10.88 7.44
C ALA A 349 -53.33 -10.23 8.59
N ARG A 350 -51.99 -10.33 8.55
CA ARG A 350 -51.15 -9.79 9.59
C ARG A 350 -49.94 -9.09 8.96
N LYS A 351 -49.39 -8.14 9.71
CA LYS A 351 -48.18 -7.41 9.35
C LYS A 351 -47.01 -8.07 10.06
N LEU A 352 -46.06 -8.57 9.29
CA LEU A 352 -45.01 -9.43 9.83
C LEU A 352 -43.63 -8.86 9.52
N LEU A 353 -42.67 -9.23 10.37
CA LEU A 353 -41.26 -8.96 10.14
C LEU A 353 -40.47 -10.26 10.22
N THR A 354 -39.54 -10.41 9.27
CA THR A 354 -38.75 -11.62 9.10
C THR A 354 -37.29 -11.32 9.37
N HIS A 355 -36.63 -12.22 10.12
CA HIS A 355 -35.24 -12.04 10.50
C HIS A 355 -34.46 -13.35 10.40
N PRO A 356 -33.50 -13.45 9.50
CA PRO A 356 -32.56 -14.57 9.54
C PRO A 356 -31.52 -14.37 10.64
N ASP A 357 -30.94 -15.49 11.06
CA ASP A 357 -29.96 -15.46 12.14
C ASP A 357 -28.81 -16.41 11.81
N ARG A 358 -27.66 -16.14 12.42
CA ARG A 358 -26.48 -16.94 12.14
C ARG A 358 -26.59 -18.35 12.69
N ASN A 359 -27.40 -18.55 13.74
CA ASN A 359 -27.50 -19.85 14.38
C ASN A 359 -28.33 -20.86 13.59
N GLY A 360 -28.75 -20.52 12.38
CA GLY A 360 -29.49 -21.43 11.55
C GLY A 360 -30.99 -21.37 11.69
N ILE A 361 -31.54 -20.37 12.37
CA ILE A 361 -32.97 -20.25 12.61
C ILE A 361 -33.45 -18.96 11.99
N VAL A 362 -34.55 -19.03 11.24
CA VAL A 362 -35.22 -17.87 10.69
C VAL A 362 -36.49 -17.62 11.50
N TYR A 363 -36.71 -16.36 11.88
CA TYR A 363 -37.82 -15.95 12.73
C TYR A 363 -38.80 -15.09 11.95
N THR A 364 -40.08 -15.20 12.28
CA THR A 364 -41.12 -14.37 11.71
C THR A 364 -42.05 -13.96 12.83
N LEU A 365 -42.10 -12.66 13.12
CA LEU A 365 -42.83 -12.09 14.23
C LEU A 365 -43.84 -11.07 13.75
N ASP A 366 -44.65 -10.58 14.69
CA ASP A 366 -45.64 -9.54 14.44
C ASP A 366 -45.05 -8.19 14.81
N ARG A 367 -45.20 -7.21 13.90
CA ARG A 367 -44.58 -5.90 14.12
C ARG A 367 -45.32 -5.09 15.17
N THR A 368 -46.63 -5.30 15.32
CA THR A 368 -47.42 -4.46 16.23
C THR A 368 -47.06 -4.71 17.68
N ASP A 369 -47.02 -5.98 18.10
CA ASP A 369 -46.79 -6.32 19.50
C ASP A 369 -45.55 -7.15 19.73
N GLY A 370 -45.30 -8.17 18.90
CA GLY A 370 -44.11 -8.97 19.04
C GLY A 370 -44.38 -10.45 19.23
N ALA A 371 -45.59 -10.89 18.88
CA ALA A 371 -45.94 -12.29 19.03
C ALA A 371 -45.12 -13.15 18.07
N LEU A 372 -44.72 -14.32 18.55
CA LEU A 372 -43.94 -15.25 17.75
C LEU A 372 -44.88 -16.00 16.81
N VAL A 373 -44.71 -15.79 15.51
CA VAL A 373 -45.58 -16.40 14.50
C VAL A 373 -44.95 -17.64 13.90
N SER A 374 -43.66 -17.60 13.57
CA SER A 374 -43.01 -18.76 12.98
C SER A 374 -41.53 -18.77 13.30
N ALA A 375 -40.96 -19.97 13.40
CA ALA A 375 -39.53 -20.16 13.59
C ALA A 375 -39.12 -21.46 12.91
N ASN A 376 -38.15 -21.38 11.99
CA ASN A 376 -37.80 -22.54 11.18
C ASN A 376 -36.30 -22.62 11.00
N LYS A 377 -35.85 -23.70 10.37
CA LYS A 377 -34.44 -23.98 10.15
C LYS A 377 -34.10 -23.75 8.68
N LEU A 378 -32.98 -23.07 8.44
CA LEU A 378 -32.57 -22.77 7.06
C LEU A 378 -32.23 -24.03 6.28
N ASP A 379 -31.54 -24.98 6.91
CA ASP A 379 -31.15 -26.22 6.26
C ASP A 379 -31.44 -27.38 7.21
N ASP A 380 -31.42 -28.59 6.64
CA ASP A 380 -31.67 -29.80 7.41
C ASP A 380 -30.41 -30.38 8.03
N THR A 381 -29.27 -29.72 7.87
CA THR A 381 -28.00 -30.16 8.45
C THR A 381 -27.55 -29.22 9.56
N VAL A 382 -28.50 -28.72 10.35
CA VAL A 382 -28.16 -27.77 11.40
C VAL A 382 -27.54 -28.49 12.60
N ASN A 383 -28.30 -29.39 13.23
CA ASN A 383 -27.84 -30.30 14.28
C ASN A 383 -27.23 -29.60 15.49
N VAL A 384 -27.35 -28.27 15.58
CA VAL A 384 -26.97 -27.55 16.79
C VAL A 384 -28.20 -27.18 17.61
N PHE A 385 -29.37 -27.08 16.98
CA PHE A 385 -30.64 -26.87 17.67
C PHE A 385 -31.63 -27.89 17.14
N LYS A 386 -32.25 -28.64 18.04
CA LYS A 386 -33.24 -29.63 17.60
C LYS A 386 -34.45 -28.95 16.98
N SER A 387 -34.95 -27.91 17.63
CA SER A 387 -36.09 -27.14 17.15
C SER A 387 -36.22 -25.90 18.03
N VAL A 388 -37.19 -25.05 17.70
CA VAL A 388 -37.53 -23.88 18.51
C VAL A 388 -38.99 -24.00 18.91
N ASP A 389 -39.26 -23.90 20.21
CA ASP A 389 -40.62 -24.05 20.71
C ASP A 389 -41.38 -22.73 20.54
N LEU A 390 -42.53 -22.80 19.87
CA LEU A 390 -43.32 -21.60 19.61
C LEU A 390 -44.04 -21.12 20.86
N LYS A 391 -44.51 -22.05 21.70
CA LYS A 391 -45.31 -21.67 22.87
C LYS A 391 -44.47 -20.89 23.88
N THR A 392 -43.24 -21.33 24.13
CA THR A 392 -42.41 -20.71 25.15
C THR A 392 -41.26 -19.88 24.60
N GLY A 393 -40.89 -20.07 23.34
CA GLY A 393 -39.84 -19.27 22.74
C GLY A 393 -38.43 -19.71 23.06
N GLN A 394 -38.25 -20.83 23.75
CA GLN A 394 -36.89 -21.24 24.06
C GLN A 394 -36.43 -22.36 23.15
N PRO A 395 -35.21 -22.27 22.62
CA PRO A 395 -34.72 -23.31 21.73
C PRO A 395 -34.38 -24.59 22.49
N VAL A 396 -34.38 -25.70 21.75
CA VAL A 396 -34.01 -27.00 22.28
C VAL A 396 -32.58 -27.30 21.86
N ARG A 397 -31.69 -27.45 22.82
CA ARG A 397 -30.27 -27.63 22.55
C ARG A 397 -29.91 -29.12 22.48
N ASP A 398 -28.88 -29.41 21.69
CA ASP A 398 -28.31 -30.75 21.60
C ASP A 398 -26.95 -30.76 22.29
N PRO A 399 -26.80 -31.44 23.43
CA PRO A 399 -25.56 -31.32 24.20
C PRO A 399 -24.34 -31.92 23.52
N GLU A 400 -24.52 -32.81 22.56
CA GLU A 400 -23.38 -33.45 21.91
C GLU A 400 -22.56 -32.44 21.13
N TYR A 401 -23.22 -31.52 20.43
CA TYR A 401 -22.54 -30.55 19.58
C TYR A 401 -22.23 -29.26 20.31
N GLY A 402 -22.50 -29.18 21.60
CA GLY A 402 -22.17 -27.99 22.35
C GLY A 402 -20.69 -27.91 22.71
N THR A 403 -20.28 -26.71 23.09
CA THR A 403 -18.92 -26.46 23.53
C THR A 403 -18.87 -26.65 25.05
N ARG A 404 -17.78 -26.25 25.69
CA ARG A 404 -17.53 -26.31 27.14
C ARG A 404 -17.42 -27.74 27.66
N MET A 405 -17.57 -28.75 26.80
CA MET A 405 -17.43 -30.14 27.20
C MET A 405 -15.98 -30.51 27.54
N ASP A 406 -15.03 -29.64 27.23
CA ASP A 406 -13.60 -29.84 27.48
C ASP A 406 -13.02 -31.00 26.68
N HIS A 407 -13.63 -31.34 25.55
CA HIS A 407 -13.12 -32.37 24.67
C HIS A 407 -13.21 -31.85 23.23
N LEU A 408 -12.95 -32.74 22.27
CA LEU A 408 -13.00 -32.39 20.86
C LEU A 408 -14.44 -32.50 20.36
N ALA A 409 -15.11 -31.36 20.24
CA ALA A 409 -16.43 -31.32 19.61
C ALA A 409 -16.25 -31.24 18.10
N LYS A 410 -16.94 -32.11 17.37
CA LYS A 410 -16.73 -32.25 15.95
C LYS A 410 -18.05 -32.11 15.19
N ASP A 411 -17.93 -31.72 13.93
CA ASP A 411 -19.07 -31.61 13.01
C ASP A 411 -20.13 -30.64 13.53
N ILE A 412 -19.70 -29.53 14.10
CA ILE A 412 -20.62 -28.48 14.53
C ILE A 412 -20.93 -27.62 13.32
N CYS A 413 -22.22 -27.52 12.98
CA CYS A 413 -22.67 -26.70 11.86
C CYS A 413 -23.80 -25.82 12.38
N PRO A 414 -23.83 -24.53 12.04
CA PRO A 414 -22.88 -23.77 11.23
C PRO A 414 -21.63 -23.36 12.00
N SER A 415 -20.65 -22.83 11.27
CA SER A 415 -19.41 -22.37 11.88
C SER A 415 -19.59 -20.99 12.50
N ALA A 416 -18.48 -20.34 12.85
CA ALA A 416 -18.55 -18.99 13.42
C ALA A 416 -19.15 -18.01 12.42
N MET A 417 -18.80 -18.15 11.14
CA MET A 417 -19.42 -17.32 10.11
C MET A 417 -20.92 -17.58 9.99
N GLY A 418 -21.35 -18.82 10.24
CA GLY A 418 -22.76 -19.14 10.25
C GLY A 418 -23.33 -19.43 8.87
N TYR A 419 -24.56 -19.93 8.83
CA TYR A 419 -25.23 -20.15 7.56
C TYR A 419 -25.50 -18.86 6.82
N HIS A 420 -25.86 -17.79 7.52
CA HIS A 420 -26.21 -16.53 6.88
C HIS A 420 -25.10 -15.50 7.09
N ASN A 421 -24.74 -14.83 6.01
CA ASN A 421 -23.71 -13.80 6.01
C ASN A 421 -24.30 -12.47 6.45
N GLN A 422 -23.55 -11.40 6.23
CA GLN A 422 -23.98 -10.04 6.54
C GLN A 422 -24.64 -9.36 5.34
N GLY A 423 -25.10 -10.13 4.37
CA GLY A 423 -25.66 -9.56 3.15
C GLY A 423 -27.09 -9.10 3.31
N HIS A 424 -27.66 -8.66 2.19
CA HIS A 424 -29.02 -8.12 2.14
C HIS A 424 -29.84 -8.99 1.19
N ASP A 425 -30.75 -9.79 1.73
CA ASP A 425 -31.55 -10.70 0.94
C ASP A 425 -32.69 -9.94 0.25
N SER A 426 -33.58 -10.66 -0.43
CA SER A 426 -34.62 -10.01 -1.22
C SER A 426 -35.98 -10.65 -0.99
N TYR A 427 -37.03 -9.89 -1.30
CA TYR A 427 -38.41 -10.32 -1.13
C TYR A 427 -39.22 -9.99 -2.37
N ASP A 428 -40.02 -10.95 -2.82
CA ASP A 428 -40.94 -10.78 -3.94
C ASP A 428 -42.37 -10.80 -3.42
N PRO A 429 -43.11 -9.68 -3.53
CA PRO A 429 -44.46 -9.64 -2.95
C PRO A 429 -45.49 -10.41 -3.74
N LYS A 430 -45.49 -10.33 -5.07
CA LYS A 430 -46.50 -11.00 -5.87
C LYS A 430 -46.43 -12.52 -5.70
N ARG A 431 -45.21 -13.07 -5.70
CA ARG A 431 -45.01 -14.49 -5.45
C ARG A 431 -44.91 -14.82 -3.97
N GLU A 432 -44.74 -13.81 -3.12
CA GLU A 432 -44.58 -13.99 -1.67
C GLU A 432 -43.42 -14.95 -1.37
N LEU A 433 -42.23 -14.56 -1.84
CA LEU A 433 -41.05 -15.41 -1.70
C LEU A 433 -39.88 -14.61 -1.16
N PHE A 434 -38.98 -15.30 -0.46
CA PHE A 434 -37.75 -14.71 0.04
C PHE A 434 -36.57 -15.37 -0.65
N PHE A 435 -35.72 -14.56 -1.26
CA PHE A 435 -34.51 -15.06 -1.93
C PHE A 435 -33.31 -14.78 -1.05
N MET A 436 -32.59 -15.84 -0.69
CA MET A 436 -31.53 -15.76 0.30
C MET A 436 -30.30 -16.54 -0.17
N GLY A 437 -29.14 -16.10 0.31
CA GLY A 437 -27.89 -16.81 0.09
C GLY A 437 -27.33 -17.34 1.40
N ILE A 438 -27.08 -18.64 1.46
CA ILE A 438 -26.79 -19.33 2.71
C ILE A 438 -25.42 -20.01 2.60
N ASN A 439 -24.58 -19.77 3.60
CA ASN A 439 -23.28 -20.41 3.65
C ASN A 439 -23.43 -21.89 3.98
N HIS A 440 -22.41 -22.68 3.63
CA HIS A 440 -22.41 -24.11 3.94
C HIS A 440 -21.01 -24.49 4.41
N ILE A 441 -20.78 -24.34 5.72
CA ILE A 441 -19.49 -24.61 6.34
C ILE A 441 -19.72 -25.29 7.69
N CYS A 442 -18.85 -26.22 8.05
CA CYS A 442 -18.92 -26.88 9.36
C CYS A 442 -17.59 -26.72 10.09
N MET A 443 -17.67 -26.82 11.42
CA MET A 443 -16.64 -26.32 12.32
C MET A 443 -16.23 -27.38 13.32
N ASP A 444 -14.97 -27.32 13.73
CA ASP A 444 -14.41 -28.10 14.83
C ASP A 444 -13.99 -27.15 15.95
N TRP A 445 -13.76 -27.72 17.14
CA TRP A 445 -13.45 -26.91 18.32
C TRP A 445 -12.62 -27.73 19.29
N GLU A 446 -11.43 -27.25 19.62
CA GLU A 446 -10.58 -27.95 20.57
C GLU A 446 -9.98 -26.98 21.59
N PRO A 447 -10.38 -27.06 22.84
CA PRO A 447 -9.77 -26.21 23.87
C PRO A 447 -8.41 -26.73 24.31
N PHE A 448 -7.63 -25.83 24.89
CA PHE A 448 -6.31 -26.19 25.38
C PHE A 448 -5.88 -25.22 26.47
N MET A 449 -4.99 -25.70 27.34
CA MET A 449 -4.40 -24.91 28.41
C MET A 449 -2.91 -25.22 28.48
N LEU A 450 -2.10 -24.17 28.58
CA LEU A 450 -0.65 -24.30 28.58
C LEU A 450 -0.10 -23.62 29.83
N PRO A 451 0.61 -24.34 30.69
CA PRO A 451 1.24 -23.70 31.86
C PRO A 451 2.52 -22.97 31.46
N TYR A 452 3.07 -22.22 32.40
CA TYR A 452 4.26 -21.42 32.17
C TYR A 452 5.04 -21.41 33.47
N ARG A 453 5.96 -20.44 33.62
CA ARG A 453 6.98 -20.48 34.65
C ARG A 453 6.45 -20.24 36.06
N ALA A 454 5.93 -19.05 36.35
CA ALA A 454 5.65 -18.63 37.72
C ALA A 454 4.16 -18.39 37.90
N GLY A 455 3.42 -19.45 38.21
CA GLY A 455 2.01 -19.32 38.51
C GLY A 455 1.21 -18.70 37.38
N GLN A 456 1.52 -19.05 36.15
CA GLN A 456 0.95 -18.41 34.98
C GLN A 456 0.53 -19.47 33.97
N PHE A 457 -0.61 -19.26 33.32
CA PHE A 457 -1.08 -20.20 32.31
C PHE A 457 -1.90 -19.44 31.28
N PHE A 458 -2.06 -20.08 30.11
CA PHE A 458 -2.84 -19.52 29.01
C PHE A 458 -3.88 -20.53 28.57
N VAL A 459 -5.13 -20.07 28.44
CA VAL A 459 -6.25 -20.91 28.05
C VAL A 459 -6.81 -20.40 26.73
N GLY A 460 -7.14 -21.32 25.84
CA GLY A 460 -7.63 -20.92 24.53
C GLY A 460 -8.32 -22.06 23.81
N ALA A 461 -8.66 -21.81 22.55
CA ALA A 461 -9.33 -22.81 21.73
C ALA A 461 -8.90 -22.66 20.28
N THR A 462 -8.82 -23.78 19.58
CA THR A 462 -8.46 -23.81 18.18
C THR A 462 -9.64 -24.33 17.35
N LEU A 463 -9.75 -23.82 16.13
CA LEU A 463 -10.90 -24.04 15.28
C LEU A 463 -10.47 -24.50 13.89
N ASN A 464 -11.25 -25.39 13.29
CA ASN A 464 -11.06 -25.83 11.92
C ASN A 464 -12.37 -25.67 11.18
N MET A 465 -12.29 -25.27 9.90
CA MET A 465 -13.47 -25.05 9.07
C MET A 465 -13.35 -25.84 7.79
N TYR A 466 -14.41 -26.57 7.44
CA TYR A 466 -14.39 -27.42 6.26
C TYR A 466 -15.77 -27.45 5.62
N PRO A 467 -15.84 -27.77 4.32
CA PRO A 467 -17.13 -27.75 3.61
C PRO A 467 -18.11 -28.78 4.14
N GLY A 468 -19.39 -28.51 3.88
CA GLY A 468 -20.46 -29.31 4.41
C GLY A 468 -20.66 -30.60 3.65
N PRO A 469 -21.66 -31.36 4.10
CA PRO A 469 -21.88 -32.70 3.51
C PRO A 469 -22.21 -32.69 2.03
N LYS A 470 -22.89 -31.65 1.53
CA LYS A 470 -23.34 -31.64 0.15
C LYS A 470 -22.25 -31.24 -0.84
N GLY A 471 -21.09 -30.80 -0.36
CA GLY A 471 -19.99 -30.41 -1.21
C GLY A 471 -18.90 -31.46 -1.27
N ASP A 472 -17.70 -31.01 -1.61
CA ASP A 472 -16.52 -31.86 -1.68
C ASP A 472 -15.52 -31.42 -0.63
N ARG A 473 -15.07 -32.38 0.20
CA ARG A 473 -14.13 -32.06 1.26
C ARG A 473 -12.68 -32.15 0.82
N GLN A 474 -12.35 -33.09 -0.07
CA GLN A 474 -10.96 -33.26 -0.49
C GLN A 474 -10.46 -32.04 -1.25
N ASN A 475 -11.28 -31.51 -2.16
CA ASN A 475 -10.87 -30.39 -3.00
C ASN A 475 -11.27 -29.03 -2.44
N TYR A 476 -11.96 -28.99 -1.31
CA TYR A 476 -12.33 -27.74 -0.63
C TYR A 476 -13.16 -26.84 -1.54
N GLU A 477 -14.26 -27.37 -2.06
CA GLU A 477 -15.17 -26.61 -2.90
C GLU A 477 -16.61 -27.02 -2.61
N GLY A 478 -17.54 -26.13 -2.93
CA GLY A 478 -18.95 -26.37 -2.66
C GLY A 478 -19.41 -25.81 -1.34
N LEU A 479 -19.18 -24.51 -1.13
CA LEU A 479 -19.34 -23.89 0.17
C LEU A 479 -20.54 -22.96 0.26
N GLY A 480 -21.42 -22.93 -0.74
CA GLY A 480 -22.51 -21.97 -0.72
C GLY A 480 -23.77 -22.48 -1.42
N GLN A 481 -24.90 -21.90 -1.02
CA GLN A 481 -26.20 -22.25 -1.56
C GLN A 481 -27.03 -20.99 -1.76
N ILE A 482 -28.00 -21.09 -2.65
CA ILE A 482 -28.98 -20.03 -2.87
C ILE A 482 -30.38 -20.65 -2.85
N LYS A 483 -31.30 -20.03 -2.13
CA LYS A 483 -32.59 -20.65 -1.87
C LYS A 483 -33.73 -19.64 -1.96
N ALA A 484 -34.92 -20.16 -2.22
CA ALA A 484 -36.18 -19.42 -2.20
C ALA A 484 -37.08 -20.02 -1.13
N TYR A 485 -37.68 -19.17 -0.31
CA TYR A 485 -38.30 -19.58 0.94
C TYR A 485 -39.68 -18.94 1.08
N ASN A 486 -40.60 -19.67 1.71
CA ASN A 486 -41.92 -19.15 2.06
C ASN A 486 -42.05 -19.17 3.58
N ALA A 487 -42.36 -18.01 4.16
CA ALA A 487 -42.30 -17.88 5.62
C ALA A 487 -43.45 -18.59 6.30
N ILE A 488 -44.67 -18.43 5.79
CA ILE A 488 -45.85 -18.95 6.49
C ILE A 488 -45.86 -20.48 6.44
N THR A 489 -45.62 -21.06 5.26
CA THR A 489 -45.70 -22.51 5.14
C THR A 489 -44.39 -23.19 5.55
N GLY A 490 -43.26 -22.62 5.18
CA GLY A 490 -41.97 -23.19 5.50
C GLY A 490 -41.33 -24.03 4.42
N ASP A 491 -41.86 -24.00 3.20
CA ASP A 491 -41.34 -24.82 2.11
C ASP A 491 -40.26 -24.07 1.33
N TYR A 492 -39.45 -24.83 0.61
CA TYR A 492 -38.42 -24.30 -0.27
C TYR A 492 -38.78 -24.67 -1.71
N LYS A 493 -38.97 -23.65 -2.55
CA LYS A 493 -39.37 -23.92 -3.93
C LYS A 493 -38.22 -24.47 -4.76
N TRP A 494 -37.02 -23.92 -4.61
CA TRP A 494 -35.86 -24.48 -5.29
C TRP A 494 -34.61 -24.16 -4.48
N GLU A 495 -33.57 -24.97 -4.71
CA GLU A 495 -32.30 -24.87 -3.99
C GLU A 495 -31.18 -25.07 -5.00
N LYS A 496 -30.15 -24.24 -4.95
CA LYS A 496 -29.04 -24.39 -5.89
C LYS A 496 -27.71 -24.23 -5.16
N MET A 497 -26.68 -24.89 -5.71
CA MET A 497 -25.35 -24.94 -5.13
C MET A 497 -24.41 -23.98 -5.86
N GLU A 498 -23.34 -23.59 -5.17
CA GLU A 498 -22.32 -22.72 -5.74
C GLU A 498 -20.94 -23.19 -5.28
N ARG A 499 -19.91 -22.78 -6.02
CA ARG A 499 -18.56 -23.22 -5.69
C ARG A 499 -18.07 -22.60 -4.39
N PHE A 500 -18.25 -21.30 -4.22
CA PHE A 500 -17.84 -20.60 -3.02
C PHE A 500 -19.04 -19.96 -2.33
N ALA A 501 -18.77 -19.37 -1.17
CA ALA A 501 -19.82 -18.76 -0.37
C ALA A 501 -20.41 -17.54 -1.06
N VAL A 502 -21.69 -17.28 -0.79
CA VAL A 502 -22.41 -16.15 -1.37
C VAL A 502 -22.46 -15.06 -0.31
N TRP A 503 -21.62 -14.05 -0.45
CA TRP A 503 -21.56 -12.91 0.46
C TRP A 503 -22.01 -11.67 -0.29
N GLY A 504 -22.96 -10.94 0.29
CA GLY A 504 -23.38 -9.67 -0.29
C GLY A 504 -24.87 -9.47 -0.46
N GLY A 505 -25.59 -10.54 -0.81
CA GLY A 505 -27.03 -10.46 -0.94
C GLY A 505 -27.48 -10.64 -2.38
N THR A 506 -28.79 -10.50 -2.56
CA THR A 506 -29.45 -10.72 -3.85
C THR A 506 -30.40 -9.57 -4.15
N MET A 507 -30.83 -9.50 -5.41
CA MET A 507 -31.85 -8.56 -5.84
C MET A 507 -32.90 -9.29 -6.66
N ALA A 508 -34.15 -8.84 -6.54
CA ALA A 508 -35.26 -9.43 -7.27
C ALA A 508 -35.89 -8.40 -8.19
N THR A 509 -36.38 -8.84 -9.35
CA THR A 509 -36.95 -7.95 -10.34
C THR A 509 -38.30 -8.48 -10.80
N ALA A 510 -39.21 -7.57 -11.12
CA ALA A 510 -40.54 -7.94 -11.61
C ALA A 510 -40.51 -8.52 -13.02
N GLY A 511 -39.33 -8.65 -13.63
CA GLY A 511 -39.22 -9.30 -14.92
C GLY A 511 -38.85 -10.76 -14.77
N ASP A 512 -39.16 -11.32 -13.60
CA ASP A 512 -38.88 -12.71 -13.27
C ASP A 512 -37.38 -13.00 -13.28
N LEU A 513 -36.62 -12.26 -12.48
CA LEU A 513 -35.17 -12.44 -12.44
C LEU A 513 -34.67 -12.21 -11.02
N VAL A 514 -33.63 -12.97 -10.67
CA VAL A 514 -32.90 -12.81 -9.41
C VAL A 514 -31.43 -12.61 -9.74
N PHE A 515 -30.86 -11.50 -9.29
CA PHE A 515 -29.48 -11.13 -9.58
C PHE A 515 -28.62 -11.31 -8.34
N TYR A 516 -27.42 -11.85 -8.53
CA TYR A 516 -26.48 -11.93 -7.40
C TYR A 516 -25.05 -12.05 -7.91
N GLY A 517 -24.12 -11.68 -7.03
CA GLY A 517 -22.70 -11.76 -7.31
C GLY A 517 -22.03 -12.89 -6.54
N THR A 518 -20.81 -13.21 -6.96
CA THR A 518 -20.07 -14.35 -6.45
C THR A 518 -18.63 -13.96 -6.15
N LEU A 519 -18.04 -14.62 -5.15
CA LEU A 519 -16.65 -14.37 -4.79
C LEU A 519 -15.67 -14.80 -5.89
N ASP A 520 -16.11 -15.66 -6.81
CA ASP A 520 -15.26 -16.03 -7.94
C ASP A 520 -15.00 -14.84 -8.85
N GLY A 521 -15.97 -13.96 -9.01
CA GLY A 521 -15.83 -12.85 -9.94
C GLY A 521 -16.85 -12.87 -11.04
N TYR A 522 -18.05 -13.37 -10.76
CA TYR A 522 -19.14 -13.40 -11.73
C TYR A 522 -20.36 -12.66 -11.18
N LEU A 523 -21.13 -12.09 -12.10
CA LEU A 523 -22.47 -11.61 -11.83
C LEU A 523 -23.45 -12.51 -12.58
N LYS A 524 -24.44 -13.04 -11.86
CA LYS A 524 -25.32 -14.08 -12.39
C LYS A 524 -26.78 -13.68 -12.22
N ALA A 525 -27.60 -14.14 -13.17
CA ALA A 525 -29.04 -13.93 -13.15
C ALA A 525 -29.75 -15.27 -13.28
N ARG A 526 -30.74 -15.51 -12.42
CA ARG A 526 -31.48 -16.76 -12.39
C ARG A 526 -32.96 -16.50 -12.56
N ASP A 527 -33.67 -17.51 -13.06
CA ASP A 527 -35.12 -17.45 -13.20
C ASP A 527 -35.78 -17.62 -11.83
N SER A 528 -36.86 -16.85 -11.61
CA SER A 528 -37.47 -16.82 -10.29
C SER A 528 -38.26 -18.09 -10.00
N ASP A 529 -39.03 -18.58 -10.97
CA ASP A 529 -39.94 -19.68 -10.72
C ASP A 529 -39.19 -21.01 -10.55
N THR A 530 -38.23 -21.28 -11.43
CA THR A 530 -37.55 -22.57 -11.47
C THR A 530 -36.13 -22.52 -10.92
N GLY A 531 -35.36 -21.49 -11.25
CA GLY A 531 -33.99 -21.38 -10.81
C GLY A 531 -32.93 -21.68 -11.85
N ASP A 532 -33.33 -21.85 -13.11
CA ASP A 532 -32.36 -22.11 -14.16
C ASP A 532 -31.44 -20.92 -14.37
N LEU A 533 -30.17 -21.20 -14.65
CA LEU A 533 -29.21 -20.15 -14.91
C LEU A 533 -29.38 -19.65 -16.34
N LEU A 534 -29.49 -18.34 -16.49
CA LEU A 534 -29.76 -17.73 -17.79
C LEU A 534 -28.65 -16.82 -18.29
N TRP A 535 -27.91 -16.16 -17.39
CA TRP A 535 -26.91 -15.19 -17.81
C TRP A 535 -25.84 -15.07 -16.74
N LYS A 536 -24.58 -14.96 -17.20
CA LYS A 536 -23.43 -14.87 -16.33
C LYS A 536 -22.37 -14.02 -17.01
N PHE A 537 -21.74 -13.12 -16.25
CA PHE A 537 -20.67 -12.28 -16.77
C PHE A 537 -19.51 -12.25 -15.81
N LYS A 538 -18.31 -12.03 -16.35
CA LYS A 538 -17.07 -12.05 -15.58
C LYS A 538 -16.64 -10.62 -15.25
N ILE A 539 -16.52 -10.31 -13.97
CA ILE A 539 -16.13 -8.98 -13.50
C ILE A 539 -14.70 -9.06 -12.98
N PRO A 540 -13.97 -7.94 -12.87
CA PRO A 540 -12.53 -8.03 -12.55
C PRO A 540 -12.21 -8.76 -11.25
N SER A 541 -13.02 -8.59 -10.20
CA SER A 541 -12.73 -9.20 -8.91
C SER A 541 -14.04 -9.64 -8.27
N GLY A 542 -13.92 -10.27 -7.10
CA GLY A 542 -15.09 -10.75 -6.41
C GLY A 542 -15.95 -9.62 -5.86
N ALA A 543 -17.20 -9.96 -5.58
CA ALA A 543 -18.18 -9.00 -5.10
C ALA A 543 -18.69 -9.42 -3.73
N ILE A 544 -18.71 -8.49 -2.79
CA ILE A 544 -19.29 -8.73 -1.47
C ILE A 544 -20.40 -7.71 -1.21
N GLY A 545 -21.00 -7.20 -2.28
CA GLY A 545 -22.12 -6.28 -2.17
C GLY A 545 -23.36 -6.81 -2.86
N TYR A 546 -24.33 -5.94 -3.11
CA TYR A 546 -25.55 -6.34 -3.79
C TYR A 546 -25.84 -5.39 -4.96
N PRO A 547 -26.44 -5.90 -6.03
CA PRO A 547 -26.67 -5.07 -7.21
C PRO A 547 -27.81 -4.09 -7.01
N MET A 548 -27.82 -3.06 -7.86
CA MET A 548 -28.92 -2.11 -7.86
C MET A 548 -29.33 -1.80 -9.29
N THR A 549 -30.57 -1.34 -9.46
CA THR A 549 -31.10 -1.05 -10.79
C THR A 549 -31.79 0.30 -10.79
N TYR A 550 -31.81 0.94 -11.97
CA TYR A 550 -32.46 2.23 -12.12
C TYR A 550 -32.72 2.48 -13.60
N THR A 551 -33.34 3.63 -13.89
CA THR A 551 -33.58 4.09 -15.26
C THR A 551 -33.23 5.56 -15.37
N HIS A 552 -32.53 5.93 -16.43
CA HIS A 552 -32.16 7.32 -16.67
C HIS A 552 -33.05 7.99 -17.71
N LYS A 553 -33.05 7.48 -18.94
CA LYS A 553 -33.94 7.98 -20.00
C LYS A 553 -34.44 6.78 -20.79
N GLY A 554 -35.54 6.19 -20.32
CA GLY A 554 -36.13 5.06 -21.01
C GLY A 554 -35.23 3.85 -21.13
N THR A 555 -34.17 3.77 -20.33
CA THR A 555 -33.23 2.66 -20.39
C THR A 555 -32.91 2.19 -18.99
N GLN A 556 -32.87 0.87 -18.80
CA GLN A 556 -32.62 0.28 -17.50
C GLN A 556 -31.15 -0.07 -17.35
N TYR A 557 -30.56 0.30 -16.22
CA TYR A 557 -29.17 0.04 -15.91
C TYR A 557 -29.07 -0.75 -14.61
N VAL A 558 -28.15 -1.70 -14.58
CA VAL A 558 -27.87 -2.53 -13.41
C VAL A 558 -26.40 -2.35 -13.02
N ALA A 559 -26.16 -1.85 -11.81
CA ALA A 559 -24.82 -1.52 -11.35
C ALA A 559 -24.42 -2.40 -10.18
N ILE A 560 -23.12 -2.70 -10.11
CA ILE A 560 -22.58 -3.54 -9.04
C ILE A 560 -21.13 -3.14 -8.75
N TYR A 561 -20.77 -3.24 -7.47
CA TYR A 561 -19.41 -3.05 -7.00
C TYR A 561 -18.56 -4.29 -7.29
N TYR A 562 -17.25 -4.12 -7.17
CA TYR A 562 -16.32 -5.26 -7.20
C TYR A 562 -15.10 -4.92 -6.36
N GLY A 563 -14.55 -5.95 -5.73
CA GLY A 563 -13.46 -5.81 -4.78
C GLY A 563 -13.66 -6.73 -3.60
N VAL A 564 -12.66 -7.55 -3.29
CA VAL A 564 -12.82 -8.63 -2.31
C VAL A 564 -12.00 -8.29 -1.06
N GLY A 565 -12.47 -8.78 0.07
CA GLY A 565 -11.81 -8.53 1.34
C GLY A 565 -12.63 -9.08 2.48
N GLY A 566 -12.34 -8.57 3.68
CA GLY A 566 -13.08 -9.02 4.84
C GLY A 566 -12.67 -10.42 5.30
N TRP A 567 -13.60 -11.06 6.01
CA TRP A 567 -13.34 -12.40 6.53
C TRP A 567 -13.07 -13.43 5.44
N PRO A 568 -13.88 -13.53 4.36
CA PRO A 568 -13.59 -14.57 3.36
C PRO A 568 -12.21 -14.43 2.71
N GLY A 569 -11.72 -13.21 2.54
CA GLY A 569 -10.45 -13.01 1.87
C GLY A 569 -9.36 -12.47 2.77
N VAL A 570 -9.32 -12.92 4.02
CA VAL A 570 -8.28 -12.48 4.93
C VAL A 570 -6.91 -13.01 4.47
N GLY A 571 -6.85 -14.26 4.06
CA GLY A 571 -5.58 -14.83 3.63
C GLY A 571 -5.07 -14.21 2.34
N LEU A 572 -5.96 -13.96 1.39
CA LEU A 572 -5.57 -13.33 0.14
C LEU A 572 -5.07 -11.90 0.38
N VAL A 573 -5.74 -11.16 1.25
CA VAL A 573 -5.39 -9.77 1.48
C VAL A 573 -4.09 -9.65 2.27
N PHE A 574 -3.98 -10.37 3.38
CA PHE A 574 -2.85 -10.22 4.29
C PHE A 574 -1.73 -11.22 4.05
N ASP A 575 -1.86 -12.07 3.03
CA ASP A 575 -0.82 -13.05 2.67
C ASP A 575 -0.49 -13.96 3.85
N LEU A 576 -1.52 -14.61 4.40
CA LEU A 576 -1.37 -15.53 5.51
C LEU A 576 -1.53 -16.96 5.01
N ALA A 577 -0.60 -17.83 5.38
CA ALA A 577 -0.61 -19.22 4.95
C ALA A 577 -0.95 -20.20 6.06
N ASP A 578 -1.02 -19.76 7.31
CA ASP A 578 -1.34 -20.65 8.41
C ASP A 578 -2.82 -21.00 8.40
N PRO A 579 -3.19 -22.28 8.35
CA PRO A 579 -4.62 -22.62 8.35
C PRO A 579 -5.36 -22.16 9.59
N THR A 580 -4.71 -22.13 10.75
CA THR A 580 -5.38 -21.73 11.97
C THR A 580 -5.60 -20.22 12.03
N ALA A 581 -4.81 -19.46 11.28
CA ALA A 581 -4.95 -18.01 11.30
C ALA A 581 -6.31 -17.60 10.75
N GLY A 582 -6.88 -16.54 11.33
CA GLY A 582 -8.20 -16.10 10.94
C GLY A 582 -9.32 -17.00 11.40
N LEU A 583 -9.11 -17.76 12.48
CA LEU A 583 -10.10 -18.71 13.00
C LEU A 583 -10.51 -19.72 11.94
N GLY A 584 -9.52 -20.21 11.18
CA GLY A 584 -9.77 -21.20 10.15
C GLY A 584 -10.27 -20.66 8.84
N ALA A 585 -10.36 -19.33 8.68
CA ALA A 585 -10.82 -18.77 7.42
C ALA A 585 -9.87 -19.10 6.29
N VAL A 586 -8.56 -19.05 6.56
CA VAL A 586 -7.57 -19.33 5.52
C VAL A 586 -7.71 -20.77 5.03
N GLY A 587 -7.91 -21.71 5.95
CA GLY A 587 -8.02 -23.10 5.56
C GLY A 587 -9.25 -23.37 4.69
N ALA A 588 -10.39 -22.80 5.06
CA ALA A 588 -11.61 -23.04 4.30
C ALA A 588 -11.56 -22.38 2.93
N PHE A 589 -10.93 -21.20 2.84
CA PHE A 589 -10.86 -20.43 1.61
C PHE A 589 -9.45 -20.42 1.04
N LYS A 590 -8.76 -21.56 1.10
CA LYS A 590 -7.39 -21.64 0.62
C LYS A 590 -7.30 -21.63 -0.90
N LYS A 591 -8.37 -21.97 -1.59
CA LYS A 591 -8.36 -22.06 -3.05
C LYS A 591 -8.94 -20.83 -3.73
N LEU A 592 -9.21 -19.76 -2.98
CA LEU A 592 -9.75 -18.55 -3.58
C LEU A 592 -8.72 -17.84 -4.46
N ALA A 593 -7.44 -17.99 -4.12
CA ALA A 593 -6.38 -17.31 -4.87
C ALA A 593 -6.19 -17.87 -6.27
N ASN A 594 -6.78 -19.02 -6.58
CA ASN A 594 -6.68 -19.59 -7.92
C ASN A 594 -7.74 -19.04 -8.88
N TYR A 595 -8.63 -18.17 -8.41
CA TYR A 595 -9.71 -17.66 -9.24
C TYR A 595 -9.85 -16.15 -9.23
N THR A 596 -9.25 -15.43 -8.29
CA THR A 596 -9.48 -14.00 -8.18
C THR A 596 -8.27 -13.33 -7.54
N GLN A 597 -8.21 -12.01 -7.69
CA GLN A 597 -7.21 -11.17 -7.04
C GLN A 597 -7.93 -9.95 -6.48
N MET A 598 -7.15 -8.96 -6.04
CA MET A 598 -7.71 -7.80 -5.38
C MET A 598 -8.05 -6.69 -6.37
N GLY A 599 -8.84 -5.73 -5.92
CA GLY A 599 -9.25 -4.62 -6.75
C GLY A 599 -10.36 -3.84 -6.09
N GLY A 600 -10.94 -2.93 -6.86
CA GLY A 600 -12.07 -2.16 -6.38
C GLY A 600 -12.65 -1.21 -7.42
N GLY A 601 -13.98 -1.20 -7.56
CA GLY A 601 -14.62 -0.31 -8.51
C GLY A 601 -16.08 -0.67 -8.71
N VAL A 602 -16.66 -0.12 -9.78
CA VAL A 602 -18.07 -0.32 -10.09
C VAL A 602 -18.23 -0.56 -11.59
N VAL A 603 -19.17 -1.42 -11.95
CA VAL A 603 -19.49 -1.75 -13.34
C VAL A 603 -20.99 -1.58 -13.56
N VAL A 604 -21.37 -1.08 -14.74
CA VAL A 604 -22.76 -0.84 -15.10
C VAL A 604 -23.11 -1.62 -16.36
N PHE A 605 -24.25 -2.30 -16.34
CA PHE A 605 -24.75 -3.11 -17.43
C PHE A 605 -26.06 -2.55 -17.97
N SER A 606 -26.27 -2.74 -19.27
CA SER A 606 -27.48 -2.29 -19.95
C SER A 606 -27.72 -3.20 -21.16
N LEU A 607 -28.93 -3.11 -21.72
CA LEU A 607 -29.27 -3.91 -22.88
C LEU A 607 -28.49 -3.45 -24.10
N ASP A 608 -27.88 -4.41 -24.79
CA ASP A 608 -27.08 -4.19 -26.00
C ASP A 608 -25.93 -3.22 -25.78
N GLY A 609 -25.57 -2.92 -24.53
CA GLY A 609 -24.49 -2.00 -24.26
C GLY A 609 -24.82 -0.55 -24.54
N LYS A 610 -26.10 -0.20 -24.66
CA LYS A 610 -26.48 1.18 -24.92
C LYS A 610 -26.13 2.05 -23.72
N GLY A 611 -25.52 3.20 -23.98
CA GLY A 611 -25.04 4.06 -22.92
C GLY A 611 -24.90 5.50 -23.34
N PRO A 612 -24.36 6.33 -22.44
CA PRO A 612 -24.24 7.77 -22.74
C PRO A 612 -23.35 8.08 -23.91
N TYR A 613 -22.32 7.28 -24.17
CA TYR A 613 -21.33 7.57 -25.19
C TYR A 613 -21.61 6.86 -26.51
N ASP A 614 -22.89 6.67 -26.85
CA ASP A 614 -23.23 6.13 -28.16
C ASP A 614 -22.77 7.07 -29.27
N ASP A 615 -22.95 8.38 -29.07
CA ASP A 615 -22.36 9.37 -29.96
C ASP A 615 -20.96 9.70 -29.45
N PRO A 616 -19.90 9.36 -30.16
CA PRO A 616 -18.55 9.53 -29.60
C PRO A 616 -18.15 10.97 -29.38
N ASN A 617 -18.82 11.94 -30.00
CA ASN A 617 -18.45 13.33 -29.87
C ASN A 617 -18.85 13.94 -28.53
N VAL A 618 -19.63 13.22 -27.72
CA VAL A 618 -20.05 13.74 -26.42
C VAL A 618 -18.90 13.56 -25.43
N GLY A 619 -18.57 14.64 -24.72
CA GLY A 619 -17.53 14.57 -23.72
C GLY A 619 -16.11 14.69 -24.22
N GLU A 620 -15.91 15.29 -25.39
CA GLU A 620 -14.58 15.48 -25.96
C GLU A 620 -14.14 16.93 -25.80
N TRP A 621 -12.85 17.15 -25.97
CA TRP A 621 -12.29 18.49 -25.86
C TRP A 621 -12.72 19.33 -27.06
N LYS A 622 -13.26 20.52 -26.79
CA LYS A 622 -13.75 21.44 -27.81
C LYS A 622 -14.73 20.76 -28.76
N GLY B 51 32.28 -31.55 22.65
CA GLY B 51 31.20 -31.54 23.62
C GLY B 51 30.15 -30.49 23.34
N THR B 52 28.89 -30.92 23.29
CA THR B 52 27.77 -30.03 23.01
C THR B 52 26.72 -30.17 24.09
N LEU B 53 25.91 -29.13 24.25
CA LEU B 53 24.85 -29.11 25.24
C LEU B 53 23.45 -29.04 24.65
N ARG B 54 23.28 -28.38 23.51
CA ARG B 54 22.00 -28.29 22.81
C ARG B 54 20.93 -27.65 23.70
N VAL B 55 21.17 -26.39 24.04
CA VAL B 55 20.30 -25.65 24.94
C VAL B 55 19.15 -25.04 24.13
N CYS B 56 17.94 -25.18 24.65
CA CYS B 56 16.75 -24.68 23.98
C CYS B 56 16.73 -23.16 24.06
N ALA B 57 16.20 -22.51 23.02
CA ALA B 57 16.21 -21.05 23.04
C ALA B 57 15.05 -20.49 22.23
N ALA B 58 14.58 -19.32 22.66
CA ALA B 58 13.54 -18.57 21.97
C ALA B 58 13.77 -17.10 22.22
N GLU B 59 13.20 -16.27 21.35
CA GLU B 59 13.41 -14.83 21.41
C GLU B 59 12.45 -14.21 22.42
N GLN B 60 12.99 -13.72 23.53
CA GLN B 60 12.20 -12.94 24.49
C GLN B 60 13.11 -12.05 25.33
N PRO B 61 12.94 -10.73 25.29
CA PRO B 61 13.74 -9.84 26.13
C PRO B 61 13.16 -9.79 27.53
N PRO B 62 14.01 -9.60 28.55
CA PRO B 62 15.47 -9.56 28.45
C PRO B 62 16.12 -10.91 28.73
N LEU B 63 15.30 -11.95 28.80
CA LEU B 63 15.81 -13.28 29.15
C LEU B 63 16.72 -13.84 28.07
N SER B 64 16.28 -13.80 26.82
CA SER B 64 17.03 -14.39 25.71
C SER B 64 17.04 -13.47 24.51
N MET B 65 18.23 -13.15 24.02
CA MET B 65 18.40 -12.39 22.79
C MET B 65 19.43 -13.10 21.92
N LYS B 66 19.40 -12.77 20.62
CA LYS B 66 20.36 -13.37 19.69
C LYS B 66 21.79 -12.97 20.02
N ASP B 67 22.00 -11.70 20.39
CA ASP B 67 23.35 -11.21 20.65
C ASP B 67 23.98 -11.82 21.89
N GLY B 68 23.21 -12.52 22.72
CA GLY B 68 23.77 -13.17 23.88
C GLY B 68 23.95 -12.29 25.09
N SER B 69 23.20 -11.20 25.21
CA SER B 69 23.30 -10.30 26.34
C SER B 69 22.30 -10.62 27.44
N GLY B 70 21.44 -11.62 27.27
CA GLY B 70 20.45 -11.93 28.27
C GLY B 70 20.99 -12.79 29.40
N LEU B 71 20.23 -12.82 30.50
CA LEU B 71 20.62 -13.61 31.67
C LEU B 71 20.75 -15.09 31.32
N GLU B 72 19.81 -15.59 30.51
CA GLU B 72 19.89 -16.97 30.04
C GLU B 72 21.22 -17.28 29.37
N ASN B 73 21.70 -16.37 28.52
CA ASN B 73 22.92 -16.64 27.77
C ASN B 73 24.13 -16.72 28.70
N ARG B 74 24.28 -15.76 29.62
CA ARG B 74 25.38 -15.80 30.56
C ARG B 74 25.33 -17.05 31.42
N ILE B 75 24.15 -17.39 31.95
CA ILE B 75 24.07 -18.52 32.87
C ILE B 75 24.32 -19.84 32.14
N ALA B 76 23.81 -19.97 30.91
CA ALA B 76 24.04 -21.17 30.14
C ALA B 76 25.52 -21.31 29.78
N THR B 77 26.17 -20.22 29.38
CA THR B 77 27.59 -20.29 29.06
C THR B 77 28.40 -20.68 30.28
N THR B 78 28.08 -20.11 31.45
CA THR B 78 28.84 -20.45 32.65
C THR B 78 28.66 -21.92 33.02
N VAL B 79 27.43 -22.43 32.95
CA VAL B 79 27.21 -23.84 33.29
C VAL B 79 27.90 -24.76 32.30
N ALA B 80 27.81 -24.42 31.00
CA ALA B 80 28.46 -25.25 29.98
C ALA B 80 29.97 -25.26 30.16
N GLU B 81 30.56 -24.10 30.46
CA GLU B 81 31.99 -24.06 30.73
C GLU B 81 32.35 -24.87 31.96
N ALA B 82 31.49 -24.84 32.98
CA ALA B 82 31.72 -25.66 34.16
C ALA B 82 31.74 -27.15 33.81
N MET B 83 30.80 -27.58 32.97
CA MET B 83 30.78 -28.98 32.55
C MET B 83 31.85 -29.30 31.51
N GLY B 84 32.51 -28.29 30.95
CA GLY B 84 33.57 -28.51 29.98
C GLY B 84 33.11 -28.60 28.54
N ARG B 85 31.81 -28.59 28.29
CA ARG B 85 31.29 -28.62 26.93
C ARG B 85 31.10 -27.20 26.39
N LYS B 86 30.77 -27.12 25.11
CA LYS B 86 30.43 -25.86 24.47
C LYS B 86 28.94 -25.80 24.24
N ALA B 87 28.31 -24.70 24.65
CA ALA B 87 26.86 -24.57 24.57
C ALA B 87 26.43 -24.34 23.13
N GLN B 88 25.46 -25.13 22.67
CA GLN B 88 24.89 -25.00 21.34
C GLN B 88 23.42 -24.60 21.47
N PHE B 89 23.04 -23.54 20.78
CA PHE B 89 21.70 -22.95 20.91
C PHE B 89 20.80 -23.47 19.79
N VAL B 90 19.69 -24.08 20.16
CA VAL B 90 18.67 -24.49 19.20
C VAL B 90 17.52 -23.48 19.30
N TRP B 91 17.33 -22.70 18.24
CA TRP B 91 16.40 -21.59 18.25
C TRP B 91 15.03 -22.01 17.75
N LEU B 92 13.99 -21.52 18.41
CA LEU B 92 12.62 -21.64 17.94
C LEU B 92 11.99 -20.26 17.87
N GLY B 93 11.33 -19.97 16.75
CA GLY B 93 10.76 -18.65 16.55
C GLY B 93 9.65 -18.32 17.54
N LYS B 94 8.85 -19.31 17.91
CA LYS B 94 7.74 -19.09 18.82
C LYS B 94 8.26 -18.78 20.23
N PRO B 95 7.46 -18.09 21.05
CA PRO B 95 7.96 -17.64 22.36
C PRO B 95 8.22 -18.77 23.34
N ALA B 96 8.60 -18.42 24.56
CA ALA B 96 9.05 -19.42 25.54
C ALA B 96 7.93 -20.37 25.93
N ILE B 97 6.67 -19.93 25.84
CA ILE B 97 5.55 -20.76 26.26
C ILE B 97 5.51 -22.08 25.50
N TYR B 98 6.01 -22.09 24.26
CA TYR B 98 5.99 -23.27 23.42
C TYR B 98 7.29 -24.05 23.47
N LEU B 99 8.25 -23.64 24.31
CA LEU B 99 9.57 -24.27 24.28
C LEU B 99 9.51 -25.74 24.66
N VAL B 100 8.75 -26.07 25.71
CA VAL B 100 8.75 -27.45 26.20
C VAL B 100 8.03 -28.36 25.21
N ARG B 101 6.84 -27.98 24.77
CA ARG B 101 6.01 -28.90 24.01
C ARG B 101 6.53 -29.09 22.59
N ASP B 102 7.28 -28.11 22.06
CA ASP B 102 7.84 -28.22 20.72
C ASP B 102 9.36 -28.42 20.68
N GLY B 103 10.06 -28.21 21.79
CA GLY B 103 11.51 -28.27 21.76
C GLY B 103 12.13 -29.45 22.45
N LEU B 104 11.55 -29.89 23.56
CA LEU B 104 12.16 -30.93 24.37
C LEU B 104 11.73 -32.33 23.97
N GLU B 105 10.44 -32.54 23.72
CA GLU B 105 9.93 -33.84 23.31
C GLU B 105 9.92 -34.05 21.80
N LYS B 106 10.42 -33.08 21.03
CA LYS B 106 10.59 -33.24 19.60
C LYS B 106 11.99 -33.73 19.23
N LYS B 107 12.82 -34.03 20.24
CA LYS B 107 14.17 -34.55 20.02
C LYS B 107 15.01 -33.60 19.18
N THR B 108 14.99 -32.31 19.53
CA THR B 108 15.79 -31.31 18.85
C THR B 108 16.77 -30.60 19.78
N CYS B 109 16.31 -30.16 20.94
CA CYS B 109 17.16 -29.55 21.94
C CYS B 109 16.99 -30.26 23.27
N ASP B 110 18.07 -30.31 24.05
CA ASP B 110 18.19 -31.25 25.16
C ASP B 110 17.84 -30.67 26.52
N VAL B 111 18.13 -29.38 26.77
CA VAL B 111 17.92 -28.82 28.10
C VAL B 111 17.19 -27.48 27.97
N VAL B 112 16.33 -27.21 28.95
CA VAL B 112 15.66 -25.93 29.08
C VAL B 112 16.15 -25.27 30.36
N ILE B 113 16.38 -23.95 30.29
CA ILE B 113 17.13 -23.26 31.32
C ILE B 113 16.26 -22.77 32.48
N GLY B 114 15.02 -22.37 32.20
CA GLY B 114 14.17 -21.83 33.24
C GLY B 114 12.79 -22.45 33.30
N LEU B 115 12.51 -23.14 34.40
CA LEU B 115 11.21 -23.75 34.66
C LEU B 115 11.02 -23.82 36.16
N ASP B 116 9.77 -23.72 36.59
CA ASP B 116 9.49 -23.79 38.01
C ASP B 116 9.84 -25.18 38.55
N ALA B 117 10.23 -25.22 39.82
CA ALA B 117 10.57 -26.48 40.45
C ALA B 117 9.34 -27.39 40.51
N ASP B 118 9.60 -28.69 40.68
CA ASP B 118 8.57 -29.74 40.76
C ASP B 118 7.50 -29.61 39.67
N ASP B 119 7.91 -29.16 38.49
CA ASP B 119 6.99 -29.09 37.36
C ASP B 119 6.67 -30.50 36.87
N PRO B 120 5.41 -30.90 36.82
CA PRO B 120 5.08 -32.30 36.47
C PRO B 120 5.46 -32.69 35.05
N ARG B 121 5.59 -31.74 34.13
CA ARG B 121 5.81 -32.09 32.73
C ARG B 121 7.16 -32.76 32.52
N VAL B 122 8.23 -32.14 33.02
CA VAL B 122 9.58 -32.60 32.78
C VAL B 122 10.34 -32.70 34.10
N LEU B 123 11.39 -33.51 34.10
CA LEU B 123 12.20 -33.68 35.29
C LEU B 123 13.00 -32.42 35.57
N THR B 124 13.11 -32.08 36.86
CA THR B 124 13.73 -30.83 37.29
C THR B 124 14.97 -31.12 38.13
N SER B 125 15.97 -30.24 37.98
CA SER B 125 17.21 -30.34 38.72
C SER B 125 17.10 -29.51 40.00
N LYS B 126 18.23 -29.30 40.68
CA LYS B 126 18.23 -28.52 41.89
C LYS B 126 18.07 -27.03 41.57
N PRO B 127 17.24 -26.30 42.31
CA PRO B 127 17.10 -24.87 42.06
C PRO B 127 18.37 -24.12 42.39
N TYR B 128 18.59 -23.01 41.69
CA TYR B 128 19.76 -22.19 41.93
C TYR B 128 19.45 -20.76 42.37
N TYR B 129 18.20 -20.31 42.28
CA TYR B 129 17.85 -19.03 42.87
C TYR B 129 16.35 -18.96 43.13
N ARG B 130 15.98 -17.96 43.94
CA ARG B 130 14.63 -17.76 44.47
C ARG B 130 14.21 -16.34 44.16
N SER B 131 13.01 -16.17 43.59
CA SER B 131 12.55 -14.85 43.21
C SER B 131 11.06 -14.75 43.52
N GLY B 132 10.45 -13.66 43.09
CA GLY B 132 9.05 -13.43 43.36
C GLY B 132 8.56 -12.17 42.71
N TYR B 133 7.30 -11.86 42.96
CA TYR B 133 6.66 -10.67 42.40
C TYR B 133 6.99 -9.45 43.23
N VAL B 134 7.15 -8.31 42.55
CA VAL B 134 7.54 -7.07 43.18
C VAL B 134 6.60 -5.95 42.72
N PHE B 135 6.30 -5.04 43.65
CA PHE B 135 5.60 -3.80 43.34
C PHE B 135 6.53 -2.81 42.65
N LEU B 136 5.94 -1.85 41.95
CA LEU B 136 6.69 -0.82 41.26
C LEU B 136 5.95 0.50 41.44
N THR B 137 6.63 1.48 42.05
CA THR B 137 6.01 2.78 42.32
C THR B 137 7.08 3.87 42.25
N ARG B 138 6.67 5.04 41.76
CA ARG B 138 7.60 6.16 41.68
C ARG B 138 8.07 6.58 43.08
N ALA B 139 9.34 6.96 43.18
CA ALA B 139 9.93 7.24 44.49
C ALA B 139 9.38 8.54 45.08
N ASP B 140 9.26 9.59 44.27
CA ASP B 140 8.90 10.90 44.77
C ASP B 140 7.40 11.06 45.03
N LYS B 141 6.58 10.08 44.65
CA LYS B 141 5.14 10.20 44.81
C LYS B 141 4.68 9.99 46.24
N ASP B 142 5.56 9.50 47.12
CA ASP B 142 5.23 9.27 48.53
C ASP B 142 4.01 8.35 48.66
N LEU B 143 4.04 7.26 47.92
CA LEU B 143 3.00 6.24 47.96
C LEU B 143 3.64 4.97 48.53
N ASP B 144 3.64 4.87 49.85
CA ASP B 144 4.24 3.73 50.54
C ASP B 144 3.24 2.59 50.56
N ILE B 145 3.54 1.51 49.84
CA ILE B 145 2.65 0.36 49.74
C ILE B 145 3.44 -0.89 50.14
N LYS B 146 2.84 -1.73 50.97
CA LYS B 146 3.51 -2.91 51.48
C LYS B 146 2.64 -4.17 51.45
N SER B 147 1.37 -4.06 51.08
CA SER B 147 0.48 -5.21 51.12
C SER B 147 -0.61 -5.03 50.08
N TRP B 148 -1.36 -6.10 49.84
CA TRP B 148 -2.44 -6.10 48.87
C TRP B 148 -3.80 -5.80 49.48
N SER B 149 -3.87 -5.51 50.78
CA SER B 149 -5.11 -5.14 51.43
C SER B 149 -5.18 -3.65 51.75
N ASP B 150 -4.21 -2.87 51.27
CA ASP B 150 -4.20 -1.45 51.57
C ASP B 150 -5.36 -0.74 50.86
N PRO B 151 -6.06 0.17 51.56
CA PRO B 151 -7.22 0.81 50.94
C PRO B 151 -6.90 1.61 49.70
N ARG B 152 -5.71 2.21 49.62
CA ARG B 152 -5.39 3.13 48.53
C ARG B 152 -5.43 2.46 47.17
N LEU B 153 -5.37 1.13 47.11
CA LEU B 153 -5.46 0.44 45.83
C LEU B 153 -6.81 0.65 45.17
N LYS B 154 -7.86 0.90 45.96
CA LYS B 154 -9.18 1.14 45.37
C LYS B 154 -9.34 2.56 44.84
N GLU B 155 -8.36 3.44 45.07
CA GLU B 155 -8.43 4.81 44.59
C GLU B 155 -7.37 5.14 43.54
N VAL B 156 -6.46 4.22 43.24
CA VAL B 156 -5.43 4.47 42.24
C VAL B 156 -6.09 4.64 40.87
N SER B 157 -5.59 5.60 40.10
CA SER B 157 -6.17 5.88 38.79
C SER B 157 -6.06 4.68 37.86
N HIS B 158 -4.90 4.03 37.81
CA HIS B 158 -4.70 2.88 36.95
C HIS B 158 -3.55 2.04 37.48
N MET B 159 -3.65 0.73 37.25
CA MET B 159 -2.60 -0.21 37.59
C MET B 159 -2.28 -1.06 36.38
N VAL B 160 -1.05 -1.56 36.32
CA VAL B 160 -0.61 -2.43 35.22
C VAL B 160 -0.25 -3.80 35.79
N VAL B 161 -0.83 -4.84 35.20
CA VAL B 161 -0.54 -6.23 35.55
C VAL B 161 -0.50 -7.04 34.27
N GLY B 162 -0.07 -8.30 34.40
CA GLY B 162 0.03 -9.20 33.28
C GLY B 162 -1.26 -9.94 33.01
N PHE B 163 -1.18 -10.92 32.12
CA PHE B 163 -2.31 -11.74 31.74
C PHE B 163 -2.13 -13.15 32.29
N GLY B 164 -3.19 -13.69 32.88
CA GLY B 164 -3.12 -15.02 33.48
C GLY B 164 -2.14 -15.14 34.63
N THR B 165 -2.11 -14.14 35.50
CA THR B 165 -1.18 -14.04 36.60
C THR B 165 -1.93 -13.83 37.90
N PRO B 166 -1.31 -14.12 39.04
CA PRO B 166 -1.99 -13.89 40.32
C PRO B 166 -2.42 -12.45 40.52
N GLY B 167 -1.68 -11.48 39.98
CA GLY B 167 -2.10 -10.09 40.10
C GLY B 167 -3.45 -9.82 39.47
N GLU B 168 -3.69 -10.41 38.31
CA GLU B 168 -4.99 -10.25 37.65
C GLU B 168 -6.11 -10.89 38.47
N ALA B 169 -5.83 -12.05 39.06
CA ALA B 169 -6.82 -12.70 39.92
C ALA B 169 -7.14 -11.82 41.11
N MET B 170 -6.15 -11.19 41.72
CA MET B 170 -6.43 -10.31 42.85
C MET B 170 -7.14 -9.03 42.41
N LEU B 171 -6.85 -8.53 41.20
CA LEU B 171 -7.61 -7.40 40.70
C LEU B 171 -9.08 -7.74 40.57
N LYS B 172 -9.40 -8.95 40.07
CA LYS B 172 -10.79 -9.39 40.09
C LYS B 172 -11.31 -9.51 41.51
N ASP B 173 -10.48 -10.01 42.43
CA ASP B 173 -10.94 -10.26 43.79
C ASP B 173 -11.32 -8.98 44.51
N ILE B 174 -10.52 -7.92 44.37
CA ILE B 174 -10.81 -6.67 45.07
C ILE B 174 -11.70 -5.73 44.27
N GLY B 175 -12.18 -6.15 43.09
CA GLY B 175 -13.15 -5.38 42.35
C GLY B 175 -12.58 -4.18 41.61
N ARG B 176 -11.67 -4.42 40.67
CA ARG B 176 -11.11 -3.35 39.87
C ARG B 176 -10.91 -3.72 38.40
N TYR B 177 -11.33 -4.90 37.96
CA TYR B 177 -11.04 -5.33 36.61
C TYR B 177 -11.77 -4.48 35.58
N GLU B 178 -12.99 -4.05 35.90
CA GLU B 178 -13.77 -3.27 34.95
C GLU B 178 -13.17 -1.91 34.69
N GLU B 179 -12.51 -1.32 35.67
CA GLU B 179 -11.92 0.01 35.51
C GLU B 179 -10.59 -0.01 34.78
N ASP B 180 -9.98 -1.17 34.58
CA ASP B 180 -8.66 -1.25 33.98
C ASP B 180 -8.55 -2.22 32.81
N MET B 181 -9.63 -2.91 32.43
CA MET B 181 -9.54 -3.84 31.32
C MET B 181 -9.18 -3.16 30.02
N ALA B 182 -9.78 -1.99 29.76
CA ALA B 182 -9.49 -1.26 28.53
C ALA B 182 -8.03 -0.82 28.49
N TYR B 183 -7.52 -0.30 29.61
CA TYR B 183 -6.12 0.11 29.66
C TYR B 183 -5.18 -1.07 29.46
N LEU B 184 -5.50 -2.21 30.10
CA LEU B 184 -4.66 -3.39 29.97
C LEU B 184 -4.63 -3.89 28.54
N TYR B 185 -5.77 -3.90 27.87
CA TYR B 185 -5.81 -4.34 26.48
C TYR B 185 -5.34 -3.28 25.51
N SER B 186 -5.16 -2.03 25.96
CA SER B 186 -4.60 -0.99 25.11
C SER B 186 -3.09 -0.87 25.24
N LEU B 187 -2.49 -1.41 26.31
CA LEU B 187 -1.04 -1.38 26.41
C LEU B 187 -0.40 -2.13 25.24
N VAL B 188 -0.97 -3.26 24.86
CA VAL B 188 -0.69 -3.88 23.59
C VAL B 188 -1.83 -3.46 22.65
N ASN B 189 -1.61 -3.60 21.35
CA ASN B 189 -2.68 -3.33 20.41
C ASN B 189 -3.83 -4.30 20.66
N PHE B 190 -5.04 -3.89 20.27
CA PHE B 190 -6.23 -4.66 20.61
C PHE B 190 -6.31 -5.92 19.75
N ARG B 191 -5.30 -6.78 19.87
CA ARG B 191 -5.21 -8.01 19.09
C ARG B 191 -4.88 -9.14 20.07
N ALA B 192 -5.92 -9.82 20.55
CA ALA B 192 -5.78 -10.95 21.47
C ALA B 192 -6.59 -12.12 20.95
N PRO B 193 -6.10 -12.82 19.94
CA PRO B 193 -6.83 -13.97 19.41
C PRO B 193 -6.80 -15.15 20.37
N ARG B 194 -7.73 -16.07 20.16
CA ARG B 194 -7.79 -17.27 20.99
C ARG B 194 -6.55 -18.13 20.80
N ASN B 195 -6.11 -18.29 19.56
CA ASN B 195 -5.03 -19.24 19.28
C ASN B 195 -3.69 -18.76 19.79
N GLN B 196 -3.36 -17.49 19.54
CA GLN B 196 -2.03 -16.98 19.81
C GLN B 196 -1.88 -16.56 21.27
N TYR B 197 -0.63 -16.39 21.69
CA TYR B 197 -0.28 -16.01 23.05
C TYR B 197 0.18 -14.56 23.06
N THR B 198 -0.47 -13.73 23.87
CA THR B 198 -0.17 -12.31 23.95
C THR B 198 0.20 -11.94 25.38
N GLN B 199 1.20 -11.07 25.52
CA GLN B 199 1.65 -10.61 26.83
C GLN B 199 2.26 -9.23 26.68
N ILE B 200 2.27 -8.48 27.78
CA ILE B 200 2.83 -7.13 27.80
C ILE B 200 4.33 -7.22 28.04
N ASP B 201 5.10 -6.51 27.22
CA ASP B 201 6.54 -6.49 27.39
C ASP B 201 6.90 -5.77 28.69
N PRO B 202 7.88 -6.29 29.44
CA PRO B 202 8.26 -5.63 30.70
C PRO B 202 8.78 -4.21 30.51
N ALA B 203 9.44 -3.93 29.39
CA ALA B 203 9.90 -2.57 29.13
C ALA B 203 8.73 -1.61 29.05
N ARG B 204 7.63 -2.04 28.42
CA ARG B 204 6.44 -1.21 28.35
C ARG B 204 5.89 -0.94 29.74
N MET B 205 5.85 -1.96 30.61
CA MET B 205 5.41 -1.77 31.98
C MET B 205 6.27 -0.73 32.71
N VAL B 206 7.60 -0.85 32.58
CA VAL B 206 8.48 0.10 33.27
C VAL B 206 8.27 1.51 32.73
N SER B 207 8.10 1.64 31.42
CA SER B 207 7.84 2.95 30.83
C SER B 207 6.52 3.53 31.34
N GLU B 208 5.48 2.70 31.45
CA GLU B 208 4.20 3.18 31.93
C GLU B 208 4.29 3.64 33.38
N VAL B 209 5.05 2.92 34.21
CA VAL B 209 5.22 3.36 35.59
C VAL B 209 6.03 4.64 35.66
N ALA B 210 7.03 4.79 34.79
CA ALA B 210 7.91 5.96 34.86
C ALA B 210 7.22 7.22 34.37
N THR B 211 6.44 7.11 33.28
CA THR B 211 5.84 8.30 32.66
C THR B 211 4.71 8.88 33.49
N GLY B 212 4.12 8.10 34.40
CA GLY B 212 3.06 8.59 35.26
C GLY B 212 1.66 8.24 34.82
N LYS B 213 1.50 7.50 33.73
CA LYS B 213 0.16 7.09 33.30
C LYS B 213 -0.40 5.97 34.17
N ALA B 214 0.47 5.13 34.75
CA ALA B 214 0.07 4.14 35.74
C ALA B 214 0.81 4.41 37.04
N GLU B 215 0.11 4.31 38.16
CA GLU B 215 0.70 4.66 39.45
C GLU B 215 1.41 3.48 40.10
N VAL B 216 0.74 2.34 40.20
CA VAL B 216 1.25 1.16 40.89
C VAL B 216 1.29 0.00 39.90
N GLY B 217 2.44 -0.67 39.81
CA GLY B 217 2.56 -1.83 38.94
C GLY B 217 3.00 -3.07 39.69
N VAL B 218 2.70 -4.24 39.13
CA VAL B 218 3.12 -5.52 39.69
C VAL B 218 3.88 -6.28 38.61
N ALA B 219 5.10 -6.72 38.92
CA ALA B 219 5.94 -7.34 37.91
C ALA B 219 6.73 -8.48 38.52
N PHE B 220 7.43 -9.21 37.66
CA PHE B 220 8.31 -10.31 38.05
C PHE B 220 9.75 -9.84 37.98
N GLY B 221 10.51 -10.08 39.05
CA GLY B 221 11.80 -9.49 39.24
C GLY B 221 12.81 -9.69 38.11
N PRO B 222 13.00 -10.94 37.69
CA PRO B 222 13.98 -11.20 36.61
C PRO B 222 13.67 -10.46 35.33
N ASP B 223 12.39 -10.22 35.00
CA ASP B 223 12.05 -9.59 33.73
C ASP B 223 12.18 -8.07 33.75
N VAL B 224 12.29 -7.45 34.93
CA VAL B 224 12.27 -6.00 35.04
C VAL B 224 13.49 -5.44 35.77
N ALA B 225 14.36 -6.30 36.33
CA ALA B 225 15.50 -5.80 37.09
C ALA B 225 16.43 -4.95 36.22
N ARG B 226 16.71 -5.41 35.00
CA ARG B 226 17.60 -4.66 34.13
C ARG B 226 17.05 -3.29 33.79
N TYR B 227 15.75 -3.22 33.50
CA TYR B 227 15.14 -1.96 33.10
C TYR B 227 15.03 -1.00 34.28
N VAL B 228 14.76 -1.53 35.49
CA VAL B 228 14.70 -0.65 36.65
C VAL B 228 16.09 -0.15 37.04
N ARG B 229 17.13 -0.96 36.82
CA ARG B 229 18.48 -0.51 37.12
C ARG B 229 18.87 0.68 36.24
N ASP B 230 18.55 0.63 34.97
CA ASP B 230 18.96 1.65 34.00
C ASP B 230 17.91 2.74 33.80
N SER B 231 16.82 2.72 34.56
CA SER B 231 15.77 3.72 34.37
C SER B 231 16.25 5.11 34.75
N SER B 232 15.85 6.11 33.95
CA SER B 232 16.25 7.47 34.22
C SER B 232 15.65 7.99 35.53
N THR B 233 14.34 7.84 35.67
CA THR B 233 13.67 8.19 36.92
C THR B 233 13.88 7.09 37.95
N LYS B 234 14.00 7.49 39.21
CA LYS B 234 14.23 6.54 40.29
C LYS B 234 12.91 5.89 40.69
N LEU B 235 12.74 4.62 40.35
CA LEU B 235 11.56 3.86 40.75
C LEU B 235 11.79 3.26 42.14
N ARG B 236 10.83 2.45 42.59
CA ARG B 236 10.93 1.80 43.88
C ARG B 236 10.22 0.46 43.83
N MET B 237 10.91 -0.58 44.30
CA MET B 237 10.39 -1.94 44.41
C MET B 237 10.00 -2.24 45.84
N THR B 238 9.26 -3.34 46.00
CA THR B 238 8.89 -3.90 47.30
C THR B 238 8.38 -5.32 47.10
N PRO B 239 8.90 -6.29 47.85
CA PRO B 239 8.41 -7.67 47.70
C PRO B 239 7.00 -7.83 48.22
N VAL B 240 6.23 -8.65 47.53
CA VAL B 240 4.84 -8.94 47.90
C VAL B 240 4.83 -10.00 48.99
N PRO B 241 4.14 -9.78 50.10
CA PRO B 241 4.13 -10.77 51.19
C PRO B 241 3.57 -12.11 50.73
N ASP B 242 4.15 -13.18 51.26
CA ASP B 242 3.69 -14.53 50.95
C ASP B 242 2.42 -14.91 51.69
N ASP B 243 2.02 -14.15 52.71
CA ASP B 243 0.78 -14.40 53.43
C ASP B 243 -0.37 -13.64 52.77
N THR B 244 -0.53 -13.91 51.48
CA THR B 244 -1.51 -13.23 50.65
C THR B 244 -2.76 -14.10 50.55
N GLN B 245 -3.89 -13.55 50.98
CA GLN B 245 -5.15 -14.28 51.04
C GLN B 245 -6.23 -13.53 50.28
N ALA B 246 -7.05 -14.27 49.54
CA ALA B 246 -8.14 -13.69 48.78
C ALA B 246 -9.40 -13.61 49.63
N SER B 247 -10.48 -13.06 49.06
CA SER B 247 -11.74 -12.96 49.78
C SER B 247 -12.30 -14.33 50.11
N ASP B 248 -12.25 -15.27 49.16
CA ASP B 248 -12.70 -16.62 49.42
C ASP B 248 -11.82 -17.30 50.47
N GLY B 249 -10.51 -17.08 50.39
CA GLY B 249 -9.60 -17.63 51.38
C GLY B 249 -8.45 -18.41 50.77
N ARG B 250 -8.58 -18.80 49.50
CA ARG B 250 -7.54 -19.59 48.86
C ARG B 250 -6.24 -18.80 48.78
N LYS B 251 -5.14 -19.46 49.10
CA LYS B 251 -3.85 -18.79 49.14
C LYS B 251 -3.34 -18.49 47.74
N MET B 252 -2.65 -17.36 47.61
CA MET B 252 -2.04 -16.94 46.34
C MET B 252 -0.54 -16.79 46.55
N PRO B 253 0.26 -17.78 46.16
CA PRO B 253 1.71 -17.67 46.35
C PRO B 253 2.30 -16.55 45.52
N GLN B 254 3.39 -15.96 46.04
CA GLN B 254 4.05 -14.85 45.36
C GLN B 254 5.56 -15.05 45.21
N SER B 255 6.11 -16.19 45.63
CA SER B 255 7.53 -16.47 45.49
C SER B 255 7.72 -17.85 44.87
N PHE B 256 8.80 -18.00 44.11
CA PHE B 256 9.04 -19.22 43.37
C PHE B 256 10.54 -19.50 43.27
N ASP B 257 10.88 -20.79 43.30
CA ASP B 257 12.21 -21.26 42.95
C ASP B 257 12.39 -21.21 41.44
N GLN B 258 13.65 -21.29 41.00
CA GLN B 258 13.93 -21.47 39.59
C GLN B 258 14.96 -22.59 39.42
N ALA B 259 14.66 -23.53 38.53
CA ALA B 259 15.51 -24.70 38.34
C ALA B 259 15.50 -25.11 36.87
N MET B 260 16.52 -25.88 36.49
CA MET B 260 16.61 -26.37 35.12
C MET B 260 15.68 -27.56 34.92
N GLY B 261 15.39 -27.84 33.66
CA GLY B 261 14.54 -28.96 33.29
C GLY B 261 15.16 -29.80 32.20
N VAL B 262 15.09 -31.12 32.39
CA VAL B 262 15.64 -32.08 31.43
C VAL B 262 14.55 -33.10 31.11
N ARG B 263 14.79 -33.86 30.05
CA ARG B 263 13.84 -34.89 29.65
C ARG B 263 13.80 -36.01 30.69
N LYS B 264 12.76 -36.83 30.61
CA LYS B 264 12.53 -37.85 31.63
C LYS B 264 13.66 -38.87 31.67
N ASP B 265 14.14 -39.32 30.51
CA ASP B 265 15.07 -40.44 30.47
C ASP B 265 16.49 -40.04 30.87
N ASP B 266 16.92 -38.83 30.52
CA ASP B 266 18.33 -38.44 30.64
C ASP B 266 18.68 -38.18 32.11
N THR B 267 18.95 -39.27 32.83
CA THR B 267 19.38 -39.16 34.22
C THR B 267 20.85 -38.77 34.33
N ALA B 268 21.69 -39.24 33.41
CA ALA B 268 23.12 -38.91 33.45
C ALA B 268 23.35 -37.42 33.24
N LEU B 269 22.60 -36.81 32.32
CA LEU B 269 22.71 -35.37 32.11
C LEU B 269 22.26 -34.62 33.36
N LYS B 270 21.23 -35.12 34.04
CA LYS B 270 20.82 -34.53 35.31
C LYS B 270 21.93 -34.62 36.34
N ALA B 271 22.62 -35.77 36.40
CA ALA B 271 23.72 -35.92 37.34
C ALA B 271 24.84 -34.93 37.03
N GLU B 272 25.16 -34.76 35.75
CA GLU B 272 26.21 -33.80 35.38
C GLU B 272 25.80 -32.37 35.74
N ILE B 273 24.54 -32.02 35.49
CA ILE B 273 24.07 -30.68 35.84
C ILE B 273 24.14 -30.46 37.34
N ASP B 274 23.71 -31.45 38.12
CA ASP B 274 23.78 -31.34 39.57
C ASP B 274 25.23 -31.18 40.02
N ALA B 275 26.15 -31.96 39.45
CA ALA B 275 27.54 -31.86 39.83
C ALA B 275 28.11 -30.48 39.52
N ALA B 276 27.76 -29.93 38.36
CA ALA B 276 28.30 -28.64 37.96
C ALA B 276 27.67 -27.46 38.69
N LEU B 277 26.48 -27.65 39.27
CA LEU B 277 25.80 -26.52 39.90
C LEU B 277 26.60 -25.96 41.08
N GLU B 278 27.02 -26.82 42.01
CA GLU B 278 27.81 -26.32 43.13
C GLU B 278 29.18 -25.82 42.68
N LYS B 279 29.72 -26.39 41.61
CA LYS B 279 31.00 -25.91 41.10
C LYS B 279 30.89 -24.48 40.58
N ALA B 280 29.80 -24.16 39.88
CA ALA B 280 29.64 -22.86 39.26
C ALA B 280 28.82 -21.88 40.10
N LYS B 281 28.37 -22.28 41.29
CA LYS B 281 27.53 -21.43 42.12
C LYS B 281 28.05 -20.00 42.33
N PRO B 282 29.32 -19.78 42.71
CA PRO B 282 29.76 -18.40 42.92
C PRO B 282 29.62 -17.51 41.69
N LYS B 283 29.88 -18.05 40.50
CA LYS B 283 29.73 -17.24 39.29
C LYS B 283 28.28 -16.86 39.05
N ILE B 284 27.35 -17.80 39.28
CA ILE B 284 25.93 -17.50 39.12
C ILE B 284 25.50 -16.43 40.11
N GLU B 285 25.95 -16.55 41.37
CA GLU B 285 25.60 -15.54 42.36
C GLU B 285 26.15 -14.17 41.98
N ALA B 286 27.39 -14.13 41.48
CA ALA B 286 27.98 -12.86 41.08
C ALA B 286 27.20 -12.23 39.92
N ILE B 287 26.82 -13.04 38.93
CA ILE B 287 26.06 -12.53 37.80
C ILE B 287 24.71 -11.98 38.26
N LEU B 288 24.03 -12.72 39.14
CA LEU B 288 22.73 -12.27 39.64
C LEU B 288 22.87 -10.97 40.42
N LYS B 289 23.92 -10.86 41.24
CA LYS B 289 24.15 -9.61 41.97
C LYS B 289 24.42 -8.46 41.02
N GLU B 290 25.21 -8.70 39.98
CA GLU B 290 25.53 -7.63 39.03
C GLU B 290 24.28 -7.17 38.28
N GLU B 291 23.43 -8.10 37.85
CA GLU B 291 22.27 -7.73 37.06
C GLU B 291 21.30 -6.85 37.86
N GLY B 292 21.11 -7.17 39.13
CA GLY B 292 20.20 -6.42 39.97
C GLY B 292 18.95 -7.16 40.40
N VAL B 293 18.85 -8.46 40.14
CA VAL B 293 17.66 -9.22 40.52
C VAL B 293 17.63 -9.39 42.03
N PRO B 294 16.54 -9.03 42.71
CA PRO B 294 16.46 -9.23 44.16
C PRO B 294 16.15 -10.68 44.49
N VAL B 295 17.15 -11.40 44.99
CA VAL B 295 17.04 -12.82 45.27
C VAL B 295 16.71 -13.01 46.74
N LEU B 296 15.72 -13.85 47.01
CA LEU B 296 15.32 -14.17 48.37
C LEU B 296 16.07 -15.41 48.86
N PRO B 297 16.33 -15.51 50.15
CA PRO B 297 16.99 -16.71 50.68
C PRO B 297 16.15 -17.95 50.44
N VAL B 298 16.82 -19.05 50.13
CA VAL B 298 16.13 -20.31 49.86
C VAL B 298 15.77 -20.97 51.18
N SER B 299 14.49 -21.29 51.35
CA SER B 299 14.01 -21.91 52.58
C SER B 299 12.75 -22.73 52.33
N ASN C 28 15.21 -16.22 -34.59
CA ASN C 28 14.75 -17.58 -34.79
C ASN C 28 14.07 -17.73 -36.15
N ASP C 29 13.93 -18.98 -36.60
CA ASP C 29 13.17 -19.29 -37.80
C ASP C 29 11.77 -19.78 -37.49
N LYS C 30 11.57 -20.41 -36.33
CA LYS C 30 10.22 -20.83 -35.94
C LYS C 30 9.35 -19.62 -35.59
N LEU C 31 9.95 -18.58 -35.01
CA LEU C 31 9.18 -17.42 -34.59
C LEU C 31 8.60 -16.66 -35.78
N VAL C 32 9.29 -16.68 -36.92
CA VAL C 32 8.74 -16.02 -38.11
C VAL C 32 7.46 -16.71 -38.56
N GLU C 33 7.49 -18.05 -38.64
CA GLU C 33 6.30 -18.80 -39.04
C GLU C 33 5.19 -18.63 -38.01
N LEU C 34 5.54 -18.61 -36.72
CA LEU C 34 4.53 -18.38 -35.70
C LEU C 34 3.91 -17.00 -35.84
N SER C 35 4.70 -16.00 -36.20
CA SER C 35 4.19 -14.64 -36.34
C SER C 35 3.33 -14.48 -37.58
N LYS C 36 3.58 -15.28 -38.62
CA LYS C 36 2.74 -15.20 -39.81
C LYS C 36 1.29 -15.61 -39.51
N SER C 37 1.09 -16.49 -38.54
CA SER C 37 -0.27 -16.90 -38.17
C SER C 37 -0.98 -15.80 -37.41
N ASP C 38 -2.31 -15.79 -37.53
CA ASP C 38 -3.15 -14.77 -36.91
C ASP C 38 -3.62 -15.16 -35.51
N ASP C 39 -3.29 -16.35 -35.04
CA ASP C 39 -3.69 -16.81 -33.72
C ASP C 39 -2.71 -16.43 -32.63
N ASN C 40 -1.60 -15.78 -32.97
CA ASN C 40 -0.50 -15.59 -32.03
C ASN C 40 -0.05 -14.14 -31.99
N TRP C 41 0.55 -13.77 -30.86
CA TRP C 41 1.21 -12.48 -30.65
C TRP C 41 2.44 -12.81 -29.80
N VAL C 42 3.57 -13.03 -30.46
CA VAL C 42 4.70 -13.71 -29.85
C VAL C 42 5.69 -12.75 -29.19
N MET C 43 5.96 -11.60 -29.80
CA MET C 43 6.97 -10.69 -29.30
C MET C 43 6.42 -9.27 -29.26
N PRO C 44 7.00 -8.39 -28.43
CA PRO C 44 6.61 -6.98 -28.46
C PRO C 44 6.84 -6.38 -29.84
N GLY C 45 5.76 -5.88 -30.44
CA GLY C 45 5.78 -5.41 -31.80
C GLY C 45 5.20 -6.36 -32.81
N LYS C 46 4.97 -7.62 -32.42
CA LYS C 46 4.28 -8.63 -33.21
C LYS C 46 5.13 -9.15 -34.36
N ASN C 47 6.26 -8.51 -34.63
CA ASN C 47 7.15 -8.88 -35.74
C ASN C 47 8.57 -8.44 -35.39
N TYR C 48 9.52 -8.96 -36.16
CA TYR C 48 10.87 -8.41 -36.17
C TYR C 48 10.95 -7.04 -36.81
N ASP C 49 9.89 -6.61 -37.50
CA ASP C 49 9.85 -5.28 -38.10
C ASP C 49 9.24 -4.23 -37.19
N SER C 50 8.61 -4.63 -36.08
CA SER C 50 7.96 -3.71 -35.14
C SER C 50 6.92 -2.84 -35.86
N ASN C 51 5.87 -3.50 -36.36
CA ASN C 51 4.85 -2.86 -37.17
C ASN C 51 3.57 -2.56 -36.41
N ASN C 52 3.14 -3.45 -35.51
CA ASN C 52 1.81 -3.40 -34.92
C ASN C 52 0.72 -3.36 -36.00
N PHE C 53 0.84 -4.27 -36.97
CA PHE C 53 -0.12 -4.37 -38.06
C PHE C 53 -0.70 -5.77 -38.11
N SER C 54 -2.01 -5.86 -38.30
CA SER C 54 -2.72 -7.12 -38.36
C SER C 54 -3.51 -7.20 -39.66
N ASP C 55 -3.50 -8.38 -40.28
CA ASP C 55 -4.20 -8.61 -41.53
C ASP C 55 -5.66 -9.00 -41.34
N LEU C 56 -6.12 -9.14 -40.10
CA LEU C 56 -7.51 -9.50 -39.85
C LEU C 56 -8.43 -8.35 -40.23
N LYS C 57 -9.56 -8.69 -40.86
CA LYS C 57 -10.53 -7.69 -41.30
C LYS C 57 -11.94 -8.06 -40.88
N GLN C 58 -12.07 -8.86 -39.81
CA GLN C 58 -13.40 -9.19 -39.30
C GLN C 58 -14.08 -7.98 -38.70
N ILE C 59 -13.31 -7.10 -38.04
CA ILE C 59 -13.82 -5.84 -37.50
C ILE C 59 -13.36 -4.73 -38.43
N ASN C 60 -14.32 -3.96 -38.95
CA ASN C 60 -14.01 -2.91 -39.91
C ASN C 60 -14.94 -1.73 -39.67
N LYS C 61 -14.96 -0.79 -40.63
CA LYS C 61 -15.78 0.41 -40.49
C LYS C 61 -17.27 0.08 -40.49
N GLY C 62 -17.66 -1.01 -41.13
CA GLY C 62 -19.07 -1.35 -41.21
C GLY C 62 -19.68 -1.71 -39.86
N ASN C 63 -18.96 -2.47 -39.05
CA ASN C 63 -19.48 -3.01 -37.80
C ASN C 63 -18.56 -2.66 -36.63
N VAL C 64 -18.12 -1.41 -36.57
CA VAL C 64 -17.31 -0.99 -35.43
C VAL C 64 -18.17 -0.50 -34.27
N LYS C 65 -19.44 -0.19 -34.51
CA LYS C 65 -20.33 0.29 -33.46
C LYS C 65 -20.76 -0.80 -32.49
N GLN C 66 -20.49 -2.06 -32.79
CA GLN C 66 -21.00 -3.18 -32.03
C GLN C 66 -19.97 -3.81 -31.10
N LEU C 67 -18.82 -3.17 -30.90
CA LEU C 67 -17.81 -3.71 -30.01
C LEU C 67 -18.22 -3.48 -28.55
N ARG C 68 -18.25 -4.57 -27.78
CA ARG C 68 -18.57 -4.53 -26.37
C ARG C 68 -17.65 -5.49 -25.63
N PRO C 69 -17.40 -5.25 -24.34
CA PRO C 69 -16.46 -6.10 -23.60
C PRO C 69 -16.92 -7.54 -23.51
N ALA C 70 -15.95 -8.45 -23.50
CA ALA C 70 -16.18 -9.88 -23.31
C ALA C 70 -15.81 -10.36 -21.92
N TRP C 71 -14.62 -10.00 -21.44
CA TRP C 71 -14.25 -10.30 -20.06
C TRP C 71 -13.16 -9.34 -19.60
N THR C 72 -12.92 -9.37 -18.28
CA THR C 72 -11.99 -8.46 -17.62
C THR C 72 -11.21 -9.24 -16.57
N PHE C 73 -10.06 -8.69 -16.17
CA PHE C 73 -9.22 -9.34 -15.17
C PHE C 73 -8.46 -8.27 -14.41
N SER C 74 -8.25 -8.52 -13.13
CA SER C 74 -7.58 -7.58 -12.22
C SER C 74 -6.30 -8.20 -11.68
N THR C 75 -5.23 -7.41 -11.64
CA THR C 75 -3.93 -7.89 -11.19
C THR C 75 -3.70 -7.68 -9.71
N GLY C 76 -4.30 -6.66 -9.10
CA GLY C 76 -4.13 -6.43 -7.68
C GLY C 76 -3.04 -5.47 -7.30
N LEU C 77 -2.63 -4.57 -8.19
CA LEU C 77 -1.58 -3.61 -7.91
C LEU C 77 -2.00 -2.23 -8.40
N LEU C 78 -1.44 -1.19 -7.79
CA LEU C 78 -1.70 0.20 -8.12
C LEU C 78 -0.41 0.88 -8.56
N ASN C 79 -0.09 0.73 -9.84
CA ASN C 79 1.05 1.39 -10.47
C ASN C 79 0.75 1.46 -11.96
N GLY C 80 1.78 1.78 -12.75
CA GLY C 80 1.64 1.80 -14.18
C GLY C 80 1.83 0.41 -14.78
N HIS C 81 1.02 0.11 -15.79
CA HIS C 81 1.11 -1.14 -16.53
C HIS C 81 1.41 -0.81 -17.99
N GLU C 82 2.55 -1.29 -18.48
CA GLU C 82 3.02 -0.98 -19.82
C GLU C 82 3.07 -2.25 -20.66
N GLY C 83 3.26 -2.07 -21.95
CA GLY C 83 3.33 -3.19 -22.86
C GLY C 83 1.98 -3.81 -23.14
N ALA C 84 2.02 -4.98 -23.75
CA ALA C 84 0.82 -5.73 -24.10
C ALA C 84 1.02 -7.19 -23.74
N PRO C 85 -0.05 -7.91 -23.42
CA PRO C 85 0.07 -9.34 -23.14
C PRO C 85 0.42 -10.14 -24.39
N LEU C 86 0.99 -11.31 -24.15
CA LEU C 86 1.38 -12.25 -25.20
C LEU C 86 0.39 -13.39 -25.27
N VAL C 87 0.07 -13.84 -26.48
CA VAL C 87 -0.85 -14.95 -26.70
C VAL C 87 -0.17 -15.95 -27.63
N VAL C 88 0.16 -17.12 -27.11
CA VAL C 88 0.82 -18.17 -27.87
C VAL C 88 0.16 -19.50 -27.53
N ASP C 89 -0.34 -20.20 -28.55
CA ASP C 89 -0.90 -21.55 -28.41
C ASP C 89 -2.00 -21.61 -27.35
N GLY C 90 -2.98 -20.71 -27.47
CA GLY C 90 -4.16 -20.79 -26.63
C GLY C 90 -3.96 -20.38 -25.18
N LYS C 91 -2.95 -19.57 -24.89
CA LYS C 91 -2.72 -19.08 -23.54
C LYS C 91 -2.39 -17.60 -23.60
N MET C 92 -2.64 -16.91 -22.49
CA MET C 92 -2.32 -15.50 -22.35
C MET C 92 -1.43 -15.31 -21.13
N TYR C 93 -0.34 -14.54 -21.31
CA TYR C 93 0.62 -14.29 -20.25
C TYR C 93 0.55 -12.82 -19.85
N ILE C 94 0.39 -12.56 -18.56
CA ILE C 94 0.18 -11.21 -18.04
C ILE C 94 1.30 -10.89 -17.06
N HIS C 95 1.91 -9.71 -17.23
CA HIS C 95 2.96 -9.23 -16.36
C HIS C 95 2.55 -7.92 -15.71
N THR C 96 2.99 -7.71 -14.48
CA THR C 96 2.63 -6.55 -13.69
C THR C 96 3.88 -5.73 -13.36
N SER C 97 3.66 -4.63 -12.65
CA SER C 97 4.75 -3.78 -12.18
C SER C 97 5.37 -4.39 -10.93
N PHE C 98 6.17 -3.60 -10.22
CA PHE C 98 6.81 -4.08 -9.01
C PHE C 98 5.76 -4.57 -8.02
N PRO C 99 5.95 -5.75 -7.40
CA PRO C 99 7.13 -6.61 -7.46
C PRO C 99 7.15 -7.67 -8.57
N ASN C 100 6.70 -7.31 -9.78
CA ASN C 100 6.94 -8.11 -11.00
C ASN C 100 6.38 -9.52 -10.86
N ASN C 101 5.05 -9.58 -10.75
CA ASN C 101 4.34 -10.85 -10.76
C ASN C 101 4.05 -11.28 -12.19
N THR C 102 3.73 -12.56 -12.36
CA THR C 102 3.39 -13.11 -13.67
C THR C 102 2.22 -14.08 -13.53
N PHE C 103 1.29 -14.03 -14.49
CA PHE C 103 0.13 -14.91 -14.50
C PHE C 103 -0.03 -15.56 -15.86
N ALA C 104 -0.57 -16.78 -15.87
CA ALA C 104 -0.91 -17.48 -17.10
C ALA C 104 -2.40 -17.85 -17.08
N LEU C 105 -3.09 -17.58 -18.18
CA LEU C 105 -4.52 -17.82 -18.29
C LEU C 105 -4.83 -18.62 -19.55
N GLY C 106 -5.87 -19.44 -19.45
CA GLY C 106 -6.33 -20.24 -20.58
C GLY C 106 -7.52 -19.57 -21.25
N LEU C 107 -7.51 -19.56 -22.59
CA LEU C 107 -8.50 -18.80 -23.33
C LEU C 107 -9.88 -19.45 -23.35
N ASP C 108 -9.95 -20.76 -23.10
CA ASP C 108 -11.26 -21.41 -23.03
C ASP C 108 -11.97 -21.10 -21.72
N ASP C 109 -11.24 -21.06 -20.61
CA ASP C 109 -11.79 -20.76 -19.28
C ASP C 109 -10.92 -19.70 -18.64
N PRO C 110 -11.15 -18.42 -18.94
CA PRO C 110 -10.31 -17.35 -18.40
C PRO C 110 -10.39 -17.19 -16.89
N GLY C 111 -11.41 -17.75 -16.23
CA GLY C 111 -11.52 -17.60 -14.79
C GLY C 111 -10.41 -18.31 -14.04
N THR C 112 -10.02 -19.49 -14.49
CA THR C 112 -8.98 -20.27 -13.82
C THR C 112 -7.60 -19.77 -14.20
N ILE C 113 -6.71 -19.70 -13.21
CA ILE C 113 -5.32 -19.30 -13.42
C ILE C 113 -4.47 -20.56 -13.42
N LEU C 114 -3.78 -20.81 -14.55
CA LEU C 114 -2.98 -22.02 -14.67
C LEU C 114 -1.77 -21.98 -13.74
N TRP C 115 -1.03 -20.87 -13.75
CA TRP C 115 0.08 -20.72 -12.82
C TRP C 115 0.39 -19.24 -12.63
N GLN C 116 1.06 -18.95 -11.51
CA GLN C 116 1.45 -17.61 -11.14
C GLN C 116 2.85 -17.64 -10.53
N ASP C 117 3.58 -16.54 -10.72
CA ASP C 117 4.93 -16.38 -10.19
C ASP C 117 5.01 -15.07 -9.43
N LYS C 118 5.23 -15.16 -8.13
CA LYS C 118 5.35 -14.00 -7.26
C LYS C 118 6.69 -14.05 -6.55
N PRO C 119 7.67 -13.24 -6.93
CA PRO C 119 9.00 -13.34 -6.34
C PRO C 119 9.11 -12.60 -5.02
N LYS C 120 10.16 -12.96 -4.27
CA LYS C 120 10.50 -12.30 -3.01
C LYS C 120 11.80 -11.55 -3.22
N GLN C 121 11.73 -10.23 -3.20
CA GLN C 121 12.87 -9.38 -3.56
C GLN C 121 13.47 -8.74 -2.31
N ASN C 122 14.70 -8.28 -2.46
CA ASN C 122 15.39 -7.63 -1.35
C ASN C 122 14.68 -6.34 -0.97
N PRO C 123 14.56 -6.04 0.32
CA PRO C 123 13.85 -4.81 0.73
C PRO C 123 14.50 -3.54 0.20
N ALA C 124 15.82 -3.54 0.00
CA ALA C 124 16.51 -2.33 -0.45
C ALA C 124 16.11 -1.91 -1.86
N ALA C 125 15.61 -2.84 -2.67
CA ALA C 125 15.34 -2.53 -4.07
C ALA C 125 14.34 -1.39 -4.22
N ARG C 126 13.32 -1.36 -3.36
CA ARG C 126 12.35 -0.27 -3.43
C ARG C 126 12.94 1.05 -2.97
N ALA C 127 13.90 1.01 -2.04
CA ALA C 127 14.48 2.25 -1.52
C ALA C 127 15.25 3.00 -2.60
N VAL C 128 16.01 2.28 -3.43
CA VAL C 128 16.87 2.93 -4.41
C VAL C 128 16.03 3.60 -5.49
N ALA C 129 15.05 2.88 -6.04
CA ALA C 129 14.34 3.35 -7.22
C ALA C 129 12.85 3.51 -6.97
N CYS C 130 12.49 4.15 -5.85
CA CYS C 130 11.09 4.37 -5.54
C CYS C 130 10.41 5.28 -6.55
N CYS C 131 11.16 6.11 -7.27
CA CYS C 131 10.56 7.03 -8.22
C CYS C 131 9.89 6.29 -9.37
N ASP C 132 10.54 5.25 -9.90
CA ASP C 132 10.05 4.53 -11.07
C ASP C 132 9.89 3.06 -10.73
N LEU C 133 8.65 2.57 -10.77
CA LEU C 133 8.33 1.16 -10.53
C LEU C 133 7.44 0.70 -11.68
N VAL C 134 8.06 0.31 -12.79
CA VAL C 134 7.34 -0.17 -13.98
C VAL C 134 8.14 -1.30 -14.62
N ASN C 135 7.59 -1.88 -15.68
CA ASN C 135 8.28 -2.92 -16.43
C ASN C 135 7.81 -2.88 -17.88
N ARG C 136 8.63 -3.43 -18.77
CA ARG C 136 8.35 -3.38 -20.20
C ARG C 136 7.52 -4.58 -20.67
N GLY C 137 8.04 -5.79 -20.48
CA GLY C 137 7.32 -6.96 -20.94
C GLY C 137 8.12 -8.23 -20.72
N LEU C 138 7.67 -9.30 -21.38
CA LEU C 138 8.24 -10.63 -21.28
C LEU C 138 8.77 -11.06 -22.65
N ALA C 139 9.52 -12.16 -22.65
CA ALA C 139 10.03 -12.73 -23.90
C ALA C 139 9.66 -14.20 -23.99
N TYR C 140 9.53 -14.69 -25.22
CA TYR C 140 9.12 -16.07 -25.47
C TYR C 140 10.09 -16.76 -26.41
N TRP C 141 10.54 -17.95 -26.03
CA TRP C 141 11.42 -18.77 -26.87
C TRP C 141 10.74 -20.10 -27.16
N PRO C 142 10.53 -20.46 -28.43
CA PRO C 142 9.79 -21.70 -28.73
C PRO C 142 10.45 -22.96 -28.21
N GLY C 143 11.78 -23.03 -28.22
CA GLY C 143 12.47 -24.22 -27.76
C GLY C 143 12.57 -25.30 -28.81
N ASP C 144 13.70 -26.02 -28.83
CA ASP C 144 13.92 -27.11 -29.76
C ASP C 144 13.26 -28.37 -29.21
N GLY C 145 13.60 -29.52 -29.81
CA GLY C 145 13.02 -30.78 -29.35
C GLY C 145 13.47 -31.15 -27.94
N LYS C 146 14.74 -30.93 -27.62
CA LYS C 146 15.26 -31.34 -26.32
C LYS C 146 14.74 -30.46 -25.19
N THR C 147 14.74 -29.15 -25.39
CA THR C 147 14.36 -28.24 -24.32
C THR C 147 12.96 -27.67 -24.56
N PRO C 148 12.19 -27.45 -23.51
CA PRO C 148 10.83 -26.92 -23.67
C PRO C 148 10.83 -25.42 -23.91
N ALA C 149 9.65 -24.91 -24.25
CA ALA C 149 9.48 -23.49 -24.49
C ALA C 149 9.71 -22.70 -23.20
N LEU C 150 10.22 -21.48 -23.36
CA LEU C 150 10.65 -20.70 -22.21
C LEU C 150 10.04 -19.30 -22.24
N ILE C 151 9.74 -18.79 -21.04
CA ILE C 151 9.33 -17.40 -20.83
C ILE C 151 10.44 -16.72 -20.05
N LEU C 152 10.96 -15.63 -20.60
CA LEU C 152 12.12 -14.94 -20.05
C LEU C 152 11.70 -13.60 -19.47
N LYS C 153 12.15 -13.33 -18.25
CA LYS C 153 11.74 -12.14 -17.53
C LYS C 153 12.89 -11.58 -16.69
N THR C 154 12.72 -10.33 -16.27
CA THR C 154 13.70 -9.62 -15.45
C THR C 154 13.00 -9.03 -14.23
N GLN C 155 13.80 -8.78 -13.19
CA GLN C 155 13.30 -8.25 -11.92
C GLN C 155 14.01 -6.95 -11.58
N LEU C 156 13.34 -6.14 -10.74
CA LEU C 156 13.89 -4.84 -10.36
C LEU C 156 15.16 -4.98 -9.53
N ASP C 157 15.29 -6.08 -8.78
CA ASP C 157 16.49 -6.28 -7.98
C ASP C 157 17.73 -6.43 -8.86
N GLY C 158 17.56 -6.91 -10.09
CA GLY C 158 18.69 -7.06 -10.99
C GLY C 158 18.96 -8.49 -11.38
N ASN C 159 17.93 -9.32 -11.42
CA ASN C 159 18.05 -10.72 -11.76
C ASN C 159 17.28 -11.03 -13.03
N VAL C 160 17.76 -12.01 -13.78
CA VAL C 160 17.13 -12.47 -15.01
C VAL C 160 16.81 -13.94 -14.86
N ALA C 161 15.56 -14.31 -15.19
CA ALA C 161 15.06 -15.65 -14.93
C ALA C 161 14.39 -16.23 -16.16
N ALA C 162 14.50 -17.54 -16.30
CA ALA C 162 13.80 -18.30 -17.33
C ALA C 162 12.82 -19.26 -16.67
N LEU C 163 11.61 -19.34 -17.22
CA LEU C 163 10.55 -20.17 -16.65
C LEU C 163 9.94 -21.06 -17.73
N ASN C 164 9.43 -22.22 -17.30
CA ASN C 164 8.75 -23.11 -18.21
C ASN C 164 7.37 -22.56 -18.56
N ALA C 165 6.99 -22.71 -19.83
CA ALA C 165 5.73 -22.13 -20.31
C ALA C 165 4.52 -22.90 -19.79
N GLU C 166 4.58 -24.23 -19.83
CA GLU C 166 3.42 -25.04 -19.48
C GLU C 166 3.18 -25.06 -17.97
N THR C 167 4.22 -25.22 -17.16
CA THR C 167 4.08 -25.42 -15.73
C THR C 167 4.46 -24.18 -14.92
N GLY C 168 5.67 -23.67 -15.10
CA GLY C 168 6.04 -22.42 -14.46
C GLY C 168 7.17 -22.49 -13.45
N GLU C 169 8.00 -23.52 -13.51
CA GLU C 169 9.15 -23.61 -12.63
C GLU C 169 10.29 -22.75 -13.18
N THR C 170 11.38 -22.70 -12.42
CA THR C 170 12.56 -21.92 -12.80
C THR C 170 13.64 -22.85 -13.35
N VAL C 171 14.13 -22.54 -14.54
CA VAL C 171 15.19 -23.32 -15.17
C VAL C 171 16.56 -22.72 -14.89
N TRP C 172 16.72 -21.40 -15.05
CA TRP C 172 17.96 -20.76 -14.65
C TRP C 172 17.70 -19.32 -14.25
N LYS C 173 18.62 -18.80 -13.43
CA LYS C 173 18.53 -17.46 -12.84
C LYS C 173 19.94 -16.89 -12.70
N VAL C 174 20.15 -15.70 -13.23
CA VAL C 174 21.47 -15.06 -13.21
C VAL C 174 21.31 -13.63 -12.67
N GLU C 175 22.41 -13.09 -12.14
CA GLU C 175 22.46 -11.72 -11.66
C GLU C 175 23.18 -10.83 -12.67
N ASN C 176 22.59 -9.68 -12.97
CA ASN C 176 23.09 -8.79 -14.01
C ASN C 176 23.60 -7.46 -13.46
N SER C 177 22.77 -6.74 -12.72
CA SER C 177 23.10 -5.41 -12.25
C SER C 177 23.40 -5.43 -10.76
N ASP C 178 23.85 -4.28 -10.24
CA ASP C 178 24.19 -4.12 -8.84
C ASP C 178 23.34 -3.02 -8.22
N ILE C 179 22.66 -3.35 -7.13
CA ILE C 179 21.83 -2.36 -6.43
C ILE C 179 22.71 -1.32 -5.73
N LYS C 180 23.86 -1.75 -5.20
CA LYS C 180 24.71 -0.83 -4.45
C LYS C 180 25.18 0.33 -5.31
N VAL C 181 25.55 0.06 -6.57
CA VAL C 181 25.89 1.13 -7.49
C VAL C 181 24.67 2.01 -7.77
N GLY C 182 23.51 1.39 -7.94
CA GLY C 182 22.28 2.14 -8.12
C GLY C 182 21.52 1.77 -9.38
N SER C 183 21.84 0.62 -9.97
CA SER C 183 21.26 0.18 -11.22
C SER C 183 20.09 -0.77 -10.95
N THR C 184 18.92 -0.41 -11.46
CA THR C 184 17.72 -1.22 -11.32
C THR C 184 17.15 -1.51 -12.70
N LEU C 185 16.50 -2.65 -12.84
CA LEU C 185 16.07 -3.17 -14.14
C LEU C 185 14.60 -2.89 -14.37
N THR C 186 14.29 -2.34 -15.55
CA THR C 186 12.92 -2.12 -16.00
C THR C 186 12.67 -2.67 -17.40
N ILE C 187 13.71 -2.88 -18.19
CA ILE C 187 13.63 -3.30 -19.59
C ILE C 187 13.04 -4.70 -19.74
N ALA C 188 12.70 -5.06 -20.97
CA ALA C 188 12.29 -6.41 -21.35
C ALA C 188 13.38 -7.07 -22.21
N PRO C 189 13.56 -8.38 -22.07
CA PRO C 189 14.58 -9.07 -22.88
C PRO C 189 14.16 -9.18 -24.34
N TYR C 190 15.15 -9.46 -25.19
CA TYR C 190 14.87 -9.67 -26.61
C TYR C 190 15.45 -11.01 -27.05
N VAL C 191 14.67 -11.80 -27.77
CA VAL C 191 15.07 -13.16 -28.17
C VAL C 191 15.45 -13.14 -29.64
N VAL C 192 16.71 -13.47 -29.94
CA VAL C 192 17.18 -13.55 -31.32
C VAL C 192 17.99 -14.84 -31.45
N LYS C 193 17.61 -15.67 -32.41
CA LYS C 193 18.25 -16.97 -32.67
C LYS C 193 18.20 -17.76 -31.36
N ASP C 194 19.30 -18.31 -30.87
CA ASP C 194 19.34 -19.00 -29.59
C ASP C 194 19.92 -18.14 -28.47
N LYS C 195 19.70 -16.83 -28.53
CA LYS C 195 20.30 -15.90 -27.59
C LYS C 195 19.26 -14.93 -27.05
N VAL C 196 19.50 -14.45 -25.83
CA VAL C 196 18.68 -13.44 -25.18
C VAL C 196 19.55 -12.22 -24.92
N ILE C 197 19.04 -11.05 -25.29
CA ILE C 197 19.78 -9.79 -25.26
C ILE C 197 19.14 -8.88 -24.22
N ILE C 198 19.97 -8.35 -23.33
CA ILE C 198 19.54 -7.56 -22.18
C ILE C 198 20.38 -6.30 -22.09
N GLY C 199 19.73 -5.16 -21.93
CA GLY C 199 20.40 -3.89 -21.71
C GLY C 199 20.55 -3.58 -20.24
N SER C 200 20.73 -2.29 -19.94
CA SER C 200 20.92 -1.84 -18.57
C SER C 200 20.12 -0.56 -18.35
N SER C 201 19.75 -0.34 -17.09
CA SER C 201 19.01 0.85 -16.69
C SER C 201 19.27 1.09 -15.21
N GLY C 202 18.93 2.28 -14.74
CA GLY C 202 19.13 2.61 -13.35
C GLY C 202 19.12 4.11 -13.12
N ALA C 203 19.78 4.53 -12.04
CA ALA C 203 19.83 5.93 -11.65
C ALA C 203 20.82 6.75 -12.46
N GLU C 204 21.67 6.10 -13.28
CA GLU C 204 22.62 6.77 -14.17
C GLU C 204 23.39 7.89 -13.49
N LEU C 205 23.68 7.72 -12.19
CA LEU C 205 24.43 8.72 -11.45
C LEU C 205 25.93 8.55 -11.65
N GLY C 206 26.47 7.39 -11.28
CA GLY C 206 27.89 7.16 -11.36
C GLY C 206 28.30 5.88 -12.07
N VAL C 207 27.57 5.50 -13.11
CA VAL C 207 27.87 4.29 -13.85
C VAL C 207 27.52 4.51 -15.32
N ARG C 208 28.21 3.77 -16.20
CA ARG C 208 27.94 3.79 -17.63
C ARG C 208 27.17 2.55 -18.05
N GLY C 209 26.54 2.62 -19.23
CA GLY C 209 25.68 1.56 -19.69
C GLY C 209 26.39 0.50 -20.52
N TYR C 210 25.76 -0.65 -20.63
CA TYR C 210 26.32 -1.76 -21.39
C TYR C 210 25.21 -2.70 -21.83
N LEU C 211 25.52 -3.53 -22.82
CA LEU C 211 24.61 -4.49 -23.41
C LEU C 211 25.21 -5.88 -23.31
N THR C 212 24.38 -6.88 -22.99
CA THR C 212 24.86 -8.23 -22.74
C THR C 212 24.01 -9.24 -23.51
N ALA C 213 24.67 -10.29 -23.99
CA ALA C 213 24.00 -11.41 -24.64
C ALA C 213 24.25 -12.68 -23.85
N TYR C 214 23.19 -13.45 -23.59
CA TYR C 214 23.26 -14.70 -22.87
C TYR C 214 22.73 -15.84 -23.72
N ASP C 215 23.21 -17.04 -23.47
CA ASP C 215 22.62 -18.22 -24.05
C ASP C 215 21.26 -18.49 -23.42
N VAL C 216 20.30 -18.89 -24.24
CA VAL C 216 18.93 -19.01 -23.76
C VAL C 216 18.69 -20.34 -23.06
N LYS C 217 19.51 -21.35 -23.32
CA LYS C 217 19.33 -22.66 -22.71
C LYS C 217 20.04 -22.80 -21.36
N THR C 218 21.25 -22.27 -21.26
CA THR C 218 22.07 -22.42 -20.05
C THR C 218 22.13 -21.15 -19.22
N GLY C 219 22.52 -20.02 -19.80
CA GLY C 219 22.61 -18.78 -19.07
C GLY C 219 24.00 -18.19 -19.04
N GLU C 220 24.92 -18.78 -19.78
CA GLU C 220 26.28 -18.30 -19.85
C GLU C 220 26.37 -17.05 -20.74
N GLN C 221 27.37 -16.22 -20.45
CA GLN C 221 27.53 -14.94 -21.13
C GLN C 221 28.34 -15.11 -22.40
N VAL C 222 27.84 -14.56 -23.51
CA VAL C 222 28.49 -14.70 -24.80
C VAL C 222 29.31 -13.45 -25.12
N TRP C 223 28.66 -12.28 -25.16
CA TRP C 223 29.39 -11.06 -25.44
C TRP C 223 28.78 -9.87 -24.69
N ARG C 224 29.63 -8.87 -24.46
CA ARG C 224 29.27 -7.62 -23.81
C ARG C 224 29.78 -6.45 -24.64
N ALA C 225 29.01 -5.37 -24.64
CA ALA C 225 29.38 -4.18 -25.38
C ALA C 225 29.13 -2.94 -24.52
N TYR C 226 30.00 -1.95 -24.68
CA TYR C 226 29.93 -0.71 -23.92
C TYR C 226 29.63 0.46 -24.85
N ALA C 227 29.08 1.53 -24.29
CA ALA C 227 28.73 2.70 -25.06
C ALA C 227 29.87 3.71 -25.16
N THR C 228 30.57 3.96 -24.06
CA THR C 228 31.66 4.92 -24.02
C THR C 228 32.91 4.27 -23.47
N GLY C 229 34.04 4.54 -24.09
CA GLY C 229 35.31 4.01 -23.64
C GLY C 229 36.26 3.72 -24.78
N PRO C 230 37.32 2.96 -24.51
CA PRO C 230 38.27 2.61 -25.56
C PRO C 230 37.66 1.68 -26.60
N ASP C 231 38.39 1.49 -27.69
CA ASP C 231 37.89 0.69 -28.80
C ASP C 231 37.71 -0.77 -28.42
N LYS C 232 38.56 -1.28 -27.51
CA LYS C 232 38.41 -2.66 -27.07
C LYS C 232 37.09 -2.87 -26.33
N ASP C 233 36.70 -1.92 -25.48
CA ASP C 233 35.44 -2.03 -24.77
C ASP C 233 34.25 -1.80 -25.69
N LEU C 234 34.41 -0.92 -26.69
CA LEU C 234 33.33 -0.68 -27.64
C LEU C 234 33.04 -1.90 -28.49
N LEU C 235 34.08 -2.68 -28.81
CA LEU C 235 33.97 -3.89 -29.61
C LEU C 235 33.39 -3.55 -30.99
N LEU C 236 34.20 -2.80 -31.74
CA LEU C 236 33.85 -2.32 -33.07
C LEU C 236 34.44 -3.25 -34.13
N ALA C 237 33.92 -3.13 -35.34
CA ALA C 237 34.31 -3.98 -36.45
C ALA C 237 35.40 -3.30 -37.28
N SER C 238 35.88 -4.02 -38.29
CA SER C 238 36.93 -3.48 -39.15
C SER C 238 36.40 -2.46 -40.15
N ASP C 239 35.18 -2.64 -40.64
CA ASP C 239 34.56 -1.74 -41.62
C ASP C 239 33.52 -0.84 -40.97
N PHE C 240 33.77 -0.38 -39.75
CA PHE C 240 32.84 0.49 -39.05
C PHE C 240 32.75 1.84 -39.76
N ASN C 241 31.53 2.19 -40.21
CA ASN C 241 31.26 3.46 -40.87
C ASN C 241 32.15 3.66 -42.09
N ILE C 242 32.31 2.60 -42.89
CA ILE C 242 33.13 2.69 -44.09
C ILE C 242 32.45 3.57 -45.15
N LYS C 243 31.13 3.49 -45.25
CA LYS C 243 30.41 4.23 -46.28
C LYS C 243 30.27 5.71 -45.95
N ASN C 244 30.21 6.06 -44.66
CA ASN C 244 30.02 7.44 -44.22
C ASN C 244 31.13 7.78 -43.23
N PRO C 245 32.32 8.13 -43.73
CA PRO C 245 33.44 8.38 -42.82
C PRO C 245 33.33 9.65 -42.01
N HIS C 246 32.44 10.57 -42.38
CA HIS C 246 32.34 11.84 -41.65
C HIS C 246 31.44 11.74 -40.42
N TYR C 247 30.84 10.58 -40.15
CA TYR C 247 30.06 10.39 -38.95
C TYR C 247 30.93 10.11 -37.73
N GLY C 248 32.21 9.84 -37.92
CA GLY C 248 33.08 9.42 -36.83
C GLY C 248 33.46 7.96 -36.97
N GLN C 249 34.76 7.66 -37.02
CA GLN C 249 35.21 6.32 -37.36
C GLN C 249 35.91 5.61 -36.21
N LYS C 250 37.01 6.17 -35.70
CA LYS C 250 37.81 5.44 -34.72
C LYS C 250 38.38 6.41 -33.68
N GLY C 251 38.53 5.90 -32.46
CA GLY C 251 39.22 6.60 -31.40
C GLY C 251 38.42 7.67 -30.69
N LEU C 252 37.15 7.86 -31.03
CA LEU C 252 36.36 8.94 -30.49
C LEU C 252 35.65 8.58 -29.19
N GLY C 253 35.80 7.35 -28.71
CA GLY C 253 35.19 6.99 -27.45
C GLY C 253 35.75 7.74 -26.27
N THR C 254 37.06 8.04 -26.30
CA THR C 254 37.72 8.81 -25.26
C THR C 254 38.20 10.17 -25.72
N GLY C 255 38.32 10.39 -27.04
CA GLY C 255 38.82 11.67 -27.51
C GLY C 255 37.88 12.82 -27.23
N THR C 256 36.57 12.62 -27.43
CA THR C 256 35.61 13.69 -27.22
C THR C 256 35.54 14.10 -25.75
N TRP C 257 35.57 13.13 -24.85
CA TRP C 257 35.53 13.44 -23.44
C TRP C 257 36.85 14.05 -22.97
N GLU C 258 36.78 14.83 -21.91
CA GLU C 258 37.95 15.47 -21.32
C GLU C 258 38.41 14.64 -20.12
N GLY C 259 39.65 14.17 -20.18
CA GLY C 259 40.16 13.35 -19.09
C GLY C 259 39.48 11.99 -19.03
N ASP C 260 39.15 11.57 -17.82
CA ASP C 260 38.55 10.26 -17.57
C ASP C 260 37.07 10.38 -17.22
N ALA C 261 36.37 11.31 -17.87
CA ALA C 261 34.96 11.51 -17.56
C ALA C 261 34.08 10.40 -18.11
N TRP C 262 34.56 9.63 -19.10
CA TRP C 262 33.72 8.62 -19.73
C TRP C 262 33.36 7.49 -18.78
N LYS C 263 34.04 7.37 -17.64
CA LYS C 263 33.66 6.37 -16.66
C LYS C 263 32.36 6.73 -15.94
N ILE C 264 31.88 7.96 -16.09
CA ILE C 264 30.61 8.39 -15.53
C ILE C 264 29.69 8.94 -16.64
N GLY C 265 30.00 8.63 -17.88
CA GLY C 265 29.30 9.24 -19.00
C GLY C 265 27.82 8.89 -19.04
N GLY C 266 27.48 7.63 -18.82
CA GLY C 266 26.11 7.20 -18.94
C GLY C 266 25.87 6.47 -20.25
N GLY C 267 24.78 6.79 -20.93
CA GLY C 267 24.46 6.16 -22.19
C GLY C 267 23.68 4.87 -22.10
N THR C 268 22.92 4.68 -21.01
CA THR C 268 22.12 3.48 -20.88
C THR C 268 20.96 3.48 -21.87
N ASN C 269 20.60 2.30 -22.33
CA ASN C 269 19.51 2.11 -23.27
C ASN C 269 18.39 1.33 -22.61
N TRP C 270 17.16 1.86 -22.70
CA TRP C 270 16.00 1.17 -22.15
C TRP C 270 14.83 1.22 -23.13
N GLY C 271 15.13 1.29 -24.42
CA GLY C 271 14.13 1.34 -25.46
C GLY C 271 13.81 -0.03 -26.04
N TRP C 272 13.41 -0.02 -27.30
CA TRP C 272 13.03 -1.24 -28.01
C TRP C 272 14.16 -1.68 -28.94
N TYR C 273 13.95 -2.79 -29.63
CA TYR C 273 14.93 -3.35 -30.55
C TYR C 273 14.25 -3.68 -31.88
N ALA C 274 15.07 -3.85 -32.91
CA ALA C 274 14.60 -4.40 -34.17
C ALA C 274 15.65 -5.37 -34.70
N TYR C 275 15.21 -6.33 -35.51
CA TYR C 275 16.10 -7.36 -36.02
C TYR C 275 15.81 -7.62 -37.49
N ASP C 276 16.85 -7.83 -38.28
CA ASP C 276 16.71 -8.12 -39.70
C ASP C 276 17.41 -9.42 -40.05
N PRO C 277 16.68 -10.48 -40.40
CA PRO C 277 17.33 -11.75 -40.77
C PRO C 277 18.24 -11.64 -41.97
N GLY C 278 17.90 -10.81 -42.96
CA GLY C 278 18.69 -10.75 -44.18
C GLY C 278 20.09 -10.23 -43.94
N THR C 279 20.20 -9.13 -43.19
CA THR C 279 21.50 -8.54 -42.88
C THR C 279 22.09 -9.02 -41.56
N ASN C 280 21.34 -9.80 -40.79
CA ASN C 280 21.79 -10.35 -39.50
C ASN C 280 22.26 -9.23 -38.57
N LEU C 281 21.39 -8.25 -38.37
CA LEU C 281 21.71 -7.11 -37.52
C LEU C 281 20.54 -6.83 -36.58
N ILE C 282 20.90 -6.25 -35.42
CA ILE C 282 19.94 -5.78 -34.43
C ILE C 282 20.15 -4.28 -34.26
N TYR C 283 19.06 -3.52 -34.35
CA TYR C 283 19.09 -2.07 -34.35
C TYR C 283 18.50 -1.54 -33.05
N PHE C 284 19.19 -0.58 -32.45
CA PHE C 284 18.73 0.06 -31.22
C PHE C 284 19.38 1.44 -31.10
N GLY C 285 19.14 2.08 -29.97
CA GLY C 285 19.67 3.42 -29.74
C GLY C 285 20.00 3.65 -28.27
N THR C 286 20.97 4.50 -28.02
CA THR C 286 21.49 4.74 -26.69
C THR C 286 20.88 5.99 -26.06
N GLY C 287 21.12 6.16 -24.77
CA GLY C 287 20.50 7.21 -23.99
C GLY C 287 21.31 8.48 -23.90
N ASN C 288 21.01 9.27 -22.86
CA ASN C 288 21.58 10.59 -22.64
C ASN C 288 22.84 10.53 -21.79
N PRO C 289 23.70 11.54 -21.88
CA PRO C 289 24.91 11.56 -21.05
C PRO C 289 24.68 12.20 -19.69
N ALA C 290 25.62 11.95 -18.80
CA ALA C 290 25.58 12.42 -17.42
C ALA C 290 26.92 13.03 -17.05
N PRO C 291 26.96 13.97 -16.09
CA PRO C 291 25.85 14.55 -15.31
C PRO C 291 25.01 15.57 -16.09
N TRP C 292 23.90 15.98 -15.50
CA TRP C 292 22.96 16.86 -16.19
C TRP C 292 23.53 18.26 -16.45
N ASN C 293 24.58 18.65 -15.74
CA ASN C 293 25.19 19.97 -15.94
C ASN C 293 26.08 19.92 -17.16
N GLU C 294 25.69 20.66 -18.20
CA GLU C 294 26.45 20.64 -19.46
C GLU C 294 27.81 21.30 -19.35
N THR C 295 28.07 22.06 -18.28
CA THR C 295 29.35 22.70 -18.09
C THR C 295 30.44 21.73 -17.67
N MET C 296 30.09 20.68 -16.95
CA MET C 296 31.08 19.76 -16.38
C MET C 296 31.55 18.69 -17.37
N ARG C 297 30.95 18.58 -18.55
CA ARG C 297 31.33 17.58 -19.54
C ARG C 297 31.48 18.24 -20.91
N PRO C 298 32.58 18.97 -21.13
CA PRO C 298 32.78 19.61 -22.44
C PRO C 298 33.20 18.60 -23.50
N GLY C 299 32.65 18.77 -24.69
CA GLY C 299 32.94 17.93 -25.83
C GLY C 299 31.68 17.38 -26.46
N ASP C 300 31.88 16.57 -27.50
CA ASP C 300 30.75 15.96 -28.20
C ASP C 300 30.15 14.79 -27.42
N ASN C 301 30.94 14.15 -26.55
CA ASN C 301 30.50 12.99 -25.79
C ASN C 301 30.05 11.87 -26.73
N LYS C 302 31.01 11.37 -27.50
CA LYS C 302 30.70 10.51 -28.63
C LYS C 302 30.14 9.16 -28.19
N TRP C 303 29.30 8.59 -29.07
CA TRP C 303 28.61 7.32 -28.84
C TRP C 303 27.70 7.39 -27.61
N THR C 304 27.08 8.55 -27.42
CA THR C 304 25.95 8.73 -26.53
C THR C 304 24.88 9.44 -27.34
N MET C 305 23.64 8.95 -27.24
CA MET C 305 22.56 9.31 -28.17
C MET C 305 22.94 8.94 -29.60
N THR C 306 23.13 7.64 -29.81
CA THR C 306 23.58 7.10 -31.08
C THR C 306 22.72 5.93 -31.52
N ILE C 307 22.34 5.94 -32.79
CA ILE C 307 21.68 4.80 -33.43
C ILE C 307 22.75 3.79 -33.81
N PHE C 308 22.58 2.54 -33.34
CA PHE C 308 23.52 1.46 -33.56
C PHE C 308 22.85 0.29 -34.26
N GLY C 309 23.60 -0.37 -35.13
CA GLY C 309 23.25 -1.67 -35.67
C GLY C 309 24.37 -2.66 -35.45
N ARG C 310 24.12 -3.69 -34.64
CA ARG C 310 25.16 -4.62 -34.19
C ARG C 310 24.86 -6.03 -34.68
N ASP C 311 25.93 -6.78 -34.91
CA ASP C 311 25.78 -8.18 -35.31
C ASP C 311 25.23 -9.01 -34.14
N ALA C 312 24.34 -9.95 -34.46
CA ALA C 312 23.71 -10.74 -33.41
C ALA C 312 24.65 -11.80 -32.85
N ASP C 313 25.44 -12.44 -33.72
CA ASP C 313 26.27 -13.56 -33.28
C ASP C 313 27.49 -13.10 -32.48
N THR C 314 28.16 -12.04 -32.93
CA THR C 314 29.41 -11.62 -32.30
C THR C 314 29.32 -10.27 -31.60
N GLY C 315 28.29 -9.48 -31.86
CA GLY C 315 28.13 -8.20 -31.22
C GLY C 315 28.87 -7.05 -31.87
N GLU C 316 29.57 -7.28 -32.96
CA GLU C 316 30.35 -6.22 -33.60
C GLU C 316 29.41 -5.21 -34.26
N ALA C 317 29.77 -3.93 -34.13
CA ALA C 317 28.96 -2.84 -34.67
C ALA C 317 29.33 -2.58 -36.12
N LYS C 318 28.32 -2.35 -36.95
CA LYS C 318 28.51 -2.11 -38.37
C LYS C 318 28.45 -0.63 -38.73
N PHE C 319 27.59 0.13 -38.07
CA PHE C 319 27.54 1.57 -38.25
C PHE C 319 26.94 2.23 -37.03
N GLY C 320 27.17 3.52 -36.89
CA GLY C 320 26.60 4.29 -35.80
C GLY C 320 26.40 5.73 -36.22
N TYR C 321 25.31 6.32 -35.75
CA TYR C 321 24.99 7.69 -36.14
C TYR C 321 24.54 8.48 -34.92
N GLN C 322 25.16 9.64 -34.69
CA GLN C 322 24.83 10.46 -33.52
C GLN C 322 23.82 11.54 -33.89
N LYS C 323 22.84 11.76 -33.01
CA LYS C 323 21.73 12.66 -33.25
C LYS C 323 21.96 14.06 -32.70
N THR C 324 22.15 14.18 -31.39
CA THR C 324 22.31 15.48 -30.73
C THR C 324 23.65 15.54 -30.02
N PRO C 325 24.67 16.16 -30.60
CA PRO C 325 25.95 16.27 -29.90
C PRO C 325 25.86 17.27 -28.76
N HIS C 326 26.41 16.89 -27.60
CA HIS C 326 26.47 17.73 -26.41
C HIS C 326 25.07 18.20 -26.00
N ASP C 327 24.25 17.23 -25.62
CA ASP C 327 22.89 17.52 -25.19
C ASP C 327 22.86 18.48 -24.01
N GLU C 328 21.94 19.44 -24.06
CA GLU C 328 21.78 20.43 -23.01
C GLU C 328 20.40 20.47 -22.39
N TRP C 329 19.39 19.88 -23.04
CA TRP C 329 18.01 19.96 -22.59
C TRP C 329 17.55 18.73 -21.83
N ASP C 330 18.44 17.78 -21.57
CA ASP C 330 18.13 16.53 -20.87
C ASP C 330 17.05 15.75 -21.62
N TYR C 331 17.32 15.48 -22.90
CA TYR C 331 16.48 14.62 -23.72
C TYR C 331 16.91 13.16 -23.53
N ALA C 332 16.38 12.27 -24.35
CA ALA C 332 16.80 10.87 -24.33
C ALA C 332 16.37 10.21 -25.63
N GLY C 333 17.34 9.71 -26.40
CA GLY C 333 17.03 9.03 -27.65
C GLY C 333 16.86 7.54 -27.49
N VAL C 334 15.77 7.12 -26.84
CA VAL C 334 15.52 5.71 -26.57
C VAL C 334 14.17 5.29 -27.11
N ASN C 335 13.73 5.93 -28.19
CA ASN C 335 12.42 5.66 -28.76
C ASN C 335 12.47 4.40 -29.62
N VAL C 336 11.42 4.15 -30.39
CA VAL C 336 11.22 2.89 -31.10
C VAL C 336 11.80 2.99 -32.50
N MET C 337 12.30 1.85 -32.99
CA MET C 337 12.77 1.70 -34.36
C MET C 337 11.74 0.91 -35.16
N MET C 338 11.52 1.32 -36.42
CA MET C 338 10.62 0.60 -37.30
C MET C 338 11.32 0.32 -38.62
N LEU C 339 10.88 -0.73 -39.30
CA LEU C 339 11.49 -1.17 -40.56
C LEU C 339 10.46 -1.19 -41.67
N SER C 340 10.91 -0.86 -42.89
CA SER C 340 10.01 -0.86 -44.04
C SER C 340 10.84 -1.00 -45.31
N GLU C 341 10.14 -1.12 -46.44
CA GLU C 341 10.78 -1.22 -47.75
C GLU C 341 9.99 -0.37 -48.72
N GLN C 342 10.56 0.75 -49.16
CA GLN C 342 9.82 1.70 -49.98
C GLN C 342 10.72 2.27 -51.06
N LYS C 343 10.10 3.03 -51.97
CA LYS C 343 10.83 3.68 -53.05
C LYS C 343 11.21 5.10 -52.63
N ASP C 344 12.42 5.50 -52.97
CA ASP C 344 12.92 6.83 -52.65
C ASP C 344 12.46 7.84 -53.69
N LYS C 345 12.96 9.08 -53.60
CA LYS C 345 12.55 10.11 -54.55
C LYS C 345 13.10 9.84 -55.94
N ASP C 346 14.30 9.24 -56.05
CA ASP C 346 14.85 8.91 -57.36
C ASP C 346 14.01 7.85 -58.07
N GLY C 347 13.54 6.85 -57.33
CA GLY C 347 12.71 5.83 -57.93
C GLY C 347 13.28 4.42 -57.86
N LYS C 348 14.08 4.15 -56.83
CA LYS C 348 14.66 2.83 -56.62
C LYS C 348 14.24 2.29 -55.26
N ALA C 349 14.01 0.98 -55.19
CA ALA C 349 13.55 0.36 -53.95
C ALA C 349 14.68 0.31 -52.94
N ARG C 350 14.37 0.69 -51.70
CA ARG C 350 15.35 0.73 -50.62
C ARG C 350 14.72 0.20 -49.34
N LYS C 351 15.56 -0.44 -48.54
CA LYS C 351 15.18 -0.95 -47.22
C LYS C 351 15.53 0.11 -46.18
N LEU C 352 14.55 0.49 -45.37
CA LEU C 352 14.66 1.69 -44.56
C LEU C 352 14.30 1.39 -43.10
N LEU C 353 14.93 2.15 -42.20
CA LEU C 353 14.56 2.18 -40.80
C LEU C 353 14.16 3.60 -40.41
N THR C 354 13.09 3.71 -39.64
CA THR C 354 12.54 4.98 -39.19
C THR C 354 12.64 5.06 -37.67
N HIS C 355 13.08 6.22 -37.18
CA HIS C 355 13.26 6.47 -35.76
C HIS C 355 12.74 7.85 -35.36
N PRO C 356 11.69 7.92 -34.56
CA PRO C 356 11.34 9.19 -33.94
C PRO C 356 12.25 9.48 -32.75
N ASP C 357 12.33 10.76 -32.41
CA ASP C 357 13.21 11.20 -31.34
C ASP C 357 12.52 12.28 -30.52
N ARG C 358 12.97 12.41 -29.26
CA ARG C 358 12.32 13.34 -28.35
C ARG C 358 12.55 14.79 -28.73
N ASN C 359 13.65 15.09 -29.42
CA ASN C 359 13.95 16.48 -29.75
C ASN C 359 13.03 17.04 -30.82
N GLY C 360 12.19 16.23 -31.44
CA GLY C 360 11.29 16.68 -32.46
C GLY C 360 11.70 16.36 -33.88
N ILE C 361 12.62 15.43 -34.09
CA ILE C 361 13.11 15.08 -35.41
C ILE C 361 12.87 13.60 -35.66
N VAL C 362 12.33 13.29 -36.83
CA VAL C 362 12.17 11.91 -37.30
C VAL C 362 13.26 11.64 -38.33
N TYR C 363 13.99 10.55 -38.12
CA TYR C 363 15.08 10.14 -38.99
C TYR C 363 14.67 8.91 -39.79
N THR C 364 15.12 8.85 -41.05
CA THR C 364 14.91 7.69 -41.91
C THR C 364 16.24 7.36 -42.57
N LEU C 365 16.76 6.18 -42.27
CA LEU C 365 18.08 5.74 -42.70
C LEU C 365 17.97 4.45 -43.49
N ASP C 366 19.07 4.07 -44.13
CA ASP C 366 19.20 2.80 -44.81
C ASP C 366 19.81 1.78 -43.86
N ARG C 367 19.14 0.63 -43.72
CA ARG C 367 19.56 -0.37 -42.74
C ARG C 367 20.54 -1.40 -43.31
N THR C 368 21.25 -1.05 -44.39
CA THR C 368 22.32 -1.87 -44.91
C THR C 368 23.69 -1.26 -44.72
N ASP C 369 23.81 0.05 -44.85
CA ASP C 369 25.07 0.76 -44.63
C ASP C 369 24.95 1.90 -43.64
N GLY C 370 23.83 2.62 -43.63
CA GLY C 370 23.62 3.68 -42.66
C GLY C 370 23.52 5.06 -43.28
N ALA C 371 23.27 5.12 -44.58
CA ALA C 371 23.17 6.41 -45.26
C ALA C 371 21.91 7.15 -44.82
N LEU C 372 22.04 8.48 -44.70
CA LEU C 372 20.92 9.32 -44.32
C LEU C 372 20.01 9.55 -45.51
N VAL C 373 18.73 9.22 -45.34
CA VAL C 373 17.74 9.36 -46.39
C VAL C 373 16.78 10.50 -46.14
N SER C 374 16.31 10.66 -44.90
CA SER C 374 15.41 11.77 -44.60
C SER C 374 15.53 12.17 -43.14
N ALA C 375 15.22 13.43 -42.87
CA ALA C 375 15.16 13.97 -41.52
C ALA C 375 14.17 15.12 -41.51
N ASN C 376 13.12 15.01 -40.71
CA ASN C 376 12.04 15.98 -40.73
C ASN C 376 11.60 16.33 -39.31
N LYS C 377 10.74 17.34 -39.22
CA LYS C 377 10.22 17.82 -37.93
C LYS C 377 8.79 17.34 -37.72
N LEU C 378 8.51 16.86 -36.50
CA LEU C 378 7.20 16.31 -36.21
C LEU C 378 6.11 17.37 -36.30
N ASP C 379 6.36 18.56 -35.75
CA ASP C 379 5.39 19.64 -35.75
C ASP C 379 6.09 20.93 -36.14
N ASP C 380 5.29 21.88 -36.64
CA ASP C 380 5.81 23.17 -37.08
C ASP C 380 6.05 24.15 -35.93
N THR C 381 5.96 23.69 -34.68
CA THR C 381 6.18 24.54 -33.51
C THR C 381 7.50 24.20 -32.82
N VAL C 382 8.41 23.55 -33.53
CA VAL C 382 9.71 23.19 -32.98
C VAL C 382 10.63 24.40 -33.13
N ASN C 383 11.19 24.86 -32.02
CA ASN C 383 12.10 25.99 -32.02
C ASN C 383 13.50 25.65 -31.54
N VAL C 384 13.71 24.47 -30.96
CA VAL C 384 15.04 24.10 -30.49
C VAL C 384 15.98 23.87 -31.67
N PHE C 385 15.46 23.47 -32.82
CA PHE C 385 16.25 23.26 -34.02
C PHE C 385 15.56 23.95 -35.19
N LYS C 386 16.37 24.44 -36.14
CA LYS C 386 15.82 25.05 -37.34
C LYS C 386 15.66 24.02 -38.46
N SER C 387 16.70 23.27 -38.75
CA SER C 387 16.65 22.21 -39.75
C SER C 387 17.81 21.25 -39.49
N VAL C 388 17.75 20.09 -40.14
CA VAL C 388 18.83 19.11 -40.09
C VAL C 388 19.41 18.97 -41.48
N ASP C 389 20.72 19.15 -41.59
CA ASP C 389 21.40 19.08 -42.88
C ASP C 389 21.64 17.63 -43.26
N LEU C 390 21.16 17.24 -44.45
CA LEU C 390 21.30 15.87 -44.90
C LEU C 390 22.72 15.54 -45.35
N LYS C 391 23.42 16.52 -45.93
CA LYS C 391 24.76 16.25 -46.44
C LYS C 391 25.76 16.00 -45.32
N THR C 392 25.64 16.74 -44.21
CA THR C 392 26.58 16.63 -43.11
C THR C 392 26.02 15.92 -41.89
N GLY C 393 24.72 15.96 -41.67
CA GLY C 393 24.12 15.33 -40.52
C GLY C 393 24.12 16.15 -39.25
N GLN C 394 24.66 17.37 -39.28
CA GLN C 394 24.71 18.22 -38.11
C GLN C 394 23.46 19.10 -38.04
N PRO C 395 22.72 19.07 -36.94
CA PRO C 395 21.53 19.92 -36.83
C PRO C 395 21.89 21.38 -36.75
N VAL C 396 20.98 22.23 -37.20
CA VAL C 396 21.14 23.68 -37.14
C VAL C 396 20.43 24.19 -35.89
N ARG C 397 21.18 24.86 -35.01
CA ARG C 397 20.69 25.24 -33.70
C ARG C 397 20.28 26.71 -33.67
N ASP C 398 19.25 27.00 -32.87
CA ASP C 398 18.81 28.35 -32.61
C ASP C 398 19.26 28.74 -31.20
N PRO C 399 20.20 29.68 -31.05
CA PRO C 399 20.77 29.94 -29.72
C PRO C 399 19.83 30.69 -28.78
N GLU C 400 18.72 31.25 -29.29
CA GLU C 400 17.79 31.94 -28.41
C GLU C 400 17.12 30.98 -27.44
N TYR C 401 16.81 29.76 -27.90
CA TYR C 401 16.09 28.79 -27.10
C TYR C 401 17.03 27.82 -26.39
N GLY C 402 18.33 28.09 -26.38
CA GLY C 402 19.28 27.26 -25.67
C GLY C 402 19.25 27.52 -24.18
N THR C 403 20.06 26.76 -23.46
CA THR C 403 20.18 26.86 -22.01
C THR C 403 21.50 27.52 -21.67
N ARG C 404 21.42 28.73 -21.11
CA ARG C 404 22.59 29.50 -20.72
C ARG C 404 22.39 30.08 -19.34
N MET C 405 23.49 30.30 -18.63
CA MET C 405 23.43 30.77 -17.26
C MET C 405 22.97 32.22 -17.18
N ASP C 406 22.26 32.54 -16.09
CA ASP C 406 21.78 33.90 -15.82
C ASP C 406 20.94 34.43 -16.96
N HIS C 407 19.98 33.62 -17.42
CA HIS C 407 19.10 34.00 -18.51
C HIS C 407 17.73 33.37 -18.30
N LEU C 408 16.73 33.96 -18.95
CA LEU C 408 15.36 33.48 -18.92
C LEU C 408 15.09 32.74 -20.22
N ALA C 409 15.41 31.44 -20.24
CA ALA C 409 15.07 30.60 -21.37
C ALA C 409 13.58 30.29 -21.32
N LYS C 410 12.81 30.90 -22.21
CA LYS C 410 11.36 30.87 -22.13
C LYS C 410 10.77 30.28 -23.40
N ASP C 411 9.72 29.48 -23.24
CA ASP C 411 8.96 28.90 -24.36
C ASP C 411 9.82 27.97 -25.20
N ILE C 412 10.49 27.00 -24.57
CA ILE C 412 11.23 26.00 -25.31
C ILE C 412 10.27 24.87 -25.65
N CYS C 413 10.07 24.62 -26.95
CA CYS C 413 9.21 23.56 -27.42
C CYS C 413 10.07 22.53 -28.16
N PRO C 414 10.12 21.27 -27.70
CA PRO C 414 9.37 20.60 -26.64
C PRO C 414 9.97 20.73 -25.24
N SER C 415 9.34 20.06 -24.28
CA SER C 415 9.82 20.00 -22.91
C SER C 415 10.73 18.80 -22.72
N ALA C 416 11.09 18.50 -21.47
CA ALA C 416 11.92 17.34 -21.17
C ALA C 416 11.19 16.04 -21.50
N MET C 417 9.86 16.03 -21.39
CA MET C 417 9.09 14.86 -21.81
C MET C 417 9.22 14.64 -23.31
N GLY C 418 9.20 15.72 -24.09
CA GLY C 418 9.35 15.64 -25.52
C GLY C 418 8.05 15.36 -26.23
N TYR C 419 8.04 15.64 -27.54
CA TYR C 419 6.87 15.35 -28.35
C TYR C 419 6.58 13.85 -28.40
N HIS C 420 7.60 13.04 -28.57
CA HIS C 420 7.38 11.60 -28.57
C HIS C 420 7.95 10.99 -27.30
N ASN C 421 7.44 9.81 -26.96
CA ASN C 421 7.89 9.13 -25.75
C ASN C 421 7.80 7.62 -25.98
N GLN C 422 7.80 6.86 -24.89
CA GLN C 422 7.99 5.41 -24.84
C GLN C 422 6.89 4.61 -25.53
N GLY C 423 5.88 5.20 -26.17
CA GLY C 423 4.89 4.41 -26.85
C GLY C 423 5.44 3.73 -28.09
N HIS C 424 4.68 2.76 -28.59
CA HIS C 424 5.08 1.97 -29.75
C HIS C 424 4.12 2.31 -30.87
N ASP C 425 4.62 2.99 -31.91
CA ASP C 425 3.78 3.52 -32.97
C ASP C 425 3.42 2.42 -33.96
N SER C 426 2.76 2.78 -35.06
CA SER C 426 2.26 1.77 -36.00
C SER C 426 2.59 2.14 -37.44
N TYR C 427 2.60 1.13 -38.30
CA TYR C 427 2.88 1.29 -39.72
C TYR C 427 1.90 0.47 -40.54
N ASP C 428 1.47 1.02 -41.67
CA ASP C 428 0.55 0.34 -42.57
C ASP C 428 1.24 0.02 -43.89
N PRO C 429 1.58 -1.24 -44.17
CA PRO C 429 2.33 -1.54 -45.39
C PRO C 429 1.61 -1.18 -46.68
N LYS C 430 0.28 -1.34 -46.73
CA LYS C 430 -0.44 -1.09 -47.97
C LYS C 430 -0.54 0.40 -48.28
N ARG C 431 -0.86 1.21 -47.29
CA ARG C 431 -0.99 2.65 -47.46
C ARG C 431 0.32 3.40 -47.31
N GLU C 432 1.36 2.76 -46.78
CA GLU C 432 2.66 3.39 -46.54
C GLU C 432 2.51 4.62 -45.65
N LEU C 433 1.91 4.42 -44.49
CA LEU C 433 1.65 5.48 -43.54
C LEU C 433 2.08 5.06 -42.14
N PHE C 434 2.58 6.02 -41.38
CA PHE C 434 2.97 5.83 -39.99
C PHE C 434 1.97 6.54 -39.10
N PHE C 435 1.44 5.82 -38.10
CA PHE C 435 0.50 6.38 -37.15
C PHE C 435 1.22 6.59 -35.82
N MET C 436 1.20 7.83 -35.34
CA MET C 436 1.98 8.23 -34.17
C MET C 436 1.15 9.10 -33.24
N GLY C 437 1.54 9.07 -31.96
CA GLY C 437 0.96 9.93 -30.95
C GLY C 437 1.99 10.87 -30.37
N ILE C 438 1.74 12.17 -30.44
CA ILE C 438 2.74 13.20 -30.20
C ILE C 438 2.27 14.13 -29.09
N ASN C 439 3.15 14.37 -28.12
CA ASN C 439 2.86 15.26 -27.01
C ASN C 439 2.78 16.71 -27.50
N HIS C 440 2.13 17.55 -26.69
CA HIS C 440 2.06 19.00 -26.96
C HIS C 440 2.32 19.71 -25.64
N ILE C 441 3.60 19.92 -25.32
CA ILE C 441 4.01 20.55 -24.07
C ILE C 441 5.21 21.44 -24.36
N CYS C 442 5.26 22.60 -23.70
CA CYS C 442 6.39 23.50 -23.84
C CYS C 442 6.82 23.99 -22.46
N MET C 443 8.12 24.17 -22.28
CA MET C 443 8.68 24.37 -20.96
C MET C 443 9.45 25.68 -20.86
N ASP C 444 9.82 25.99 -19.62
CA ASP C 444 10.67 27.12 -19.24
C ASP C 444 11.89 26.58 -18.50
N TRP C 445 12.86 27.45 -18.27
CA TRP C 445 14.11 27.05 -17.64
C TRP C 445 14.73 28.25 -16.95
N GLU C 446 15.02 28.11 -15.66
CA GLU C 446 15.69 29.19 -14.94
C GLU C 446 16.74 28.67 -13.98
N PRO C 447 18.02 28.95 -14.21
CA PRO C 447 19.05 28.52 -13.29
C PRO C 447 19.13 29.42 -12.06
N PHE C 448 19.74 28.89 -11.01
CA PHE C 448 19.94 29.65 -9.79
C PHE C 448 21.11 29.09 -9.00
N MET C 449 21.75 29.97 -8.25
CA MET C 449 22.85 29.62 -7.35
C MET C 449 22.56 30.21 -5.99
N LEU C 450 22.70 29.39 -4.94
CA LEU C 450 22.42 29.80 -3.57
C LEU C 450 23.66 29.56 -2.71
N PRO C 451 24.26 30.60 -2.12
CA PRO C 451 25.40 30.38 -1.22
C PRO C 451 24.94 29.93 0.16
N TYR C 452 25.92 29.58 0.97
CA TYR C 452 25.67 29.05 2.32
C TYR C 452 26.83 29.48 3.22
N ARG C 453 26.93 28.83 4.38
CA ARG C 453 27.78 29.28 5.47
C ARG C 453 29.27 29.34 5.16
N ALA C 454 29.90 28.18 4.93
CA ALA C 454 31.36 28.09 4.90
C ALA C 454 31.81 27.54 3.56
N GLY C 455 31.98 28.42 2.59
CA GLY C 455 32.50 28.02 1.29
C GLY C 455 31.67 26.98 0.58
N GLN C 456 30.35 27.09 0.67
CA GLN C 456 29.45 26.16 0.01
C GLN C 456 28.47 26.93 -0.87
N PHE C 457 28.00 26.25 -1.93
CA PHE C 457 26.98 26.82 -2.79
C PHE C 457 26.26 25.68 -3.49
N PHE C 458 25.00 25.94 -3.83
CA PHE C 458 24.15 24.99 -4.54
C PHE C 458 23.74 25.59 -5.88
N VAL C 459 23.91 24.81 -6.94
CA VAL C 459 23.57 25.23 -8.30
C VAL C 459 22.44 24.33 -8.80
N GLY C 460 21.36 24.95 -9.29
CA GLY C 460 20.23 24.18 -9.76
C GLY C 460 19.47 24.92 -10.83
N ALA C 461 18.38 24.29 -11.28
CA ALA C 461 17.51 24.86 -12.30
C ALA C 461 16.07 24.53 -11.99
N THR C 462 15.17 25.48 -12.25
CA THR C 462 13.74 25.30 -12.05
C THR C 462 13.03 25.30 -13.39
N LEU C 463 12.03 24.43 -13.51
CA LEU C 463 11.35 24.17 -14.77
C LEU C 463 9.84 24.32 -14.61
N ASN C 464 9.20 24.86 -15.65
CA ASN C 464 7.76 24.94 -15.73
C ASN C 464 7.31 24.33 -17.04
N MET C 465 6.12 23.73 -17.04
CA MET C 465 5.57 23.09 -18.22
C MET C 465 4.14 23.55 -18.44
N TYR C 466 3.77 23.83 -19.68
CA TYR C 466 2.43 24.30 -19.99
C TYR C 466 2.04 23.84 -21.38
N PRO C 467 0.75 23.83 -21.70
CA PRO C 467 0.31 23.39 -23.04
C PRO C 467 0.80 24.33 -24.13
N GLY C 468 0.78 23.79 -25.35
CA GLY C 468 1.30 24.52 -26.50
C GLY C 468 0.29 25.48 -27.07
N PRO C 469 0.68 26.12 -28.18
CA PRO C 469 -0.16 27.17 -28.77
C PRO C 469 -1.53 26.69 -29.22
N LYS C 470 -1.64 25.44 -29.69
CA LYS C 470 -2.90 24.96 -30.24
C LYS C 470 -3.94 24.67 -29.18
N GLY C 471 -3.55 24.47 -27.93
CA GLY C 471 -4.46 24.31 -26.83
C GLY C 471 -4.72 25.63 -26.13
N ASP C 472 -5.16 25.54 -24.88
CA ASP C 472 -5.38 26.70 -24.04
C ASP C 472 -4.59 26.54 -22.74
N ARG C 473 -4.00 27.64 -22.27
CA ARG C 473 -3.15 27.60 -21.10
C ARG C 473 -3.88 27.95 -19.81
N GLN C 474 -5.03 28.63 -19.89
CA GLN C 474 -5.77 28.98 -18.69
C GLN C 474 -6.33 27.75 -18.01
N ASN C 475 -6.92 26.84 -18.77
CA ASN C 475 -7.58 25.65 -18.21
C ASN C 475 -6.70 24.41 -18.24
N TYR C 476 -5.50 24.50 -18.81
CA TYR C 476 -4.55 23.39 -18.86
C TYR C 476 -5.17 22.17 -19.57
N GLU C 477 -5.56 22.39 -20.82
CA GLU C 477 -6.16 21.35 -21.64
C GLU C 477 -5.55 21.40 -23.04
N GLY C 478 -5.58 20.26 -23.73
CA GLY C 478 -5.05 20.19 -25.08
C GLY C 478 -3.57 19.91 -25.14
N LEU C 479 -3.15 18.78 -24.54
CA LEU C 479 -1.74 18.47 -24.37
C LEU C 479 -1.23 17.37 -25.30
N GLY C 480 -2.01 16.96 -26.30
CA GLY C 480 -1.58 15.87 -27.15
C GLY C 480 -2.33 15.83 -28.46
N GLN C 481 -1.72 15.13 -29.43
CA GLN C 481 -2.32 15.00 -30.75
C GLN C 481 -1.91 13.66 -31.35
N ILE C 482 -2.62 13.28 -32.41
CA ILE C 482 -2.38 12.03 -33.13
C ILE C 482 -2.27 12.35 -34.61
N LYS C 483 -1.28 11.74 -35.27
CA LYS C 483 -0.90 12.11 -36.62
C LYS C 483 -0.64 10.89 -37.49
N ALA C 484 -0.83 11.08 -38.80
CA ALA C 484 -0.46 10.13 -39.84
C ALA C 484 0.59 10.77 -40.73
N TYR C 485 1.65 10.03 -41.02
CA TYR C 485 2.87 10.59 -41.60
C TYR C 485 3.36 9.72 -42.75
N ASN C 486 3.97 10.36 -43.74
CA ASN C 486 4.63 9.68 -44.84
C ASN C 486 6.12 9.99 -44.81
N ALA C 487 6.94 8.95 -44.81
CA ALA C 487 8.37 9.13 -44.53
C ALA C 487 9.10 9.80 -45.69
N ILE C 488 8.80 9.39 -46.93
CA ILE C 488 9.59 9.85 -48.06
C ILE C 488 9.23 11.30 -48.41
N THR C 489 7.95 11.57 -48.67
CA THR C 489 7.55 12.91 -49.08
C THR C 489 7.56 13.89 -47.90
N GLY C 490 7.09 13.45 -46.74
CA GLY C 490 7.06 14.28 -45.56
C GLY C 490 5.74 14.95 -45.24
N ASP C 491 4.66 14.58 -45.91
CA ASP C 491 3.37 15.19 -45.68
C ASP C 491 2.60 14.48 -44.57
N TYR C 492 1.62 15.19 -44.03
CA TYR C 492 0.71 14.65 -43.02
C TYR C 492 -0.67 14.54 -43.64
N LYS C 493 -1.24 13.34 -43.63
CA LYS C 493 -2.56 13.14 -44.23
C LYS C 493 -3.67 13.72 -43.37
N TRP C 494 -3.60 13.52 -42.05
CA TRP C 494 -4.57 14.12 -41.15
C TRP C 494 -3.93 14.37 -39.78
N GLU C 495 -4.61 15.19 -38.99
CA GLU C 495 -4.11 15.69 -37.72
C GLU C 495 -5.28 15.81 -36.76
N LYS C 496 -5.17 15.24 -35.55
CA LYS C 496 -6.27 15.36 -34.60
C LYS C 496 -5.75 15.69 -33.22
N MET C 497 -6.54 16.43 -32.45
CA MET C 497 -6.20 16.87 -31.11
C MET C 497 -6.84 15.97 -30.05
N GLU C 498 -6.30 16.05 -28.84
CA GLU C 498 -6.82 15.29 -27.71
C GLU C 498 -6.71 16.13 -26.45
N ARG C 499 -7.53 15.78 -25.46
CA ARG C 499 -7.55 16.54 -24.21
C ARG C 499 -6.24 16.39 -23.45
N PHE C 500 -5.74 15.16 -23.33
CA PHE C 500 -4.50 14.88 -22.62
C PHE C 500 -3.52 14.19 -23.57
N ALA C 501 -2.27 14.11 -23.12
CA ALA C 501 -1.20 13.61 -23.96
C ALA C 501 -1.38 12.13 -24.24
N VAL C 502 -1.17 11.73 -25.50
CA VAL C 502 -1.22 10.34 -25.88
C VAL C 502 0.04 9.65 -25.39
N TRP C 503 -0.12 8.44 -24.85
CA TRP C 503 0.95 7.80 -24.09
C TRP C 503 0.73 6.29 -24.16
N GLY C 504 1.59 5.59 -24.88
CA GLY C 504 1.47 4.14 -24.96
C GLY C 504 1.57 3.57 -26.36
N GLY C 505 1.04 4.27 -27.36
CA GLY C 505 1.18 3.84 -28.73
C GLY C 505 -0.16 3.61 -29.40
N THR C 506 -0.10 3.08 -30.61
CA THR C 506 -1.27 2.85 -31.46
C THR C 506 -1.16 1.47 -32.10
N MET C 507 -2.29 0.98 -32.62
CA MET C 507 -2.32 -0.30 -33.32
C MET C 507 -3.23 -0.19 -34.53
N ALA C 508 -2.71 -0.48 -35.71
CA ALA C 508 -3.45 -0.35 -36.95
C ALA C 508 -3.87 -1.72 -37.46
N THR C 509 -5.04 -1.77 -38.12
CA THR C 509 -5.56 -3.02 -38.65
C THR C 509 -5.89 -2.85 -40.13
N ALA C 510 -6.12 -3.99 -40.78
CA ALA C 510 -6.46 -4.01 -42.20
C ALA C 510 -7.94 -3.79 -42.47
N GLY C 511 -8.74 -3.60 -41.42
CA GLY C 511 -10.14 -3.26 -41.59
C GLY C 511 -10.35 -1.76 -41.59
N ASP C 512 -9.26 -1.04 -41.88
CA ASP C 512 -9.27 0.42 -41.98
C ASP C 512 -9.60 1.06 -40.62
N LEU C 513 -8.81 0.69 -39.61
CA LEU C 513 -9.01 1.20 -38.26
C LEU C 513 -7.66 1.40 -37.57
N VAL C 514 -7.62 2.40 -36.71
CA VAL C 514 -6.49 2.68 -35.84
C VAL C 514 -7.01 2.77 -34.41
N PHE C 515 -6.49 1.93 -33.52
CA PHE C 515 -6.91 1.86 -32.13
C PHE C 515 -5.86 2.52 -31.24
N TYR C 516 -6.32 3.26 -30.24
CA TYR C 516 -5.40 3.80 -29.24
C TYR C 516 -6.14 4.09 -27.94
N GLY C 517 -5.37 4.12 -26.85
CA GLY C 517 -5.91 4.42 -25.53
C GLY C 517 -5.52 5.79 -25.03
N THR C 518 -6.29 6.32 -24.08
CA THR C 518 -6.12 7.69 -23.60
C THR C 518 -6.01 7.70 -22.09
N LEU C 519 -5.25 8.66 -21.56
CA LEU C 519 -5.10 8.82 -20.12
C LEU C 519 -6.40 9.19 -19.41
N ASP C 520 -7.41 9.64 -20.15
CA ASP C 520 -8.72 9.91 -19.56
C ASP C 520 -9.47 8.65 -19.16
N GLY C 521 -9.00 7.48 -19.59
CA GLY C 521 -9.73 6.24 -19.33
C GLY C 521 -10.63 5.87 -20.49
N TYR C 522 -10.12 5.99 -21.71
CA TYR C 522 -10.89 5.72 -22.91
C TYR C 522 -10.08 4.86 -23.86
N LEU C 523 -10.78 4.00 -24.60
CA LEU C 523 -10.24 3.31 -25.75
C LEU C 523 -11.00 3.76 -26.99
N LYS C 524 -10.28 4.24 -28.01
CA LYS C 524 -10.89 4.85 -29.17
C LYS C 524 -10.39 4.20 -30.44
N ALA C 525 -11.26 4.19 -31.46
CA ALA C 525 -10.93 3.70 -32.79
C ALA C 525 -11.26 4.78 -33.81
N ARG C 526 -10.33 5.04 -34.72
CA ARG C 526 -10.49 6.05 -35.75
C ARG C 526 -10.29 5.46 -37.14
N ASP C 527 -10.86 6.13 -38.12
CA ASP C 527 -10.70 5.73 -39.52
C ASP C 527 -9.28 6.01 -40.00
N SER C 528 -8.79 5.14 -40.87
CA SER C 528 -7.41 5.20 -41.33
C SER C 528 -7.21 6.09 -42.55
N ASP C 529 -8.28 6.66 -43.11
CA ASP C 529 -8.18 7.51 -44.29
C ASP C 529 -8.38 8.99 -43.96
N THR C 530 -9.49 9.32 -43.31
CA THR C 530 -9.82 10.70 -42.98
C THR C 530 -9.54 11.05 -41.53
N GLY C 531 -9.79 10.13 -40.60
CA GLY C 531 -9.53 10.37 -39.19
C GLY C 531 -10.76 10.59 -38.33
N ASP C 532 -11.96 10.37 -38.86
CA ASP C 532 -13.17 10.56 -38.08
C ASP C 532 -13.25 9.53 -36.95
N LEU C 533 -13.68 9.99 -35.78
CA LEU C 533 -13.85 9.11 -34.63
C LEU C 533 -15.12 8.29 -34.80
N LEU C 534 -15.00 6.97 -34.65
CA LEU C 534 -16.11 6.06 -34.88
C LEU C 534 -16.58 5.33 -33.63
N TRP C 535 -15.69 5.05 -32.68
CA TRP C 535 -16.07 4.25 -31.53
C TRP C 535 -15.19 4.62 -30.35
N LYS C 536 -15.81 4.70 -29.17
CA LYS C 536 -15.14 5.07 -27.94
C LYS C 536 -15.77 4.31 -26.77
N PHE C 537 -14.94 3.80 -25.87
CA PHE C 537 -15.42 3.10 -24.69
C PHE C 537 -14.66 3.57 -23.47
N LYS C 538 -15.30 3.45 -22.30
CA LYS C 538 -14.77 3.95 -21.04
C LYS C 538 -14.23 2.78 -20.22
N ILE C 539 -12.92 2.72 -20.05
CA ILE C 539 -12.26 1.69 -19.27
C ILE C 539 -12.07 2.19 -17.85
N PRO C 540 -11.85 1.32 -16.85
CA PRO C 540 -11.82 1.80 -15.45
C PRO C 540 -10.78 2.88 -15.18
N SER C 541 -9.61 2.80 -15.80
CA SER C 541 -8.54 3.77 -15.54
C SER C 541 -7.80 4.04 -16.85
N GLY C 542 -6.87 4.99 -16.81
CA GLY C 542 -6.14 5.35 -18.00
C GLY C 542 -5.19 4.26 -18.44
N ALA C 543 -4.76 4.34 -19.70
CA ALA C 543 -3.91 3.34 -20.32
C ALA C 543 -2.61 3.99 -20.76
N ILE C 544 -1.49 3.32 -20.46
CA ILE C 544 -0.19 3.78 -20.92
C ILE C 544 0.48 2.64 -21.68
N GLY C 545 -0.32 1.74 -22.23
CA GLY C 545 0.18 0.67 -23.08
C GLY C 545 -0.39 0.76 -24.48
N TYR C 546 -0.31 -0.34 -25.25
CA TYR C 546 -0.86 -0.35 -26.59
C TYR C 546 -1.73 -1.57 -26.79
N PRO C 547 -2.79 -1.45 -27.59
CA PRO C 547 -3.73 -2.56 -27.75
C PRO C 547 -3.15 -3.69 -28.60
N MET C 548 -3.72 -4.88 -28.42
CA MET C 548 -3.32 -6.02 -29.23
C MET C 548 -4.56 -6.77 -29.70
N THR C 549 -4.43 -7.50 -30.79
CA THR C 549 -5.54 -8.21 -31.39
C THR C 549 -5.14 -9.65 -31.71
N TYR C 550 -6.12 -10.54 -31.68
CA TYR C 550 -5.90 -11.95 -32.01
C TYR C 550 -7.23 -12.60 -32.36
N THR C 551 -7.17 -13.88 -32.70
CA THR C 551 -8.37 -14.67 -32.98
C THR C 551 -8.21 -16.07 -32.41
N HIS C 552 -9.27 -16.58 -31.77
CA HIS C 552 -9.23 -17.88 -31.13
C HIS C 552 -9.99 -18.95 -31.90
N LYS C 553 -11.29 -18.76 -32.12
CA LYS C 553 -12.09 -19.68 -32.94
C LYS C 553 -13.04 -18.82 -33.79
N GLY C 554 -12.56 -18.41 -34.95
CA GLY C 554 -13.38 -17.60 -35.84
C GLY C 554 -13.90 -16.31 -35.26
N THR C 555 -13.26 -15.80 -34.21
CA THR C 555 -13.71 -14.58 -33.54
C THR C 555 -12.51 -13.73 -33.20
N GLN C 556 -12.60 -12.43 -33.49
CA GLN C 556 -11.51 -11.50 -33.25
C GLN C 556 -11.68 -10.82 -31.90
N TYR C 557 -10.60 -10.78 -31.12
CA TYR C 557 -10.59 -10.15 -29.80
C TYR C 557 -9.51 -9.07 -29.75
N VAL C 558 -9.82 -7.98 -29.07
CA VAL C 558 -8.91 -6.86 -28.89
C VAL C 558 -8.73 -6.63 -27.39
N ALA C 559 -7.49 -6.72 -26.92
CA ALA C 559 -7.20 -6.63 -25.50
C ALA C 559 -6.32 -5.41 -25.20
N ILE C 560 -6.54 -4.83 -24.01
CA ILE C 560 -5.78 -3.67 -23.57
C ILE C 560 -5.67 -3.64 -22.06
N TYR C 561 -4.53 -3.14 -21.57
CA TYR C 561 -4.29 -2.91 -20.15
C TYR C 561 -4.95 -1.61 -19.69
N TYR C 562 -5.01 -1.45 -18.36
CA TYR C 562 -5.41 -0.18 -17.77
C TYR C 562 -4.70 0.00 -16.43
N GLY C 563 -4.26 1.22 -16.18
CA GLY C 563 -3.46 1.58 -15.01
C GLY C 563 -2.60 2.80 -15.31
N VAL C 564 -2.50 3.71 -14.35
CA VAL C 564 -1.86 5.01 -14.56
C VAL C 564 -0.64 5.12 -13.68
N GLY C 565 0.47 5.58 -14.26
CA GLY C 565 1.69 5.77 -13.50
C GLY C 565 2.72 6.51 -14.32
N GLY C 566 3.95 6.51 -13.82
CA GLY C 566 5.03 7.18 -14.51
C GLY C 566 5.03 8.69 -14.28
N TRP C 567 5.64 9.39 -15.22
CA TRP C 567 5.70 10.86 -15.14
C TRP C 567 4.32 11.50 -15.14
N PRO C 568 3.39 11.17 -16.05
CA PRO C 568 2.09 11.87 -16.01
C PRO C 568 1.32 11.67 -14.72
N GLY C 569 1.48 10.52 -14.06
CA GLY C 569 0.71 10.24 -12.88
C GLY C 569 1.45 10.40 -11.57
N VAL C 570 2.59 11.10 -11.59
CA VAL C 570 3.40 11.21 -10.38
C VAL C 570 2.63 11.93 -9.28
N GLY C 571 1.96 13.02 -9.62
CA GLY C 571 1.19 13.75 -8.61
C GLY C 571 0.02 12.96 -8.09
N LEU C 572 -0.63 12.18 -8.95
CA LEU C 572 -1.76 11.36 -8.53
C LEU C 572 -1.29 10.15 -7.73
N VAL C 573 -0.16 9.54 -8.13
CA VAL C 573 0.30 8.33 -7.46
C VAL C 573 0.87 8.66 -6.09
N PHE C 574 1.76 9.66 -6.02
CA PHE C 574 2.46 9.95 -4.78
C PHE C 574 1.84 11.08 -3.97
N ASP C 575 0.70 11.61 -4.41
CA ASP C 575 -0.01 12.68 -3.71
C ASP C 575 0.90 13.91 -3.51
N LEU C 576 1.31 14.48 -4.64
CA LEU C 576 2.17 15.66 -4.65
C LEU C 576 1.38 16.84 -5.21
N ALA C 577 1.48 17.99 -4.52
CA ALA C 577 0.74 19.18 -4.91
C ALA C 577 1.63 20.35 -5.30
N ASP C 578 2.95 20.19 -5.27
CA ASP C 578 3.85 21.28 -5.62
C ASP C 578 4.07 21.31 -7.13
N PRO C 579 3.80 22.42 -7.81
CA PRO C 579 4.04 22.49 -9.25
C PRO C 579 5.47 22.14 -9.66
N THR C 580 6.45 22.56 -8.87
CA THR C 580 7.84 22.31 -9.24
C THR C 580 8.23 20.84 -9.05
N ALA C 581 7.52 20.12 -8.18
CA ALA C 581 7.84 18.73 -7.93
C ALA C 581 7.61 17.89 -9.18
N GLY C 582 8.47 16.89 -9.37
CA GLY C 582 8.39 16.08 -10.57
C GLY C 582 8.85 16.78 -11.83
N LEU C 583 9.72 17.79 -11.70
CA LEU C 583 10.21 18.56 -12.84
C LEU C 583 9.05 19.18 -13.63
N GLY C 584 8.06 19.71 -12.90
CA GLY C 584 6.93 20.35 -13.52
C GLY C 584 5.85 19.42 -14.02
N ALA C 585 5.98 18.11 -13.82
CA ALA C 585 4.95 17.18 -14.26
C ALA C 585 3.64 17.40 -13.51
N VAL C 586 3.72 17.71 -12.22
CA VAL C 586 2.52 17.93 -11.42
C VAL C 586 1.74 19.12 -11.95
N GLY C 587 2.43 20.21 -12.27
CA GLY C 587 1.75 21.40 -12.74
C GLY C 587 1.05 21.20 -14.07
N ALA C 588 1.73 20.56 -15.03
CA ALA C 588 1.14 20.36 -16.34
C ALA C 588 0.00 19.35 -16.31
N PHE C 589 0.02 18.43 -15.36
CA PHE C 589 -0.99 17.40 -15.22
C PHE C 589 -1.76 17.55 -13.92
N LYS C 590 -2.13 18.79 -13.58
CA LYS C 590 -2.83 19.05 -12.34
C LYS C 590 -4.32 18.72 -12.41
N LYS C 591 -4.87 18.54 -13.61
CA LYS C 591 -6.29 18.29 -13.78
C LYS C 591 -6.58 16.83 -14.12
N LEU C 592 -5.60 15.94 -13.99
CA LEU C 592 -5.85 14.53 -14.29
C LEU C 592 -6.68 13.87 -13.20
N ALA C 593 -6.61 14.37 -11.97
CA ALA C 593 -7.36 13.77 -10.87
C ALA C 593 -8.86 14.01 -10.96
N ASN C 594 -9.31 14.89 -11.85
CA ASN C 594 -10.72 15.14 -12.05
C ASN C 594 -11.37 14.17 -13.03
N TYR C 595 -10.60 13.23 -13.60
CA TYR C 595 -11.14 12.34 -14.61
C TYR C 595 -10.85 10.88 -14.31
N THR C 596 -9.73 10.59 -13.67
CA THR C 596 -9.31 9.20 -13.46
C THR C 596 -8.82 9.01 -12.02
N GLN C 597 -8.68 7.74 -11.65
CA GLN C 597 -8.05 7.34 -10.40
C GLN C 597 -7.10 6.19 -10.72
N MET C 598 -6.60 5.53 -9.69
CA MET C 598 -5.60 4.48 -9.86
C MET C 598 -6.26 3.12 -10.01
N GLY C 599 -5.49 2.18 -10.56
CA GLY C 599 -5.97 0.83 -10.76
C GLY C 599 -5.00 0.04 -11.60
N GLY C 600 -5.44 -1.16 -12.00
CA GLY C 600 -4.65 -2.00 -12.88
C GLY C 600 -5.33 -3.28 -13.29
N GLY C 601 -5.28 -3.61 -14.58
CA GLY C 601 -5.91 -4.83 -15.06
C GLY C 601 -5.93 -4.88 -16.57
N VAL C 602 -6.71 -5.82 -17.09
CA VAL C 602 -6.82 -6.05 -18.53
C VAL C 602 -8.29 -6.21 -18.91
N VAL C 603 -8.66 -5.72 -20.10
CA VAL C 603 -10.02 -5.80 -20.63
C VAL C 603 -9.95 -6.32 -22.06
N VAL C 604 -10.90 -7.19 -22.42
CA VAL C 604 -10.96 -7.80 -23.75
C VAL C 604 -12.30 -7.47 -24.39
N PHE C 605 -12.26 -7.03 -25.65
CA PHE C 605 -13.43 -6.66 -26.44
C PHE C 605 -13.61 -7.62 -27.62
N SER C 606 -14.87 -7.81 -27.99
CA SER C 606 -15.23 -8.65 -29.13
C SER C 606 -16.55 -8.15 -29.69
N LEU C 607 -16.87 -8.60 -30.91
CA LEU C 607 -18.09 -8.18 -31.57
C LEU C 607 -19.31 -8.75 -30.86
N ASP C 608 -20.29 -7.90 -30.57
CA ASP C 608 -21.54 -8.25 -29.90
C ASP C 608 -21.33 -8.87 -28.53
N GLY C 609 -20.13 -8.75 -27.96
CA GLY C 609 -19.88 -9.35 -26.67
C GLY C 609 -19.75 -10.85 -26.64
N LYS C 610 -19.63 -11.49 -27.80
CA LYS C 610 -19.50 -12.94 -27.86
C LYS C 610 -18.20 -13.38 -27.21
N GLY C 611 -18.30 -14.41 -26.38
CA GLY C 611 -17.15 -14.86 -25.63
C GLY C 611 -17.27 -16.30 -25.15
N PRO C 612 -16.31 -16.74 -24.33
CA PRO C 612 -16.31 -18.13 -23.87
C PRO C 612 -17.54 -18.53 -23.08
N TYR C 613 -18.11 -17.60 -22.31
CA TYR C 613 -19.20 -17.90 -21.40
C TYR C 613 -20.58 -17.62 -21.98
N ASP C 614 -20.73 -17.80 -23.30
CA ASP C 614 -22.06 -17.69 -23.90
C ASP C 614 -23.00 -18.76 -23.34
N ASP C 615 -22.51 -19.98 -23.16
CA ASP C 615 -23.24 -21.00 -22.44
C ASP C 615 -22.91 -20.85 -20.97
N PRO C 616 -23.86 -20.47 -20.12
CA PRO C 616 -23.52 -20.20 -18.71
C PRO C 616 -23.05 -21.41 -17.93
N ASN C 617 -23.34 -22.63 -18.41
CA ASN C 617 -22.97 -23.83 -17.68
C ASN C 617 -21.49 -24.17 -17.77
N VAL C 618 -20.73 -23.47 -18.62
CA VAL C 618 -19.30 -23.73 -18.76
C VAL C 618 -18.57 -23.05 -17.62
N GLY C 619 -17.74 -23.83 -16.92
CA GLY C 619 -16.94 -23.29 -15.83
C GLY C 619 -17.61 -23.24 -14.49
N GLU C 620 -18.67 -24.03 -14.29
CA GLU C 620 -19.40 -24.06 -13.03
C GLU C 620 -19.06 -25.33 -12.25
N TRP C 621 -19.18 -25.23 -10.93
CA TRP C 621 -18.93 -26.38 -10.07
C TRP C 621 -20.02 -27.42 -10.27
N LYS C 622 -19.62 -28.69 -10.26
CA LYS C 622 -20.56 -29.79 -10.43
C LYS C 622 -20.17 -30.99 -9.55
N GLY D 51 8.79 43.66 24.31
CA GLY D 51 10.21 43.58 24.07
C GLY D 51 10.72 42.16 23.96
N THR D 52 10.68 41.62 22.74
CA THR D 52 11.15 40.26 22.49
C THR D 52 11.99 40.25 21.21
N LEU D 53 12.88 39.28 21.13
CA LEU D 53 13.79 39.13 19.99
C LEU D 53 13.34 37.94 19.15
N ARG D 54 13.23 38.15 17.85
CA ARG D 54 12.80 37.12 16.91
C ARG D 54 14.01 36.56 16.18
N VAL D 55 14.19 35.25 16.23
CA VAL D 55 15.34 34.60 15.61
C VAL D 55 14.81 33.65 14.53
N CYS D 56 15.61 33.50 13.47
CA CYS D 56 15.26 32.64 12.34
C CYS D 56 15.86 31.27 12.60
N ALA D 57 15.00 30.26 12.79
CA ALA D 57 15.45 28.92 13.12
C ALA D 57 14.83 27.92 12.16
N ALA D 58 15.56 26.81 11.96
CA ALA D 58 15.09 25.76 11.07
C ALA D 58 15.65 24.43 11.55
N GLU D 59 15.02 23.34 11.12
CA GLU D 59 15.42 22.00 11.54
C GLU D 59 16.74 21.65 10.87
N GLN D 60 17.81 21.56 11.65
CA GLN D 60 19.13 21.27 11.11
C GLN D 60 20.02 20.72 12.21
N PRO D 61 20.00 19.41 12.47
CA PRO D 61 20.83 18.87 13.53
C PRO D 61 22.29 18.87 13.14
N PRO D 62 23.21 19.07 14.10
CA PRO D 62 22.93 19.32 15.51
C PRO D 62 22.87 20.80 15.86
N LEU D 63 22.62 21.66 14.88
CA LEU D 63 22.61 23.10 15.13
C LEU D 63 21.33 23.54 15.83
N SER D 64 20.18 23.37 15.17
CA SER D 64 18.90 23.81 15.72
C SER D 64 17.91 22.66 15.73
N MET D 65 17.29 22.43 16.89
CA MET D 65 16.24 21.44 17.04
C MET D 65 15.08 22.06 17.80
N LYS D 66 13.93 21.38 17.76
CA LYS D 66 12.76 21.86 18.51
C LYS D 66 13.01 21.84 20.01
N ASP D 67 13.64 20.78 20.51
CA ASP D 67 13.79 20.63 21.96
C ASP D 67 14.72 21.67 22.58
N GLY D 68 15.47 22.40 21.76
CA GLY D 68 16.33 23.45 22.27
C GLY D 68 17.65 22.98 22.84
N SER D 69 18.07 21.75 22.54
CA SER D 69 19.34 21.23 23.02
C SER D 69 20.50 21.51 22.08
N GLY D 70 20.27 22.22 20.97
CA GLY D 70 21.33 22.48 20.04
C GLY D 70 22.22 23.64 20.46
N LEU D 71 23.37 23.75 19.79
CA LEU D 71 24.29 24.86 20.04
C LEU D 71 23.67 26.18 19.66
N GLU D 72 22.95 26.22 18.52
CA GLU D 72 22.31 27.44 18.06
C GLU D 72 21.32 27.99 19.07
N ASN D 73 20.45 27.13 19.59
CA ASN D 73 19.43 27.60 20.52
C ASN D 73 20.05 28.14 21.81
N ARG D 74 21.06 27.43 22.34
CA ARG D 74 21.71 27.88 23.57
C ARG D 74 22.44 29.19 23.37
N ILE D 75 23.17 29.32 22.26
CA ILE D 75 23.92 30.55 22.01
C ILE D 75 22.99 31.71 21.72
N ALA D 76 21.78 31.43 21.22
CA ALA D 76 20.79 32.49 21.06
C ALA D 76 20.19 32.89 22.39
N THR D 77 19.87 31.92 23.24
CA THR D 77 19.24 32.23 24.52
C THR D 77 20.18 33.02 25.43
N THR D 78 21.48 32.68 25.41
CA THR D 78 22.42 33.40 26.26
C THR D 78 22.49 34.88 25.87
N VAL D 79 22.57 35.17 24.57
CA VAL D 79 22.62 36.56 24.13
C VAL D 79 21.30 37.27 24.40
N ALA D 80 20.18 36.55 24.23
CA ALA D 80 18.88 37.16 24.51
C ALA D 80 18.77 37.54 25.98
N GLU D 81 19.22 36.67 26.88
CA GLU D 81 19.22 37.02 28.29
C GLU D 81 20.19 38.16 28.58
N ALA D 82 21.33 38.20 27.88
CA ALA D 82 22.28 39.28 28.06
C ALA D 82 21.64 40.63 27.71
N MET D 83 20.86 40.67 26.63
CA MET D 83 20.13 41.89 26.29
C MET D 83 18.90 42.10 27.16
N GLY D 84 18.53 41.13 28.00
CA GLY D 84 17.39 41.26 28.88
C GLY D 84 16.05 41.06 28.21
N ARG D 85 16.02 40.69 26.94
CA ARG D 85 14.79 40.54 26.18
C ARG D 85 14.67 39.10 25.69
N LYS D 86 13.50 38.50 25.89
CA LYS D 86 13.32 37.07 25.63
C LYS D 86 13.34 36.79 24.14
N ALA D 87 13.89 35.63 23.77
CA ALA D 87 14.02 35.24 22.38
C ALA D 87 12.79 34.46 21.91
N GLN D 88 12.36 34.76 20.69
CA GLN D 88 11.25 34.07 20.05
C GLN D 88 11.77 33.30 18.84
N PHE D 89 11.36 32.04 18.73
CA PHE D 89 11.83 31.16 17.66
C PHE D 89 10.76 31.08 16.57
N VAL D 90 11.06 31.65 15.41
CA VAL D 90 10.20 31.55 14.25
C VAL D 90 10.64 30.33 13.45
N TRP D 91 9.73 29.37 13.29
CA TRP D 91 10.05 28.10 12.64
C TRP D 91 9.69 28.16 11.17
N LEU D 92 10.64 27.78 10.32
CA LEU D 92 10.43 27.69 8.88
C LEU D 92 10.82 26.28 8.43
N GLY D 93 9.95 25.66 7.63
CA GLY D 93 10.11 24.24 7.34
C GLY D 93 11.36 23.92 6.52
N LYS D 94 11.67 24.75 5.53
CA LYS D 94 12.77 24.48 4.63
C LYS D 94 14.10 24.54 5.38
N PRO D 95 15.15 23.88 4.85
CA PRO D 95 16.42 23.80 5.59
C PRO D 95 17.12 25.14 5.74
N ALA D 96 18.29 25.13 6.37
CA ALA D 96 18.96 26.36 6.77
C ALA D 96 19.39 27.22 5.59
N ILE D 97 19.68 26.62 4.44
CA ILE D 97 20.16 27.39 3.30
C ILE D 97 19.11 28.38 2.83
N TYR D 98 17.84 28.08 3.05
CA TYR D 98 16.75 28.97 2.67
C TYR D 98 16.38 29.96 3.77
N LEU D 99 17.12 29.99 4.87
CA LEU D 99 16.73 30.79 6.02
C LEU D 99 16.74 32.28 5.70
N VAL D 100 17.73 32.73 4.93
CA VAL D 100 17.88 34.17 4.71
C VAL D 100 16.82 34.66 3.74
N ARG D 101 16.88 34.18 2.49
CA ARG D 101 16.08 34.77 1.42
C ARG D 101 14.59 34.67 1.71
N ASP D 102 14.15 33.53 2.24
CA ASP D 102 12.75 33.34 2.58
C ASP D 102 12.40 33.75 4.01
N GLY D 103 13.39 34.13 4.82
CA GLY D 103 13.09 34.41 6.22
C GLY D 103 13.37 35.82 6.69
N LEU D 104 14.39 36.47 6.13
CA LEU D 104 14.81 37.78 6.60
C LEU D 104 14.23 38.92 5.76
N GLU D 105 14.25 38.79 4.45
CA GLU D 105 13.70 39.83 3.58
C GLU D 105 12.18 39.71 3.40
N LYS D 106 11.56 38.68 3.97
CA LYS D 106 10.10 38.54 3.94
C LYS D 106 9.43 39.20 5.14
N LYS D 107 10.19 39.84 6.01
CA LYS D 107 9.67 40.51 7.20
C LYS D 107 8.87 39.54 8.07
N THR D 108 9.56 38.47 8.49
CA THR D 108 9.02 37.51 9.43
C THR D 108 9.83 37.42 10.70
N CYS D 109 11.14 37.23 10.60
CA CYS D 109 12.04 37.20 11.73
C CYS D 109 13.04 38.34 11.61
N ASP D 110 13.73 38.63 12.72
CA ASP D 110 14.58 39.81 12.82
C ASP D 110 16.05 39.53 12.57
N VAL D 111 16.61 38.50 13.19
CA VAL D 111 18.04 38.25 13.14
C VAL D 111 18.31 36.78 12.89
N VAL D 112 19.36 36.51 12.10
CA VAL D 112 19.86 35.16 11.88
C VAL D 112 21.13 35.00 12.71
N ILE D 113 21.35 33.79 13.22
CA ILE D 113 22.31 33.56 14.29
C ILE D 113 23.67 33.15 13.75
N GLY D 114 23.69 32.45 12.62
CA GLY D 114 24.95 31.96 12.09
C GLY D 114 25.12 32.19 10.60
N LEU D 115 26.11 33.00 10.25
CA LEU D 115 26.45 33.27 8.86
C LEU D 115 27.93 33.65 8.80
N ASP D 116 28.50 33.52 7.61
CA ASP D 116 29.91 33.82 7.45
C ASP D 116 30.15 35.32 7.60
N ALA D 117 31.39 35.67 7.96
CA ALA D 117 31.76 37.06 8.04
C ALA D 117 31.70 37.71 6.65
N ASP D 118 31.65 39.04 6.65
CA ASP D 118 31.60 39.91 5.48
C ASP D 118 30.77 39.34 4.32
N ASP D 119 29.63 38.73 4.67
CA ASP D 119 28.72 38.22 3.65
C ASP D 119 28.09 39.39 2.88
N PRO D 120 28.00 39.31 1.55
CA PRO D 120 27.56 40.50 0.80
C PRO D 120 26.07 40.80 0.93
N ARG D 121 25.21 39.79 0.87
CA ARG D 121 23.78 40.04 0.72
C ARG D 121 23.13 40.60 1.98
N VAL D 122 23.64 40.24 3.17
CA VAL D 122 23.09 40.74 4.42
C VAL D 122 24.22 41.27 5.28
N LEU D 123 23.87 42.18 6.18
CA LEU D 123 24.86 42.82 7.03
C LEU D 123 25.36 41.84 8.09
N THR D 124 26.64 41.94 8.42
CA THR D 124 27.28 41.04 9.38
C THR D 124 27.73 41.81 10.60
N SER D 125 27.57 41.21 11.77
CA SER D 125 27.98 41.79 13.03
C SER D 125 29.41 41.37 13.36
N LYS D 126 29.83 41.61 14.59
CA LYS D 126 31.18 41.24 15.01
C LYS D 126 31.28 39.73 15.18
N PRO D 127 32.27 39.08 14.58
CA PRO D 127 32.41 37.63 14.73
C PRO D 127 32.76 37.26 16.16
N TYR D 128 32.35 36.05 16.55
CA TYR D 128 32.57 35.61 17.93
C TYR D 128 33.32 34.30 18.10
N TYR D 129 33.54 33.52 17.04
CA TYR D 129 34.39 32.34 17.17
C TYR D 129 34.88 31.90 15.80
N ARG D 130 36.00 31.18 15.81
CA ARG D 130 36.61 30.60 14.62
C ARG D 130 36.28 29.12 14.53
N SER D 131 36.53 28.55 13.36
CA SER D 131 36.30 27.14 13.09
C SER D 131 37.03 26.80 11.80
N GLY D 132 36.82 25.58 11.30
CA GLY D 132 37.45 25.16 10.07
C GLY D 132 37.15 23.70 9.80
N TYR D 133 37.60 23.26 8.62
CA TYR D 133 37.45 21.88 8.24
C TYR D 133 38.50 21.02 8.92
N VAL D 134 38.09 19.84 9.39
CA VAL D 134 38.97 18.93 10.10
C VAL D 134 38.88 17.55 9.47
N PHE D 135 40.00 16.82 9.53
CA PHE D 135 40.05 15.43 9.11
C PHE D 135 39.43 14.53 10.17
N LEU D 136 39.09 13.32 9.76
CA LEU D 136 38.45 12.37 10.66
C LEU D 136 38.95 10.97 10.32
N THR D 137 39.71 10.36 11.22
CA THR D 137 40.19 8.99 11.03
C THR D 137 40.00 8.25 12.35
N ARG D 138 40.52 7.03 12.40
CA ARG D 138 40.50 6.21 13.61
C ARG D 138 41.77 6.42 14.43
N ALA D 139 41.74 5.90 15.66
CA ALA D 139 42.93 5.82 16.48
C ALA D 139 43.72 4.57 16.12
N ASP D 140 44.99 4.57 16.54
CA ASP D 140 45.95 3.46 16.49
C ASP D 140 45.91 2.68 15.18
N LYS D 141 45.57 3.34 14.08
CA LYS D 141 45.67 2.77 12.75
C LYS D 141 46.94 3.15 12.02
N ASP D 142 47.80 3.97 12.65
CA ASP D 142 49.03 4.45 12.02
C ASP D 142 48.74 5.15 10.70
N LEU D 143 47.61 5.84 10.64
CA LEU D 143 47.19 6.62 9.47
C LEU D 143 46.99 8.05 9.94
N ASP D 144 48.07 8.82 9.94
CA ASP D 144 48.01 10.23 10.33
C ASP D 144 48.20 11.10 9.10
N ILE D 145 47.24 12.00 8.87
CA ILE D 145 47.25 12.87 7.70
C ILE D 145 47.33 14.31 8.19
N LYS D 146 48.30 15.05 7.65
CA LYS D 146 48.51 16.44 8.02
C LYS D 146 48.44 17.40 6.83
N SER D 147 48.15 16.90 5.63
CA SER D 147 48.10 17.75 4.45
C SER D 147 47.27 17.05 3.39
N TRP D 148 47.02 17.79 2.30
CA TRP D 148 46.25 17.27 1.19
C TRP D 148 47.13 16.78 0.04
N SER D 149 48.44 16.70 0.25
CA SER D 149 49.36 16.20 -0.76
C SER D 149 49.98 14.86 -0.37
N ASP D 150 49.51 14.25 0.70
CA ASP D 150 50.05 12.97 1.15
C ASP D 150 49.67 11.88 0.16
N PRO D 151 50.63 11.13 -0.39
CA PRO D 151 50.28 10.13 -1.42
C PRO D 151 49.32 9.06 -0.94
N ARG D 152 49.26 8.78 0.36
CA ARG D 152 48.36 7.75 0.86
C ARG D 152 46.90 8.05 0.56
N LEU D 153 46.58 9.31 0.26
CA LEU D 153 45.21 9.67 -0.10
C LEU D 153 44.79 9.06 -1.43
N LYS D 154 45.74 8.72 -2.29
CA LYS D 154 45.41 8.11 -3.57
C LYS D 154 45.21 6.60 -3.48
N GLU D 155 45.42 6.00 -2.31
CA GLU D 155 45.34 4.56 -2.15
C GLU D 155 44.24 4.08 -1.21
N VAL D 156 43.59 4.99 -0.48
CA VAL D 156 42.55 4.56 0.45
C VAL D 156 41.36 4.00 -0.31
N SER D 157 40.58 3.16 0.38
CA SER D 157 39.44 2.51 -0.27
C SER D 157 38.35 3.53 -0.62
N HIS D 158 37.98 4.37 0.34
CA HIS D 158 36.93 5.35 0.11
C HIS D 158 37.09 6.50 1.09
N MET D 159 36.56 7.65 0.71
CA MET D 159 36.49 8.82 1.59
C MET D 159 35.10 9.45 1.49
N VAL D 160 34.71 10.15 2.54
CA VAL D 160 33.40 10.78 2.62
C VAL D 160 33.58 12.30 2.71
N VAL D 161 32.92 13.02 1.81
CA VAL D 161 32.94 14.48 1.80
C VAL D 161 31.53 14.96 1.45
N GLY D 162 31.31 16.26 1.65
CA GLY D 162 30.03 16.86 1.37
C GLY D 162 29.87 17.24 -0.08
N PHE D 163 28.74 17.86 -0.39
CA PHE D 163 28.41 18.32 -1.72
C PHE D 163 28.59 19.82 -1.82
N GLY D 164 29.24 20.27 -2.90
CA GLY D 164 29.49 21.70 -3.07
C GLY D 164 30.38 22.29 -2.01
N THR D 165 31.46 21.61 -1.68
CA THR D 165 32.38 21.99 -0.61
C THR D 165 33.80 21.99 -1.15
N PRO D 166 34.73 22.67 -0.48
CA PRO D 166 36.13 22.64 -0.93
C PRO D 166 36.72 21.24 -1.00
N GLY D 167 36.26 20.33 -0.14
CA GLY D 167 36.76 18.96 -0.22
C GLY D 167 36.43 18.29 -1.54
N GLU D 168 35.23 18.54 -2.06
CA GLU D 168 34.86 17.98 -3.35
C GLU D 168 35.76 18.52 -4.46
N ALA D 169 36.05 19.81 -4.44
CA ALA D 169 36.95 20.39 -5.43
C ALA D 169 38.34 19.81 -5.31
N MET D 170 38.81 19.57 -4.07
CA MET D 170 40.13 18.98 -3.89
C MET D 170 40.16 17.54 -4.40
N LEU D 171 39.07 16.79 -4.23
CA LEU D 171 39.00 15.46 -4.82
C LEU D 171 39.03 15.54 -6.34
N LYS D 172 38.36 16.55 -6.91
CA LYS D 172 38.49 16.79 -8.36
C LYS D 172 39.94 17.01 -8.74
N ASP D 173 40.68 17.78 -7.93
CA ASP D 173 42.04 18.15 -8.30
C ASP D 173 42.98 16.94 -8.36
N ILE D 174 42.90 16.05 -7.38
CA ILE D 174 43.85 14.94 -7.29
C ILE D 174 43.33 13.72 -8.04
N GLY D 175 42.23 13.91 -8.78
CA GLY D 175 41.73 12.86 -9.66
C GLY D 175 41.23 11.62 -8.94
N ARG D 176 40.16 11.77 -8.15
CA ARG D 176 39.60 10.65 -7.43
C ARG D 176 38.08 10.61 -7.45
N TYR D 177 37.41 11.58 -8.09
CA TYR D 177 35.96 11.65 -8.02
C TYR D 177 35.30 10.44 -8.66
N GLU D 178 35.91 9.87 -9.70
CA GLU D 178 35.29 8.76 -10.42
C GLU D 178 35.18 7.51 -9.56
N GLU D 179 36.12 7.31 -8.63
CA GLU D 179 36.08 6.12 -7.79
C GLU D 179 35.08 6.24 -6.66
N ASP D 180 34.67 7.45 -6.29
CA ASP D 180 33.86 7.66 -5.09
C ASP D 180 32.50 8.28 -5.35
N MET D 181 32.19 8.68 -6.58
CA MET D 181 30.92 9.36 -6.83
C MET D 181 29.73 8.48 -6.47
N ALA D 182 29.80 7.20 -6.83
CA ALA D 182 28.72 6.27 -6.49
C ALA D 182 28.58 6.12 -4.97
N TYR D 183 29.70 6.04 -4.26
CA TYR D 183 29.64 5.92 -2.80
C TYR D 183 28.99 7.13 -2.16
N LEU D 184 29.38 8.33 -2.61
CA LEU D 184 28.76 9.55 -2.07
C LEU D 184 27.27 9.62 -2.40
N TYR D 185 26.89 9.28 -3.63
CA TYR D 185 25.45 9.27 -3.92
C TYR D 185 24.72 8.10 -3.28
N SER D 186 25.43 7.13 -2.71
CA SER D 186 24.79 6.05 -1.98
C SER D 186 24.68 6.32 -0.49
N LEU D 187 25.48 7.24 0.04
CA LEU D 187 25.35 7.58 1.47
C LEU D 187 23.96 8.11 1.77
N VAL D 188 23.42 8.96 0.90
CA VAL D 188 22.00 9.25 0.88
C VAL D 188 21.39 8.39 -0.21
N ASN D 189 20.08 8.23 -0.17
CA ASN D 189 19.41 7.50 -1.25
C ASN D 189 19.60 8.24 -2.56
N PHE D 190 19.57 7.49 -3.66
CA PHE D 190 19.91 8.06 -4.95
C PHE D 190 18.82 9.01 -5.43
N ARG D 191 18.65 10.12 -4.70
CA ARG D 191 17.60 11.11 -4.97
C ARG D 191 18.21 12.49 -4.80
N ALA D 192 18.69 13.05 -5.91
CA ALA D 192 19.28 14.39 -5.93
C ALA D 192 18.65 15.22 -7.05
N PRO D 193 17.42 15.67 -6.86
CA PRO D 193 16.79 16.50 -7.88
C PRO D 193 17.44 17.87 -7.97
N ARG D 194 17.30 18.49 -9.14
CA ARG D 194 17.86 19.81 -9.36
C ARG D 194 17.17 20.86 -8.49
N ASN D 195 15.85 20.74 -8.33
CA ASN D 195 15.09 21.80 -7.65
C ASN D 195 15.47 21.90 -6.17
N GLN D 196 15.56 20.76 -5.48
CA GLN D 196 15.75 20.76 -4.04
C GLN D 196 17.22 20.54 -3.69
N TYR D 197 17.54 20.83 -2.43
CA TYR D 197 18.91 20.80 -1.92
C TYR D 197 19.08 19.59 -1.02
N THR D 198 20.09 18.77 -1.33
CA THR D 198 20.37 17.54 -0.61
C THR D 198 21.79 17.55 -0.06
N GLN D 199 21.95 17.02 1.15
CA GLN D 199 23.26 16.99 1.80
C GLN D 199 23.30 15.81 2.76
N ILE D 200 24.50 15.28 2.99
CA ILE D 200 24.70 14.16 3.88
C ILE D 200 24.58 14.65 5.32
N ASP D 201 23.85 13.89 6.14
CA ASP D 201 23.72 14.24 7.54
C ASP D 201 25.06 14.11 8.26
N PRO D 202 25.39 15.05 9.15
CA PRO D 202 26.69 14.98 9.83
C PRO D 202 26.89 13.72 10.65
N ALA D 203 25.83 13.18 11.25
CA ALA D 203 25.97 11.94 12.02
C ALA D 203 26.30 10.77 11.12
N ARG D 204 25.82 10.80 9.87
CA ARG D 204 26.10 9.71 8.94
C ARG D 204 27.60 9.59 8.65
N MET D 205 28.28 10.72 8.51
CA MET D 205 29.71 10.69 8.23
C MET D 205 30.47 10.03 9.38
N VAL D 206 30.16 10.42 10.61
CA VAL D 206 30.84 9.85 11.78
C VAL D 206 30.52 8.37 11.89
N SER D 207 29.26 7.99 11.64
CA SER D 207 28.90 6.58 11.68
C SER D 207 29.67 5.77 10.64
N GLU D 208 29.81 6.31 9.43
CA GLU D 208 30.52 5.59 8.37
C GLU D 208 32.01 5.47 8.69
N VAL D 209 32.61 6.51 9.26
CA VAL D 209 34.01 6.41 9.64
C VAL D 209 34.19 5.41 10.78
N ALA D 210 33.23 5.33 11.70
CA ALA D 210 33.35 4.42 12.82
C ALA D 210 33.14 2.97 12.39
N THR D 211 32.21 2.72 11.46
CA THR D 211 31.94 1.35 11.04
C THR D 211 33.11 0.75 10.28
N GLY D 212 33.76 1.53 9.42
CA GLY D 212 34.86 1.05 8.61
C GLY D 212 34.62 1.11 7.12
N LYS D 213 33.46 1.60 6.66
CA LYS D 213 33.20 1.70 5.23
C LYS D 213 34.13 2.70 4.56
N ALA D 214 34.39 3.83 5.22
CA ALA D 214 35.31 4.83 4.71
C ALA D 214 36.46 5.02 5.69
N GLU D 215 37.64 5.33 5.15
CA GLU D 215 38.84 5.45 5.98
C GLU D 215 39.10 6.88 6.45
N VAL D 216 39.05 7.84 5.53
CA VAL D 216 39.38 9.23 5.83
C VAL D 216 38.17 10.10 5.52
N GLY D 217 37.81 10.98 6.45
CA GLY D 217 36.72 11.90 6.21
C GLY D 217 37.12 13.35 6.40
N VAL D 218 36.40 14.27 5.77
CA VAL D 218 36.61 15.71 5.94
C VAL D 218 35.28 16.33 6.34
N ALA D 219 35.27 17.07 7.43
CA ALA D 219 34.00 17.60 7.93
C ALA D 219 34.20 18.93 8.63
N PHE D 220 33.12 19.70 8.68
CA PHE D 220 33.11 20.97 9.41
C PHE D 220 33.03 20.71 10.90
N GLY D 221 33.73 21.53 11.68
CA GLY D 221 33.87 21.34 13.10
C GLY D 221 32.56 21.23 13.86
N PRO D 222 31.81 22.32 13.91
CA PRO D 222 30.59 22.34 14.74
C PRO D 222 29.57 21.28 14.37
N ASP D 223 29.53 20.82 13.12
CA ASP D 223 28.54 19.83 12.74
C ASP D 223 28.84 18.45 13.32
N VAL D 224 30.09 18.17 13.68
CA VAL D 224 30.50 16.85 14.14
C VAL D 224 31.12 16.86 15.53
N ALA D 225 31.26 18.04 16.15
CA ALA D 225 31.90 18.11 17.46
C ALA D 225 31.13 17.31 18.50
N ARG D 226 29.80 17.42 18.49
CA ARG D 226 28.99 16.67 19.45
C ARG D 226 29.12 15.17 19.24
N TYR D 227 29.10 14.73 17.96
CA TYR D 227 29.05 13.31 17.69
C TYR D 227 30.40 12.62 17.91
N VAL D 228 31.51 13.34 17.70
CA VAL D 228 32.82 12.70 17.84
C VAL D 228 33.11 12.35 19.29
N ARG D 229 32.78 13.23 20.23
CA ARG D 229 33.11 12.95 21.62
C ARG D 229 32.15 11.96 22.27
N ASP D 230 31.03 11.64 21.61
CA ASP D 230 30.12 10.59 22.08
C ASP D 230 30.31 9.27 21.35
N SER D 231 31.25 9.20 20.40
CA SER D 231 31.43 7.99 19.61
C SER D 231 32.03 6.87 20.45
N SER D 232 31.59 5.64 20.18
CA SER D 232 32.11 4.49 20.91
C SER D 232 33.59 4.28 20.61
N THR D 233 33.95 4.26 19.33
CA THR D 233 35.35 4.09 18.94
C THR D 233 36.06 5.44 18.95
N LYS D 234 37.26 5.46 19.51
CA LYS D 234 38.01 6.71 19.67
C LYS D 234 38.47 7.21 18.30
N LEU D 235 37.80 8.24 17.80
CA LEU D 235 38.17 8.84 16.53
C LEU D 235 39.23 9.92 16.75
N ARG D 236 39.87 10.34 15.67
CA ARG D 236 40.93 11.33 15.72
C ARG D 236 40.68 12.42 14.70
N MET D 237 40.84 13.67 15.13
CA MET D 237 40.74 14.85 14.30
C MET D 237 42.13 15.41 13.97
N THR D 238 42.15 16.35 13.04
CA THR D 238 43.33 17.13 12.69
C THR D 238 42.92 18.33 11.87
N PRO D 239 43.32 19.54 12.25
CA PRO D 239 43.00 20.72 11.43
C PRO D 239 43.68 20.66 10.08
N VAL D 240 42.98 21.19 9.07
CA VAL D 240 43.49 21.22 7.70
C VAL D 240 44.29 22.49 7.51
N PRO D 241 45.51 22.41 6.97
CA PRO D 241 46.33 23.62 6.81
C PRO D 241 45.65 24.64 5.89
N ASP D 242 45.86 25.92 6.22
CA ASP D 242 45.27 27.00 5.43
C ASP D 242 46.02 27.25 4.13
N ASP D 243 47.24 26.78 4.00
CA ASP D 243 48.03 26.96 2.78
C ASP D 243 47.86 25.75 1.86
N THR D 244 46.62 25.49 1.48
CA THR D 244 46.27 24.41 0.58
C THR D 244 46.13 24.97 -0.84
N GLN D 245 46.88 24.39 -1.78
CA GLN D 245 46.91 24.86 -3.16
C GLN D 245 46.47 23.74 -4.08
N ALA D 246 45.66 24.10 -5.08
CA ALA D 246 45.20 23.15 -6.08
C ALA D 246 46.28 22.94 -7.14
N SER D 247 45.99 22.04 -8.09
CA SER D 247 46.93 21.79 -9.18
C SER D 247 47.13 23.03 -10.03
N ASP D 248 46.05 23.74 -10.34
CA ASP D 248 46.17 24.98 -11.10
C ASP D 248 46.92 26.04 -10.30
N GLY D 249 46.65 26.13 -9.01
CA GLY D 249 47.32 27.08 -8.15
C GLY D 249 46.41 27.95 -7.32
N ARG D 250 45.12 27.97 -7.67
CA ARG D 250 44.17 28.80 -6.94
C ARG D 250 44.05 28.32 -5.50
N LYS D 251 44.01 29.27 -4.57
CA LYS D 251 43.99 28.96 -3.15
C LYS D 251 42.61 28.50 -2.71
N MET D 252 42.58 27.53 -1.81
CA MET D 252 41.34 27.00 -1.23
C MET D 252 41.35 27.23 0.27
N PRO D 253 40.65 28.24 0.77
CA PRO D 253 40.65 28.49 2.22
C PRO D 253 39.96 27.36 2.97
N GLN D 254 40.40 27.15 4.22
CA GLN D 254 39.87 26.08 5.05
C GLN D 254 39.40 26.55 6.42
N SER D 255 39.52 27.83 6.74
CA SER D 255 39.04 28.38 8.00
C SER D 255 38.14 29.57 7.73
N PHE D 256 37.16 29.78 8.61
CA PHE D 256 36.18 30.83 8.42
C PHE D 256 35.78 31.41 9.77
N ASP D 257 35.29 32.65 9.73
CA ASP D 257 34.78 33.32 10.91
C ASP D 257 33.26 33.13 10.99
N GLN D 258 32.72 33.33 12.19
CA GLN D 258 31.29 33.16 12.43
C GLN D 258 30.73 34.39 13.13
N ALA D 259 29.82 35.09 12.45
CA ALA D 259 29.22 36.31 12.96
C ALA D 259 27.72 36.27 12.71
N MET D 260 26.99 37.03 13.53
CA MET D 260 25.55 37.14 13.36
C MET D 260 25.21 37.99 12.15
N GLY D 261 24.03 37.76 11.60
CA GLY D 261 23.56 38.52 10.46
C GLY D 261 22.24 39.22 10.72
N VAL D 262 22.17 40.51 10.39
CA VAL D 262 20.98 41.31 10.60
C VAL D 262 20.55 41.91 9.26
N ARG D 263 19.39 42.53 9.26
CA ARG D 263 18.88 43.19 8.07
C ARG D 263 19.72 44.42 7.74
N LYS D 264 19.52 44.95 6.52
CA LYS D 264 20.35 46.05 6.06
C LYS D 264 20.14 47.31 6.89
N ASP D 265 18.90 47.62 7.24
CA ASP D 265 18.57 48.91 7.82
C ASP D 265 18.54 48.92 9.35
N ASP D 266 18.64 47.76 10.00
CA ASP D 266 18.53 47.68 11.46
C ASP D 266 19.88 47.99 12.10
N THR D 267 20.21 49.29 12.13
CA THR D 267 21.46 49.72 12.73
C THR D 267 21.38 49.71 14.26
N ALA D 268 20.23 50.08 14.82
CA ALA D 268 20.09 50.07 16.28
C ALA D 268 20.18 48.66 16.84
N LEU D 269 19.56 47.70 16.16
CA LEU D 269 19.67 46.32 16.58
C LEU D 269 21.10 45.82 16.45
N LYS D 270 21.83 46.30 15.43
CA LYS D 270 23.25 46.01 15.34
C LYS D 270 24.01 46.56 16.55
N ALA D 271 23.69 47.78 16.96
CA ALA D 271 24.35 48.37 18.13
C ALA D 271 24.07 47.54 19.37
N GLU D 272 22.82 47.12 19.56
CA GLU D 272 22.49 46.27 20.70
C GLU D 272 23.27 44.95 20.64
N ILE D 273 23.33 44.33 19.46
CA ILE D 273 23.95 43.03 19.33
C ILE D 273 25.46 43.12 19.60
N ASP D 274 26.13 44.08 18.98
CA ASP D 274 27.58 44.18 19.15
C ASP D 274 27.98 44.90 20.43
N ALA D 275 27.03 45.43 21.18
CA ALA D 275 27.32 45.90 22.53
C ALA D 275 27.06 44.84 23.58
N ALA D 276 26.16 43.89 23.31
CA ALA D 276 25.88 42.81 24.26
C ALA D 276 26.76 41.58 24.04
N LEU D 277 27.51 41.53 22.95
CA LEU D 277 28.33 40.35 22.69
C LEU D 277 29.47 40.23 23.68
N GLU D 278 30.11 41.35 24.02
CA GLU D 278 31.23 41.31 24.97
C GLU D 278 30.75 41.11 26.40
N LYS D 279 29.47 41.36 26.69
CA LYS D 279 28.96 41.17 28.04
C LYS D 279 28.91 39.69 28.40
N ALA D 280 28.45 38.84 27.47
CA ALA D 280 28.28 37.42 27.71
C ALA D 280 29.36 36.58 27.05
N LYS D 281 30.49 37.19 26.70
CA LYS D 281 31.56 36.45 26.02
C LYS D 281 32.08 35.27 26.84
N PRO D 282 32.35 35.39 28.15
CA PRO D 282 32.76 34.19 28.90
C PRO D 282 31.75 33.06 28.84
N LYS D 283 30.46 33.38 28.88
CA LYS D 283 29.45 32.31 28.82
C LYS D 283 29.48 31.60 27.47
N ILE D 284 29.60 32.37 26.39
CA ILE D 284 29.67 31.78 25.05
C ILE D 284 30.90 30.90 24.92
N GLU D 285 32.05 31.38 25.42
CA GLU D 285 33.27 30.59 25.36
C GLU D 285 33.14 29.31 26.17
N ALA D 286 32.53 29.39 27.36
CA ALA D 286 32.37 28.20 28.19
C ALA D 286 31.47 27.18 27.53
N ILE D 287 30.35 27.64 26.95
CA ILE D 287 29.45 26.70 26.26
C ILE D 287 30.15 26.06 25.07
N LEU D 288 30.89 26.87 24.30
CA LEU D 288 31.57 26.34 23.13
C LEU D 288 32.63 25.32 23.51
N LYS D 289 33.37 25.58 24.59
CA LYS D 289 34.36 24.61 25.06
C LYS D 289 33.69 23.35 25.58
N GLU D 290 32.54 23.49 26.25
CA GLU D 290 31.83 22.31 26.75
C GLU D 290 31.34 21.44 25.60
N GLU D 291 30.86 22.06 24.53
CA GLU D 291 30.37 21.27 23.39
C GLU D 291 31.47 20.48 22.69
N GLY D 292 32.73 20.85 22.88
CA GLY D 292 33.83 20.14 22.26
C GLY D 292 34.21 20.62 20.87
N VAL D 293 33.84 21.84 20.50
CA VAL D 293 34.14 22.38 19.18
C VAL D 293 35.58 22.91 19.16
N PRO D 294 36.42 22.46 18.22
CA PRO D 294 37.76 23.04 18.11
C PRO D 294 37.68 24.49 17.69
N VAL D 295 38.36 25.36 18.43
CA VAL D 295 38.32 26.80 18.21
C VAL D 295 39.72 27.27 17.83
N LEU D 296 39.86 27.84 16.65
CA LEU D 296 41.12 28.43 16.25
C LEU D 296 41.25 29.84 16.82
N PRO D 297 42.48 30.31 17.05
CA PRO D 297 42.66 31.65 17.60
C PRO D 297 42.08 32.72 16.67
N VAL D 298 41.50 33.75 17.27
CA VAL D 298 40.95 34.89 16.53
C VAL D 298 42.08 35.84 16.18
N SER D 299 41.80 36.79 15.29
CA SER D 299 42.79 37.77 14.88
C SER D 299 43.10 38.73 16.02
#